data_3P5M
#
_entry.id   3P5M
#
_cell.length_a   102.730
_cell.length_b   105.180
_cell.length_c   130.980
_cell.angle_alpha   90.000
_cell.angle_beta   90.000
_cell.angle_gamma   90.000
#
_symmetry.space_group_name_H-M   'P 21 21 21'
#
loop_
_entity.id
_entity.type
_entity.pdbx_description
1 polymer 'Enoyl-CoA hydratase/isomerase'
2 non-polymer 1,2-ETHANEDIOL
3 water water
#
_entity_poly.entity_id   1
_entity_poly.type   'polypeptide(L)'
_entity_poly.pdbx_seq_one_letter_code
;GPGSMNGISVEHDGAVLRIRLDRPEKLNAVDTPMLEELSVHIRDAEADESVRAVLLTGAGRAFCSGGDLTGGDTAGAADA
ANRVVRAITSLPKPVIAGVHGAAVGFGCSLALACDLVVAAPASYFQLAFTRVGLMPDGGASALLPLLIGRARTSRMAMTA
EKISAATAFEWGMISHITSADEYESVLTDVLRSVSGGPTLAFGWTKRALAAATLAELEPVQAIEAEGQLALVETADFREG
ARAFRERRTPNFRGH
;
_entity_poly.pdbx_strand_id   A,B,C,D,E,F
#
# COMPACT_ATOMS: atom_id res chain seq x y z
N GLY A 3 -43.05 -11.80 -5.84
CA GLY A 3 -43.55 -12.49 -4.62
C GLY A 3 -42.96 -11.83 -3.35
N SER A 4 -42.45 -10.61 -3.49
CA SER A 4 -41.90 -9.94 -2.32
C SER A 4 -43.05 -9.38 -1.44
N MET A 5 -42.80 -9.23 -0.16
CA MET A 5 -43.75 -8.64 0.75
CA MET A 5 -43.74 -8.64 0.76
C MET A 5 -43.04 -7.53 1.50
N ASN A 6 -43.73 -6.41 1.63
CA ASN A 6 -43.19 -5.21 2.26
C ASN A 6 -41.78 -4.87 1.79
N GLY A 7 -41.51 -5.05 0.51
CA GLY A 7 -40.20 -4.72 -0.09
C GLY A 7 -39.05 -5.73 0.11
N ILE A 8 -39.36 -6.93 0.58
CA ILE A 8 -38.37 -7.97 0.80
C ILE A 8 -38.71 -9.23 0.02
N SER A 9 -37.81 -9.70 -0.83
CA SER A 9 -38.00 -11.07 -1.38
C SER A 9 -37.09 -12.08 -0.74
N VAL A 10 -37.61 -13.29 -0.63
CA VAL A 10 -36.90 -14.35 0.04
C VAL A 10 -37.06 -15.61 -0.79
N GLU A 11 -35.98 -16.37 -0.94
CA GLU A 11 -36.11 -17.74 -1.44
C GLU A 11 -35.08 -18.64 -0.81
N HIS A 12 -35.37 -19.95 -0.83
CA HIS A 12 -34.39 -20.94 -0.46
C HIS A 12 -33.61 -21.44 -1.71
N ASP A 13 -32.30 -21.48 -1.60
CA ASP A 13 -31.48 -22.11 -2.60
C ASP A 13 -30.64 -23.13 -1.88
N GLY A 14 -31.13 -24.37 -1.81
CA GLY A 14 -30.51 -25.39 -0.97
C GLY A 14 -30.48 -24.95 0.49
N ALA A 15 -29.29 -24.93 1.09
CA ALA A 15 -29.09 -24.50 2.49
C ALA A 15 -28.97 -22.98 2.71
N VAL A 16 -29.16 -22.18 1.67
CA VAL A 16 -29.07 -20.73 1.79
C VAL A 16 -30.46 -20.06 1.79
N LEU A 17 -30.71 -19.23 2.79
CA LEU A 17 -31.85 -18.34 2.76
C LEU A 17 -31.39 -17.05 2.07
N ARG A 18 -31.95 -16.75 0.90
CA ARG A 18 -31.59 -15.55 0.14
C ARG A 18 -32.56 -14.43 0.45
N ILE A 19 -32.08 -13.40 1.14
CA ILE A 19 -32.96 -12.30 1.53
C ILE A 19 -32.56 -11.13 0.67
N ARG A 20 -33.52 -10.59 -0.06
CA ARG A 20 -33.19 -9.58 -1.04
C ARG A 20 -34.06 -8.34 -0.85
N LEU A 21 -33.42 -7.20 -0.69
CA LEU A 21 -34.16 -5.93 -0.63
C LEU A 21 -34.66 -5.65 -2.05
N ASP A 22 -35.95 -5.41 -2.16
CA ASP A 22 -36.63 -5.48 -3.45
C ASP A 22 -37.43 -4.20 -3.73
N ARG A 23 -36.83 -3.04 -3.42
CA ARG A 23 -37.34 -1.73 -3.87
C ARG A 23 -36.29 -1.01 -4.76
N PRO A 24 -35.88 -1.66 -5.87
CA PRO A 24 -34.92 -0.91 -6.71
C PRO A 24 -35.53 0.40 -7.24
N GLU A 25 -36.85 0.43 -7.42
CA GLU A 25 -37.52 1.67 -7.84
C GLU A 25 -37.29 2.85 -6.89
N LYS A 26 -36.79 2.58 -5.69
CA LYS A 26 -36.40 3.61 -4.72
C LYS A 26 -34.97 3.43 -4.24
N LEU A 27 -34.14 2.78 -5.03
CA LEU A 27 -32.78 2.48 -4.67
C LEU A 27 -32.65 1.77 -3.33
N ASN A 28 -33.57 0.88 -3.05
CA ASN A 28 -33.59 0.12 -1.78
C ASN A 28 -33.42 0.96 -0.55
N ALA A 29 -34.02 2.15 -0.58
CA ALA A 29 -34.36 2.89 0.64
C ALA A 29 -35.36 2.05 1.42
N VAL A 30 -35.30 2.17 2.74
CA VAL A 30 -36.16 1.36 3.63
C VAL A 30 -37.14 2.24 4.43
N ASP A 31 -38.32 1.71 4.67
CA ASP A 31 -39.21 2.31 5.65
C ASP A 31 -39.46 1.27 6.75
N THR A 32 -40.35 1.62 7.67
CA THR A 32 -40.58 0.77 8.82
C THR A 32 -41.10 -0.61 8.48
N PRO A 33 -42.19 -0.71 7.69
CA PRO A 33 -42.65 -2.05 7.30
C PRO A 33 -41.54 -2.91 6.71
N MET A 34 -40.69 -2.33 5.86
CA MET A 34 -39.61 -3.07 5.19
C MET A 34 -38.57 -3.58 6.21
N LEU A 35 -38.23 -2.71 7.17
CA LEU A 35 -37.28 -3.06 8.22
C LEU A 35 -37.85 -4.14 9.16
N GLU A 36 -39.13 -4.03 9.49
CA GLU A 36 -39.82 -5.06 10.24
C GLU A 36 -39.88 -6.40 9.51
N GLU A 37 -40.14 -6.32 8.21
CA GLU A 37 -40.17 -7.50 7.37
C GLU A 37 -38.83 -8.24 7.40
N LEU A 38 -37.71 -7.51 7.30
CA LEU A 38 -36.38 -8.12 7.31
C LEU A 38 -36.17 -9.03 8.54
N SER A 39 -36.49 -8.51 9.71
CA SER A 39 -36.27 -9.24 10.97
C SER A 39 -37.08 -10.52 11.04
N VAL A 40 -38.28 -10.51 10.45
CA VAL A 40 -39.08 -11.74 10.35
C VAL A 40 -38.28 -12.89 9.72
N HIS A 41 -37.60 -12.61 8.60
CA HIS A 41 -36.85 -13.64 7.86
C HIS A 41 -35.53 -14.07 8.52
N ILE A 42 -34.91 -13.16 9.26
CA ILE A 42 -33.80 -13.51 10.16
C ILE A 42 -34.32 -14.46 11.22
N ARG A 43 -35.46 -14.15 11.80
CA ARG A 43 -36.05 -15.11 12.76
C ARG A 43 -36.43 -16.45 12.10
N ASP A 44 -36.95 -16.44 10.88
CA ASP A 44 -37.17 -17.72 10.17
C ASP A 44 -35.88 -18.53 10.05
N ALA A 45 -34.79 -17.82 9.66
CA ALA A 45 -33.45 -18.44 9.51
C ALA A 45 -33.01 -19.23 10.75
N GLU A 46 -33.29 -18.67 11.93
CA GLU A 46 -32.88 -19.34 13.17
C GLU A 46 -33.66 -20.64 13.37
N ALA A 47 -34.95 -20.61 13.01
CA ALA A 47 -35.89 -21.71 13.26
C ALA A 47 -35.83 -22.77 12.17
N ASP A 48 -35.25 -22.44 11.04
CA ASP A 48 -35.36 -23.32 9.90
C ASP A 48 -34.12 -24.23 9.84
N GLU A 49 -34.32 -25.48 10.20
CA GLU A 49 -33.22 -26.46 10.28
C GLU A 49 -32.48 -26.65 8.95
N SER A 50 -33.14 -26.36 7.83
CA SER A 50 -32.48 -26.51 6.53
C SER A 50 -31.55 -25.32 6.18
N VAL A 51 -31.73 -24.19 6.87
CA VAL A 51 -30.95 -22.98 6.60
C VAL A 51 -29.60 -23.07 7.31
N ARG A 52 -28.53 -23.03 6.52
CA ARG A 52 -27.16 -23.00 7.03
C ARG A 52 -26.42 -21.69 6.82
N ALA A 53 -27.00 -20.78 6.03
CA ALA A 53 -26.42 -19.43 5.83
C ALA A 53 -27.46 -18.52 5.26
N VAL A 54 -27.28 -17.23 5.48
CA VAL A 54 -28.21 -16.22 4.96
C VAL A 54 -27.44 -15.35 4.01
N LEU A 55 -27.99 -15.14 2.82
CA LEU A 55 -27.43 -14.17 1.88
C LEU A 55 -28.32 -12.92 1.98
N LEU A 56 -27.71 -11.76 2.21
CA LEU A 56 -28.43 -10.49 2.18
C LEU A 56 -27.91 -9.61 1.06
N THR A 57 -28.76 -9.27 0.10
CA THR A 57 -28.38 -8.35 -1.01
C THR A 57 -29.53 -7.38 -1.30
N GLY A 58 -29.28 -6.36 -2.12
CA GLY A 58 -30.36 -5.54 -2.72
C GLY A 58 -30.49 -5.86 -4.19
N ALA A 59 -31.72 -5.91 -4.69
CA ALA A 59 -31.97 -6.05 -6.12
C ALA A 59 -31.65 -4.72 -6.78
N GLY A 60 -30.94 -4.81 -7.90
CA GLY A 60 -30.68 -3.63 -8.70
C GLY A 60 -29.37 -2.92 -8.40
N ARG A 61 -29.36 -1.61 -8.52
CA ARG A 61 -28.09 -0.85 -8.43
C ARG A 61 -27.53 -0.64 -7.03
N ALA A 62 -28.39 -0.63 -6.02
CA ALA A 62 -27.94 -0.34 -4.65
C ALA A 62 -28.18 -1.49 -3.75
N PHE A 63 -27.24 -1.72 -2.84
CA PHE A 63 -27.51 -2.65 -1.76
C PHE A 63 -28.65 -2.08 -0.87
N CYS A 64 -28.48 -0.86 -0.38
CA CYS A 64 -29.47 -0.26 0.58
C CYS A 64 -29.13 1.21 0.75
N SER A 65 -30.04 2.11 0.40
CA SER A 65 -29.68 3.53 0.48
CA SER A 65 -29.72 3.54 0.47
C SER A 65 -30.17 4.21 1.77
N GLY A 66 -30.51 3.40 2.77
CA GLY A 66 -30.88 3.89 4.07
C GLY A 66 -32.32 4.38 4.16
N GLY A 67 -32.60 5.13 5.23
CA GLY A 67 -33.94 5.56 5.58
C GLY A 67 -34.51 6.50 4.54
N ASP A 68 -35.74 6.21 4.12
CA ASP A 68 -36.57 7.16 3.37
C ASP A 68 -36.72 8.33 4.35
N LEU A 69 -36.69 9.57 3.88
CA LEU A 69 -36.63 10.66 4.86
C LEU A 69 -37.79 11.64 4.72
N ASP A 73 -42.11 8.48 11.19
CA ASP A 73 -42.22 7.63 12.36
C ASP A 73 -40.79 7.33 12.84
N THR A 74 -40.20 8.34 13.48
CA THR A 74 -38.77 8.30 13.83
C THR A 74 -38.46 7.15 14.79
N ALA A 75 -39.19 7.09 15.91
CA ALA A 75 -38.97 6.06 16.95
C ALA A 75 -39.20 4.63 16.43
N GLY A 76 -40.21 4.45 15.58
CA GLY A 76 -40.57 3.13 15.03
C GLY A 76 -39.52 2.63 14.04
N ALA A 77 -39.09 3.52 13.14
CA ALA A 77 -38.02 3.24 12.20
C ALA A 77 -36.74 2.93 12.97
N ALA A 78 -36.42 3.76 13.96
CA ALA A 78 -35.23 3.57 14.78
C ALA A 78 -35.20 2.18 15.45
N ASP A 79 -36.30 1.83 16.11
CA ASP A 79 -36.44 0.55 16.78
C ASP A 79 -36.29 -0.61 15.77
N ALA A 80 -36.96 -0.49 14.62
CA ALA A 80 -36.89 -1.54 13.55
C ALA A 80 -35.48 -1.71 12.99
N ALA A 81 -34.83 -0.59 12.73
CA ALA A 81 -33.44 -0.62 12.29
C ALA A 81 -32.55 -1.27 13.38
N ASN A 82 -32.68 -0.84 14.62
CA ASN A 82 -31.89 -1.46 15.71
C ASN A 82 -32.12 -2.96 15.85
N ARG A 83 -33.38 -3.37 15.72
CA ARG A 83 -33.74 -4.79 15.82
C ARG A 83 -33.21 -5.65 14.67
N VAL A 84 -33.24 -5.15 13.43
CA VAL A 84 -32.62 -5.87 12.32
C VAL A 84 -31.15 -6.20 12.63
N VAL A 85 -30.39 -5.18 13.06
CA VAL A 85 -28.96 -5.36 13.38
C VAL A 85 -28.77 -6.34 14.55
N ARG A 86 -29.63 -6.25 15.56
CA ARG A 86 -29.54 -7.17 16.71
C ARG A 86 -29.89 -8.61 16.30
N ALA A 87 -30.88 -8.78 15.43
CA ALA A 87 -31.29 -10.08 14.89
C ALA A 87 -30.14 -10.75 14.11
N ILE A 88 -29.49 -9.96 13.25
CA ILE A 88 -28.42 -10.47 12.37
C ILE A 88 -27.23 -10.92 13.21
N THR A 89 -26.85 -10.10 14.20
CA THR A 89 -25.63 -10.37 14.95
C THR A 89 -25.81 -11.49 15.95
N SER A 90 -27.07 -11.70 16.38
CA SER A 90 -27.40 -12.78 17.33
CA SER A 90 -27.41 -12.78 17.34
C SER A 90 -27.80 -14.10 16.64
N LEU A 91 -28.04 -14.06 15.32
CA LEU A 91 -28.39 -15.29 14.59
C LEU A 91 -27.18 -16.24 14.61
N PRO A 92 -27.32 -17.46 15.17
CA PRO A 92 -26.15 -18.38 15.28
C PRO A 92 -25.83 -19.12 14.00
N LYS A 93 -25.91 -18.41 12.89
CA LYS A 93 -25.64 -18.95 11.56
C LYS A 93 -25.04 -17.79 10.81
N PRO A 94 -24.09 -18.06 9.88
CA PRO A 94 -23.45 -16.93 9.20
C PRO A 94 -24.38 -16.21 8.21
N VAL A 95 -24.25 -14.89 8.18
CA VAL A 95 -25.00 -14.04 7.32
C VAL A 95 -23.98 -13.30 6.40
N ILE A 96 -24.13 -13.44 5.10
CA ILE A 96 -23.18 -12.81 4.17
C ILE A 96 -23.93 -11.70 3.45
N ALA A 97 -23.35 -10.51 3.45
CA ALA A 97 -23.91 -9.38 2.70
C ALA A 97 -23.19 -9.34 1.34
N GLY A 98 -23.95 -9.42 0.26
CA GLY A 98 -23.35 -9.19 -1.07
C GLY A 98 -23.60 -7.73 -1.34
N VAL A 99 -22.58 -6.88 -1.22
CA VAL A 99 -22.75 -5.43 -1.40
C VAL A 99 -22.35 -4.96 -2.79
N HIS A 100 -23.37 -4.50 -3.52
CA HIS A 100 -23.22 -3.91 -4.85
C HIS A 100 -23.71 -2.47 -4.73
N GLY A 101 -23.02 -1.52 -5.32
CA GLY A 101 -23.48 -0.15 -5.29
C GLY A 101 -23.54 0.44 -3.89
N ALA A 102 -24.52 1.31 -3.65
CA ALA A 102 -24.59 2.14 -2.46
C ALA A 102 -24.95 1.33 -1.20
N ALA A 103 -24.16 1.52 -0.14
CA ALA A 103 -24.57 1.10 1.21
C ALA A 103 -24.47 2.38 2.02
N VAL A 104 -25.60 3.03 2.18
CA VAL A 104 -25.67 4.39 2.64
C VAL A 104 -26.58 4.50 3.83
N GLY A 105 -26.15 5.28 4.83
CA GLY A 105 -26.88 5.48 6.06
C GLY A 105 -27.09 4.15 6.76
N PHE A 106 -28.34 3.84 7.11
CA PHE A 106 -28.64 2.49 7.66
C PHE A 106 -28.18 1.35 6.72
N GLY A 107 -28.18 1.60 5.41
CA GLY A 107 -27.56 0.66 4.47
C GLY A 107 -26.14 0.21 4.86
N CYS A 108 -25.33 1.16 5.27
CA CYS A 108 -23.99 0.87 5.80
C CYS A 108 -24.04 -0.02 7.10
N SER A 109 -24.81 0.42 8.10
CA SER A 109 -25.00 -0.40 9.33
C SER A 109 -25.52 -1.82 9.02
N LEU A 110 -26.50 -1.93 8.11
CA LEU A 110 -26.99 -3.22 7.64
C LEU A 110 -25.87 -4.13 7.07
N ALA A 111 -25.06 -3.62 6.15
CA ALA A 111 -23.99 -4.48 5.63
C ALA A 111 -23.06 -4.88 6.77
N LEU A 112 -22.66 -3.89 7.59
CA LEU A 112 -21.60 -4.12 8.60
C LEU A 112 -22.08 -4.99 9.75
N ALA A 113 -23.41 -5.16 9.87
CA ALA A 113 -23.96 -6.11 10.86
C ALA A 113 -23.60 -7.56 10.50
N CYS A 114 -23.42 -7.84 9.20
CA CYS A 114 -23.24 -9.20 8.72
C CYS A 114 -21.85 -9.77 9.08
N ASP A 115 -21.72 -11.08 9.05
CA ASP A 115 -20.50 -11.73 9.46
C ASP A 115 -19.41 -11.57 8.41
N LEU A 116 -19.81 -11.59 7.13
CA LEU A 116 -18.89 -11.35 6.05
C LEU A 116 -19.63 -10.40 5.08
N VAL A 117 -18.86 -9.56 4.40
CA VAL A 117 -19.39 -8.66 3.39
C VAL A 117 -18.52 -8.88 2.17
N VAL A 118 -19.14 -9.17 1.05
CA VAL A 118 -18.42 -9.34 -0.19
C VAL A 118 -18.83 -8.14 -1.02
N ALA A 119 -17.88 -7.21 -1.25
CA ALA A 119 -18.21 -5.94 -1.88
C ALA A 119 -17.81 -5.93 -3.38
N ALA A 120 -18.70 -5.42 -4.22
CA ALA A 120 -18.41 -5.31 -5.65
C ALA A 120 -17.48 -4.07 -5.86
N PRO A 121 -16.66 -4.04 -6.97
CA PRO A 121 -15.67 -2.96 -7.10
C PRO A 121 -16.28 -1.55 -7.04
N ALA A 122 -17.53 -1.36 -7.48
CA ALA A 122 -18.09 0.00 -7.53
C ALA A 122 -18.97 0.30 -6.31
N SER A 123 -19.00 -0.61 -5.34
CA SER A 123 -19.80 -0.39 -4.15
C SER A 123 -19.10 0.66 -3.30
N TYR A 124 -19.88 1.27 -2.41
CA TYR A 124 -19.36 2.23 -1.47
C TYR A 124 -20.20 2.22 -0.21
N PHE A 125 -19.60 2.80 0.84
CA PHE A 125 -20.12 2.80 2.19
C PHE A 125 -20.09 4.22 2.72
N GLN A 126 -21.24 4.67 3.21
CA GLN A 126 -21.35 6.09 3.54
C GLN A 126 -22.35 6.35 4.63
N LEU A 127 -21.94 7.18 5.59
CA LEU A 127 -22.83 7.69 6.61
C LEU A 127 -23.31 9.05 6.16
N ALA A 128 -24.33 9.10 5.29
CA ALA A 128 -24.77 10.39 4.71
C ALA A 128 -25.64 11.21 5.70
N PHE A 129 -25.79 10.70 6.93
CA PHE A 129 -26.75 11.23 7.91
C PHE A 129 -26.64 12.72 8.15
N THR A 130 -25.41 13.19 8.34
CA THR A 130 -25.18 14.59 8.68
C THR A 130 -25.42 15.54 7.50
N ARG A 131 -25.56 15.01 6.29
CA ARG A 131 -25.94 15.86 5.13
C ARG A 131 -27.35 16.43 5.31
N VAL A 132 -28.19 15.73 6.06
CA VAL A 132 -29.56 16.15 6.30
C VAL A 132 -29.74 16.60 7.76
N GLY A 133 -28.64 16.68 8.51
CA GLY A 133 -28.69 17.13 9.91
C GLY A 133 -29.06 16.03 10.91
N LEU A 134 -28.87 14.77 10.49
CA LEU A 134 -29.14 13.59 11.34
C LEU A 134 -27.85 12.89 11.79
N MET A 135 -27.95 11.89 12.66
CA MET A 135 -26.80 11.23 13.22
C MET A 135 -26.81 9.76 12.77
N PRO A 136 -25.66 9.04 12.86
CA PRO A 136 -25.65 7.60 12.47
C PRO A 136 -26.70 6.80 13.22
N ASP A 137 -27.25 5.75 12.60
CA ASP A 137 -28.22 4.89 13.30
C ASP A 137 -27.95 3.40 13.14
N GLY A 138 -28.91 2.58 13.59
CA GLY A 138 -28.76 1.10 13.55
C GLY A 138 -27.65 0.48 14.43
N GLY A 139 -26.94 1.30 15.21
CA GLY A 139 -25.70 0.89 15.93
C GLY A 139 -24.39 1.15 15.17
N ALA A 140 -24.43 1.89 14.06
CA ALA A 140 -23.21 2.21 13.28
C ALA A 140 -22.10 2.75 14.18
N SER A 141 -22.47 3.54 15.20
CA SER A 141 -21.49 4.20 16.06
C SER A 141 -20.76 3.19 16.89
N ALA A 142 -21.39 2.06 17.15
CA ALA A 142 -20.78 0.98 17.86
C ALA A 142 -20.03 -0.01 16.92
N LEU A 143 -20.60 -0.28 15.75
CA LEU A 143 -20.03 -1.23 14.79
C LEU A 143 -18.76 -0.66 14.13
N LEU A 144 -18.81 0.58 13.63
CA LEU A 144 -17.63 1.09 12.91
C LEU A 144 -16.30 1.15 13.70
N PRO A 145 -16.32 1.61 14.98
CA PRO A 145 -14.98 1.70 15.61
C PRO A 145 -14.23 0.38 15.75
N LEU A 146 -14.94 -0.73 15.96
CA LEU A 146 -14.31 -2.05 16.09
C LEU A 146 -13.99 -2.67 14.72
N LEU A 147 -14.31 -1.93 13.68
CA LEU A 147 -13.85 -2.24 12.32
C LEU A 147 -12.65 -1.42 11.94
N ILE A 148 -12.80 -0.10 11.99
CA ILE A 148 -11.86 0.78 11.33
C ILE A 148 -11.22 1.77 12.27
N GLY A 149 -11.60 1.72 13.54
CA GLY A 149 -11.04 2.59 14.61
C GLY A 149 -11.89 3.85 14.78
N ARG A 150 -11.73 4.54 15.90
CA ARG A 150 -12.48 5.73 16.23
C ARG A 150 -12.24 6.92 15.26
N ALA A 151 -11.00 7.14 14.86
CA ALA A 151 -10.68 8.33 14.03
C ALA A 151 -11.36 8.27 12.65
N ARG A 152 -11.25 7.14 11.95
CA ARG A 152 -11.94 7.00 10.67
C ARG A 152 -13.45 6.98 10.81
N THR A 153 -13.92 6.50 11.98
CA THR A 153 -15.37 6.52 12.20
C THR A 153 -15.84 7.98 12.36
N SER A 154 -15.12 8.76 13.18
CA SER A 154 -15.43 10.18 13.35
CA SER A 154 -15.43 10.16 13.35
C SER A 154 -15.44 10.89 12.02
N ARG A 155 -14.42 10.65 11.18
CA ARG A 155 -14.41 11.28 9.89
C ARG A 155 -15.60 10.86 8.98
N MET A 156 -15.87 9.56 8.83
CA MET A 156 -17.06 9.12 8.06
C MET A 156 -18.33 9.83 8.49
N ALA A 157 -18.56 9.86 9.81
CA ALA A 157 -19.81 10.39 10.37
C ALA A 157 -19.89 11.91 10.22
N MET A 158 -18.77 12.60 10.42
CA MET A 158 -18.80 14.04 10.40
C MET A 158 -18.70 14.66 9.00
N THR A 159 -18.02 13.99 8.07
CA THR A 159 -17.87 14.54 6.73
C THR A 159 -18.83 13.92 5.73
N ALA A 160 -19.42 12.78 6.12
CA ALA A 160 -20.37 12.05 5.28
C ALA A 160 -19.80 11.68 3.88
N GLU A 161 -18.52 11.33 3.82
CA GLU A 161 -17.86 10.98 2.58
C GLU A 161 -18.13 9.55 2.15
N LYS A 162 -18.16 9.32 0.84
CA LYS A 162 -18.31 7.96 0.33
C LYS A 162 -16.99 7.24 0.54
N ILE A 163 -17.05 6.07 1.13
CA ILE A 163 -15.85 5.25 1.23
C ILE A 163 -15.98 4.15 0.17
N SER A 164 -15.04 4.09 -0.76
CA SER A 164 -15.04 3.08 -1.81
C SER A 164 -14.87 1.67 -1.22
N ALA A 165 -15.31 0.67 -1.98
CA ALA A 165 -15.06 -0.74 -1.63
C ALA A 165 -13.59 -0.98 -1.37
N ALA A 166 -12.71 -0.49 -2.24
CA ALA A 166 -11.27 -0.72 -2.07
C ALA A 166 -10.71 -0.17 -0.78
N THR A 167 -11.11 1.06 -0.45
CA THR A 167 -10.67 1.69 0.78
C THR A 167 -11.26 0.98 2.02
N ALA A 168 -12.55 0.71 1.98
CA ALA A 168 -13.22 0.00 3.06
C ALA A 168 -12.51 -1.34 3.33
N PHE A 169 -12.17 -2.07 2.27
CA PHE A 169 -11.36 -3.29 2.41
C PHE A 169 -9.99 -3.05 3.06
N GLU A 170 -9.27 -2.03 2.56
CA GLU A 170 -7.92 -1.71 3.11
C GLU A 170 -7.97 -1.31 4.59
N TRP A 171 -9.06 -0.69 4.99
CA TRP A 171 -9.23 -0.23 6.38
C TRP A 171 -9.64 -1.33 7.36
N GLY A 172 -10.07 -2.47 6.85
CA GLY A 172 -10.59 -3.53 7.72
C GLY A 172 -12.08 -3.44 7.94
N MET A 173 -12.80 -2.65 7.13
CA MET A 173 -14.25 -2.43 7.33
C MET A 173 -15.07 -3.65 6.92
N ILE A 174 -14.55 -4.36 5.92
CA ILE A 174 -15.27 -5.43 5.26
C ILE A 174 -14.32 -6.62 4.96
N SER A 175 -14.86 -7.84 4.99
CA SER A 175 -14.04 -9.02 4.89
C SER A 175 -13.51 -9.32 3.52
N HIS A 176 -14.28 -8.98 2.49
CA HIS A 176 -13.96 -9.37 1.12
C HIS A 176 -14.19 -8.27 0.10
N ILE A 177 -13.29 -8.23 -0.86
CA ILE A 177 -13.43 -7.33 -1.99
C ILE A 177 -13.37 -8.11 -3.30
N THR A 178 -14.04 -7.64 -4.34
CA THR A 178 -14.00 -8.33 -5.63
C THR A 178 -13.50 -7.35 -6.69
N SER A 179 -12.95 -7.88 -7.76
CA SER A 179 -12.51 -6.96 -8.82
C SER A 179 -12.95 -7.38 -10.19
N ALA A 180 -12.71 -6.53 -11.18
CA ALA A 180 -13.08 -6.79 -12.57
C ALA A 180 -14.57 -7.16 -12.60
N ASP A 181 -14.90 -8.20 -13.35
CA ASP A 181 -16.26 -8.71 -13.49
C ASP A 181 -16.55 -9.97 -12.63
N GLU A 182 -15.84 -10.10 -11.53
CA GLU A 182 -15.86 -11.31 -10.70
C GLU A 182 -16.79 -11.30 -9.49
N TYR A 183 -17.41 -10.16 -9.23
CA TYR A 183 -18.27 -10.01 -8.04
C TYR A 183 -19.23 -11.19 -7.80
N GLU A 184 -20.08 -11.49 -8.78
CA GLU A 184 -21.05 -12.63 -8.66
C GLU A 184 -20.42 -13.98 -8.39
N SER A 185 -19.31 -14.28 -9.07
CA SER A 185 -18.66 -15.56 -8.90
C SER A 185 -18.00 -15.75 -7.56
N VAL A 186 -17.36 -14.69 -7.04
CA VAL A 186 -16.75 -14.76 -5.71
C VAL A 186 -17.87 -14.86 -4.67
N LEU A 187 -18.87 -14.03 -4.80
CA LEU A 187 -19.99 -14.11 -3.88
C LEU A 187 -20.58 -15.55 -3.85
N THR A 188 -20.76 -16.11 -5.05
CA THR A 188 -21.24 -17.49 -5.17
C THR A 188 -20.29 -18.45 -4.49
N ASP A 189 -18.99 -18.29 -4.69
CA ASP A 189 -17.98 -19.15 -4.08
CA ASP A 189 -17.99 -19.16 -4.07
C ASP A 189 -18.01 -19.07 -2.54
N VAL A 190 -18.07 -17.85 -2.01
CA VAL A 190 -18.07 -17.66 -0.54
C VAL A 190 -19.31 -18.30 0.05
N LEU A 191 -20.45 -18.13 -0.62
CA LEU A 191 -21.74 -18.67 -0.18
CA LEU A 191 -21.73 -18.66 -0.15
C LEU A 191 -21.75 -20.18 -0.12
N ARG A 192 -21.28 -20.82 -1.20
CA ARG A 192 -21.21 -22.28 -1.33
C ARG A 192 -20.30 -22.84 -0.23
N SER A 193 -19.16 -22.22 -0.04
CA SER A 193 -18.23 -22.63 0.99
C SER A 193 -18.80 -22.51 2.43
N VAL A 194 -19.32 -21.34 2.79
CA VAL A 194 -19.82 -21.15 4.14
C VAL A 194 -21.11 -21.99 4.41
N SER A 195 -22.00 -22.09 3.42
CA SER A 195 -23.22 -22.88 3.58
C SER A 195 -22.99 -24.41 3.61
N GLY A 196 -21.83 -24.89 3.15
CA GLY A 196 -21.46 -26.31 3.28
C GLY A 196 -20.50 -26.53 4.45
N GLY A 197 -20.26 -25.45 5.22
CA GLY A 197 -19.35 -25.46 6.33
C GLY A 197 -19.98 -25.96 7.63
N PRO A 198 -19.20 -25.95 8.73
CA PRO A 198 -19.58 -26.45 10.04
C PRO A 198 -20.45 -25.44 10.80
N THR A 199 -21.71 -25.35 10.37
CA THR A 199 -22.67 -24.39 10.86
C THR A 199 -22.69 -24.19 12.38
N LEU A 200 -22.62 -25.28 13.14
CA LEU A 200 -22.63 -25.13 14.59
C LEU A 200 -21.35 -24.47 15.07
N ALA A 201 -20.21 -24.79 14.44
CA ALA A 201 -18.96 -24.14 14.86
C ALA A 201 -19.03 -22.65 14.52
N PHE A 202 -19.71 -22.31 13.41
CA PHE A 202 -19.89 -20.90 13.01
C PHE A 202 -20.78 -20.18 14.02
N GLY A 203 -21.84 -20.82 14.48
CA GLY A 203 -22.69 -20.14 15.50
C GLY A 203 -21.98 -19.79 16.80
N TRP A 204 -21.18 -20.74 17.30
CA TRP A 204 -20.34 -20.54 18.49
C TRP A 204 -19.27 -19.45 18.29
N THR A 205 -18.54 -19.57 17.19
CA THR A 205 -17.60 -18.51 16.81
C THR A 205 -18.28 -17.11 16.89
N LYS A 206 -19.46 -16.97 16.29
CA LYS A 206 -20.19 -15.68 16.24
C LYS A 206 -20.50 -15.21 17.65
N ARG A 207 -20.90 -16.16 18.49
CA ARG A 207 -21.24 -15.87 19.85
C ARG A 207 -20.04 -15.33 20.64
N ALA A 208 -18.88 -15.97 20.45
CA ALA A 208 -17.65 -15.55 21.13
C ALA A 208 -17.25 -14.17 20.64
N LEU A 209 -17.32 -13.98 19.32
CA LEU A 209 -16.95 -12.70 18.70
C LEU A 209 -17.94 -11.59 19.08
N ALA A 210 -19.23 -11.94 19.21
CA ALA A 210 -20.24 -10.95 19.59
C ALA A 210 -19.94 -10.43 21.00
N ALA A 211 -19.59 -11.33 21.93
CA ALA A 211 -19.25 -10.95 23.30
C ALA A 211 -17.97 -10.10 23.34
N ALA A 212 -17.08 -10.34 22.40
CA ALA A 212 -15.81 -9.60 22.35
C ALA A 212 -15.98 -8.19 21.79
N THR A 213 -16.98 -7.99 20.94
CA THR A 213 -17.06 -6.78 20.14
C THR A 213 -18.37 -6.00 20.28
N LEU A 214 -19.44 -6.64 20.73
CA LEU A 214 -20.74 -5.97 20.65
C LEU A 214 -21.32 -5.60 22.01
N ALA A 215 -20.51 -5.60 23.06
CA ALA A 215 -21.03 -5.29 24.39
C ALA A 215 -21.72 -3.91 24.45
N GLU A 216 -21.27 -2.95 23.63
CA GLU A 216 -21.85 -1.61 23.67
C GLU A 216 -22.94 -1.38 22.60
N LEU A 217 -23.25 -2.42 21.81
CA LEU A 217 -24.15 -2.26 20.66
C LEU A 217 -25.55 -1.72 21.09
N GLU A 218 -26.17 -2.41 22.03
CA GLU A 218 -27.46 -2.03 22.57
C GLU A 218 -27.48 -0.64 23.28
N PRO A 219 -26.55 -0.39 24.22
CA PRO A 219 -26.51 0.94 24.88
C PRO A 219 -26.33 2.06 23.84
N VAL A 220 -25.46 1.84 22.86
CA VAL A 220 -25.20 2.82 21.79
C VAL A 220 -26.42 3.02 20.91
N GLN A 221 -27.12 1.93 20.59
CA GLN A 221 -28.34 2.01 19.75
C GLN A 221 -29.40 2.84 20.51
N ALA A 222 -29.51 2.67 21.83
CA ALA A 222 -30.44 3.48 22.63
C ALA A 222 -30.08 5.00 22.53
N ILE A 223 -28.79 5.34 22.71
CA ILE A 223 -28.35 6.73 22.50
C ILE A 223 -28.68 7.29 21.13
N GLU A 224 -28.45 6.50 20.08
CA GLU A 224 -28.76 6.92 18.69
C GLU A 224 -30.24 7.15 18.47
N ALA A 225 -31.10 6.27 19.00
CA ALA A 225 -32.55 6.45 18.83
C ALA A 225 -32.98 7.72 19.56
N GLU A 226 -32.47 7.92 20.77
CA GLU A 226 -32.77 9.14 21.54
C GLU A 226 -32.32 10.38 20.79
N GLY A 227 -31.10 10.36 20.25
CA GLY A 227 -30.60 11.52 19.48
C GLY A 227 -31.34 11.83 18.19
N GLN A 228 -31.64 10.79 17.42
CA GLN A 228 -32.42 10.99 16.22
C GLN A 228 -33.77 11.62 16.53
N LEU A 229 -34.36 11.20 17.64
CA LEU A 229 -35.61 11.79 18.07
C LEU A 229 -35.42 13.28 18.42
N ALA A 230 -34.34 13.60 19.14
CA ALA A 230 -33.98 15.02 19.36
C ALA A 230 -33.75 15.74 18.02
N LEU A 231 -32.98 15.13 17.13
CA LEU A 231 -32.51 15.86 15.95
C LEU A 231 -33.61 16.11 14.89
N VAL A 232 -34.62 15.25 14.81
CA VAL A 232 -35.70 15.53 13.86
C VAL A 232 -36.50 16.76 14.30
N GLU A 233 -36.27 17.26 15.52
CA GLU A 233 -37.02 18.40 16.04
C GLU A 233 -36.28 19.69 15.74
N THR A 234 -35.07 19.59 15.19
CA THR A 234 -34.20 20.76 15.06
C THR A 234 -34.42 21.46 13.74
N ALA A 235 -34.04 22.73 13.72
CA ALA A 235 -34.18 23.54 12.53
C ALA A 235 -33.15 23.09 11.49
N ASP A 236 -32.03 22.57 11.95
CA ASP A 236 -31.06 22.04 11.04
C ASP A 236 -31.61 20.85 10.28
N PHE A 237 -32.38 19.96 10.92
CA PHE A 237 -32.99 18.81 10.20
C PHE A 237 -33.97 19.33 9.15
N ARG A 238 -34.80 20.31 9.54
CA ARG A 238 -35.76 20.95 8.65
C ARG A 238 -35.08 21.52 7.40
N GLU A 239 -34.05 22.33 7.60
CA GLU A 239 -33.23 22.79 6.49
C GLU A 239 -32.61 21.60 5.72
N GLY A 240 -32.05 20.62 6.41
CA GLY A 240 -31.43 19.45 5.76
C GLY A 240 -32.36 18.70 4.81
N ALA A 241 -33.53 18.33 5.32
CA ALA A 241 -34.56 17.67 4.52
C ALA A 241 -35.01 18.57 3.36
N ARG A 242 -35.26 19.84 3.67
CA ARG A 242 -35.68 20.81 2.65
C ARG A 242 -34.60 20.94 1.56
N ALA A 243 -33.34 21.13 1.99
CA ALA A 243 -32.21 21.28 1.07
C ALA A 243 -32.00 20.06 0.18
N PHE A 244 -32.29 18.86 0.74
CA PHE A 244 -32.20 17.57 0.05
C PHE A 244 -33.21 17.54 -1.09
N ARG A 245 -34.47 17.81 -0.75
CA ARG A 245 -35.58 17.80 -1.74
C ARG A 245 -35.44 18.88 -2.82
N GLU A 246 -34.93 20.04 -2.43
CA GLU A 246 -34.75 21.16 -3.36
C GLU A 246 -33.44 21.05 -4.15
N ARG A 247 -32.75 19.91 -4.02
CA ARG A 247 -31.48 19.62 -4.71
C ARG A 247 -30.53 20.82 -4.59
N ARG A 248 -30.14 21.13 -3.35
CA ARG A 248 -29.23 22.24 -3.04
C ARG A 248 -28.41 21.96 -1.77
N THR A 249 -27.56 22.91 -1.41
CA THR A 249 -26.70 22.75 -0.26
C THR A 249 -27.41 23.28 0.97
N PRO A 250 -27.46 22.46 2.04
CA PRO A 250 -28.08 22.95 3.28
C PRO A 250 -27.27 24.11 3.84
N ASN A 251 -27.94 25.00 4.59
CA ASN A 251 -27.28 26.06 5.36
C ASN A 251 -27.51 25.81 6.85
N PHE A 252 -26.67 24.97 7.44
CA PHE A 252 -26.87 24.57 8.84
C PHE A 252 -26.43 25.70 9.77
N ARG A 253 -27.05 25.78 10.94
CA ARG A 253 -26.78 26.84 11.91
C ARG A 253 -26.48 26.28 13.30
N GLY A 254 -26.58 24.96 13.47
CA GLY A 254 -26.36 24.35 14.76
C GLY A 254 -27.52 24.59 15.73
N HIS A 255 -28.74 24.58 15.21
CA HIS A 255 -29.95 24.65 16.06
C HIS A 255 -31.08 23.92 15.37
N SER B 4 -1.79 35.59 25.67
CA SER B 4 -1.91 34.23 26.28
C SER B 4 -1.87 34.29 27.82
N MET B 5 -2.64 33.42 28.47
CA MET B 5 -2.56 33.29 29.92
C MET B 5 -2.20 31.84 30.26
N ASN B 6 -1.16 31.67 31.08
CA ASN B 6 -0.62 30.35 31.45
C ASN B 6 -0.22 29.48 30.25
N GLY B 7 0.35 30.14 29.23
CA GLY B 7 0.80 29.47 28.03
C GLY B 7 -0.29 29.05 27.04
N ILE B 8 -1.48 29.63 27.15
CA ILE B 8 -2.59 29.34 26.21
C ILE B 8 -3.16 30.61 25.55
N SER B 9 -3.14 30.67 24.23
CA SER B 9 -3.81 31.75 23.47
C SER B 9 -5.18 31.28 23.06
N VAL B 10 -6.13 32.19 23.11
CA VAL B 10 -7.50 31.88 22.79
C VAL B 10 -8.05 33.03 21.98
N GLU B 11 -8.56 32.72 20.80
CA GLU B 11 -9.11 33.71 19.88
C GLU B 11 -10.40 33.20 19.21
N HIS B 12 -11.38 34.09 19.06
CA HIS B 12 -12.57 33.80 18.24
C HIS B 12 -12.35 34.23 16.81
N ASP B 13 -12.77 33.36 15.90
CA ASP B 13 -12.62 33.50 14.47
C ASP B 13 -13.91 32.95 13.87
N GLY B 14 -14.96 33.77 13.86
CA GLY B 14 -16.26 33.36 13.33
C GLY B 14 -16.89 32.36 14.28
N ALA B 15 -17.30 31.21 13.74
CA ALA B 15 -17.87 30.17 14.58
C ALA B 15 -16.82 29.21 15.15
N VAL B 16 -15.54 29.52 14.98
CA VAL B 16 -14.47 28.67 15.48
C VAL B 16 -13.79 29.28 16.70
N LEU B 17 -13.61 28.47 17.76
CA LEU B 17 -12.78 28.89 18.89
C LEU B 17 -11.38 28.34 18.63
N ARG B 18 -10.40 29.24 18.47
CA ARG B 18 -9.01 28.82 18.30
C ARG B 18 -8.24 28.84 19.62
N ILE B 19 -7.78 27.66 20.01
CA ILE B 19 -6.98 27.51 21.20
C ILE B 19 -5.59 27.13 20.69
N ARG B 20 -4.62 28.01 20.96
CA ARG B 20 -3.23 27.77 20.59
C ARG B 20 -2.42 27.57 21.85
N LEU B 21 -1.71 26.44 21.92
CA LEU B 21 -0.71 26.20 22.96
C LEU B 21 0.40 27.19 22.63
N ASP B 22 0.85 27.94 23.62
CA ASP B 22 1.67 29.14 23.34
C ASP B 22 2.89 29.22 24.28
N ARG B 23 3.62 28.12 24.42
CA ARG B 23 4.91 28.18 25.02
C ARG B 23 5.92 27.68 23.99
N PRO B 24 6.08 28.41 22.87
CA PRO B 24 6.95 27.90 21.78
C PRO B 24 8.44 27.77 22.17
N GLU B 25 8.87 28.53 23.17
CA GLU B 25 10.23 28.46 23.69
C GLU B 25 10.54 27.14 24.40
N LYS B 26 9.51 26.41 24.84
CA LYS B 26 9.73 25.03 25.34
C LYS B 26 9.01 23.99 24.48
N LEU B 27 8.78 24.33 23.22
CA LEU B 27 8.08 23.44 22.28
C LEU B 27 6.72 23.02 22.85
N ASN B 28 6.08 23.96 23.54
CA ASN B 28 4.77 23.73 24.12
C ASN B 28 4.71 22.54 25.07
N ALA B 29 5.84 22.20 25.67
CA ALA B 29 5.88 21.29 26.82
C ALA B 29 4.91 21.90 27.83
N VAL B 30 4.13 21.05 28.50
CA VAL B 30 3.05 21.50 29.36
C VAL B 30 3.32 21.29 30.87
N ASP B 31 2.75 22.19 31.66
CA ASP B 31 2.71 22.04 33.11
C ASP B 31 1.28 22.19 33.62
N THR B 32 1.10 22.04 34.92
CA THR B 32 -0.26 22.04 35.48
C THR B 32 -1.05 23.33 35.22
N PRO B 33 -0.49 24.52 35.55
CA PRO B 33 -1.24 25.75 35.19
C PRO B 33 -1.70 25.71 33.73
N MET B 34 -0.80 25.37 32.82
CA MET B 34 -1.10 25.38 31.39
C MET B 34 -2.26 24.43 31.05
N LEU B 35 -2.23 23.24 31.66
CA LEU B 35 -3.28 22.24 31.42
C LEU B 35 -4.63 22.67 31.96
N GLU B 36 -4.64 23.17 33.19
CA GLU B 36 -5.88 23.67 33.82
C GLU B 36 -6.49 24.81 33.04
N GLU B 37 -5.65 25.73 32.58
CA GLU B 37 -6.07 26.80 31.69
C GLU B 37 -6.75 26.27 30.41
N LEU B 38 -6.08 25.35 29.74
CA LEU B 38 -6.58 24.73 28.54
C LEU B 38 -7.99 24.16 28.75
N SER B 39 -8.13 23.43 29.86
CA SER B 39 -9.33 22.65 30.16
C SER B 39 -10.61 23.52 30.31
N VAL B 40 -10.49 24.73 30.87
CA VAL B 40 -11.66 25.55 31.10
C VAL B 40 -12.12 26.19 29.78
N HIS B 41 -11.13 26.62 28.98
CA HIS B 41 -11.40 27.12 27.65
C HIS B 41 -12.09 26.10 26.79
N ILE B 42 -11.83 24.82 27.02
CA ILE B 42 -12.55 23.77 26.28
C ILE B 42 -14.00 23.63 26.73
N ARG B 43 -14.22 23.54 28.04
CA ARG B 43 -15.58 23.31 28.51
C ARG B 43 -16.44 24.56 28.32
N ASP B 44 -15.85 25.74 28.52
CA ASP B 44 -16.44 27.03 28.17
C ASP B 44 -16.87 27.23 26.69
N ALA B 45 -16.50 26.31 25.80
CA ALA B 45 -16.97 26.37 24.42
C ALA B 45 -18.37 25.78 24.34
N GLU B 46 -18.72 24.92 25.31
CA GLU B 46 -20.06 24.32 25.38
C GLU B 46 -21.07 25.42 25.55
N ALA B 47 -20.78 26.31 26.51
CA ALA B 47 -21.58 27.49 26.88
C ALA B 47 -21.76 28.53 25.77
N ASP B 48 -20.79 28.61 24.87
CA ASP B 48 -20.68 29.72 23.94
C ASP B 48 -21.44 29.43 22.67
N GLU B 49 -22.59 30.07 22.53
CA GLU B 49 -23.45 29.85 21.37
C GLU B 49 -22.79 30.24 20.05
N SER B 50 -21.77 31.10 20.08
CA SER B 50 -21.09 31.52 18.84
C SER B 50 -20.11 30.43 18.35
N VAL B 51 -19.68 29.57 19.27
CA VAL B 51 -18.67 28.54 18.99
C VAL B 51 -19.34 27.27 18.47
N ARG B 52 -19.05 26.94 17.22
CA ARG B 52 -19.53 25.70 16.62
C ARG B 52 -18.44 24.64 16.40
N ALA B 53 -17.18 25.00 16.60
CA ALA B 53 -16.07 24.07 16.46
C ALA B 53 -14.89 24.65 17.20
N VAL B 54 -14.03 23.78 17.71
CA VAL B 54 -12.83 24.20 18.41
C VAL B 54 -11.62 23.74 17.59
N LEU B 55 -10.65 24.65 17.39
CA LEU B 55 -9.40 24.31 16.71
C LEU B 55 -8.31 24.34 17.74
N LEU B 56 -7.53 23.26 17.79
CA LEU B 56 -6.41 23.13 18.68
C LEU B 56 -5.10 23.08 17.90
N THR B 57 -4.20 24.03 18.16
CA THR B 57 -2.92 24.08 17.46
C THR B 57 -1.82 24.49 18.44
N GLY B 58 -0.59 24.49 17.95
CA GLY B 58 0.54 24.92 18.74
C GLY B 58 1.39 25.96 18.05
N ALA B 59 1.70 27.02 18.78
CA ALA B 59 2.63 28.05 18.27
C ALA B 59 4.07 27.51 18.15
N GLY B 60 4.84 28.01 17.18
CA GLY B 60 6.28 27.61 17.09
C GLY B 60 6.54 26.32 16.32
N ARG B 61 7.61 25.61 16.65
CA ARG B 61 8.06 24.46 15.85
C ARG B 61 7.29 23.14 16.08
N ALA B 62 6.63 23.02 17.23
CA ALA B 62 6.01 21.75 17.63
C ALA B 62 4.56 21.95 18.06
N PHE B 63 3.71 20.98 17.78
CA PHE B 63 2.35 20.96 18.31
C PHE B 63 2.43 20.96 19.86
N CYS B 64 3.06 19.93 20.42
CA CYS B 64 3.19 19.78 21.87
C CYS B 64 4.19 18.69 22.15
N SER B 65 5.25 19.04 22.87
CA SER B 65 6.26 18.06 23.27
C SER B 65 5.88 17.30 24.57
N GLY B 66 4.68 17.54 25.10
CA GLY B 66 4.21 16.82 26.30
C GLY B 66 4.59 17.39 27.65
N GLY B 67 4.49 16.55 28.68
CA GLY B 67 4.81 16.95 30.05
C GLY B 67 6.18 17.56 30.19
N ASP B 68 6.21 18.73 30.82
CA ASP B 68 7.41 19.51 31.12
C ASP B 68 8.57 18.77 31.83
N LEU B 69 8.22 17.89 32.77
CA LEU B 69 9.19 17.26 33.70
C LEU B 69 9.81 18.25 34.75
N THR B 70 9.18 19.42 34.86
CA THR B 70 9.45 20.40 35.92
C THR B 70 8.27 20.41 36.91
N GLY B 71 8.36 21.16 37.98
CA GLY B 71 7.20 21.36 38.85
C GLY B 71 7.01 20.38 39.99
N GLY B 72 7.42 19.12 39.79
CA GLY B 72 7.30 18.07 40.83
C GLY B 72 5.88 17.77 41.27
N ASP B 73 4.93 18.24 40.47
CA ASP B 73 3.52 18.12 40.77
C ASP B 73 2.94 16.88 40.04
N THR B 74 3.39 15.67 40.39
CA THR B 74 3.12 14.49 39.53
C THR B 74 1.65 14.12 39.46
N ALA B 75 1.01 14.01 40.62
CA ALA B 75 -0.40 13.63 40.70
C ALA B 75 -1.25 14.75 40.14
N GLY B 76 -0.85 16.00 40.47
CA GLY B 76 -1.49 17.21 39.95
C GLY B 76 -1.51 17.31 38.43
N ALA B 77 -0.35 17.10 37.80
CA ALA B 77 -0.21 17.17 36.35
C ALA B 77 -1.01 16.06 35.69
N ALA B 78 -0.93 14.87 36.26
CA ALA B 78 -1.58 13.67 35.72
C ALA B 78 -3.08 13.90 35.72
N ASP B 79 -3.59 14.40 36.84
CA ASP B 79 -5.03 14.77 36.95
C ASP B 79 -5.47 15.83 35.95
N ALA B 80 -4.69 16.91 35.84
CA ALA B 80 -5.06 17.99 34.90
C ALA B 80 -5.07 17.49 33.43
N ALA B 81 -4.01 16.75 33.06
CA ALA B 81 -3.87 16.13 31.73
C ALA B 81 -5.02 15.19 31.42
N ASN B 82 -5.39 14.38 32.42
CA ASN B 82 -6.57 13.53 32.31
C ASN B 82 -7.84 14.33 32.05
N ARG B 83 -8.02 15.43 32.77
CA ARG B 83 -9.25 16.21 32.62
C ARG B 83 -9.30 16.94 31.27
N VAL B 84 -8.14 17.33 30.71
CA VAL B 84 -8.12 17.96 29.38
C VAL B 84 -8.69 16.98 28.36
N VAL B 85 -8.21 15.75 28.40
CA VAL B 85 -8.64 14.72 27.46
C VAL B 85 -10.14 14.43 27.61
N ARG B 86 -10.60 14.29 28.85
CA ARG B 86 -12.01 14.06 29.10
C ARG B 86 -12.89 15.21 28.60
N ALA B 87 -12.49 16.45 28.88
CA ALA B 87 -13.21 17.64 28.38
C ALA B 87 -13.34 17.72 26.84
N ILE B 88 -12.27 17.40 26.12
CA ILE B 88 -12.35 17.36 24.66
C ILE B 88 -13.32 16.25 24.20
N THR B 89 -13.19 15.05 24.72
CA THR B 89 -14.06 13.95 24.26
C THR B 89 -15.54 14.18 24.66
N SER B 90 -15.75 14.98 25.70
CA SER B 90 -17.06 15.19 26.26
C SER B 90 -17.75 16.46 25.76
N LEU B 91 -16.97 17.45 25.27
CA LEU B 91 -17.58 18.64 24.64
C LEU B 91 -18.52 18.23 23.52
N PRO B 92 -19.80 18.71 23.56
CA PRO B 92 -20.74 18.31 22.48
C PRO B 92 -20.56 19.14 21.20
N LYS B 93 -19.31 19.41 20.87
CA LYS B 93 -18.95 20.17 19.68
C LYS B 93 -17.65 19.62 19.12
N PRO B 94 -17.52 19.65 17.79
CA PRO B 94 -16.32 19.07 17.19
C PRO B 94 -15.03 19.83 17.55
N VAL B 95 -13.98 19.08 17.85
CA VAL B 95 -12.68 19.63 18.25
C VAL B 95 -11.68 19.09 17.22
N ILE B 96 -10.99 20.01 16.55
CA ILE B 96 -10.00 19.64 15.54
C ILE B 96 -8.59 19.99 15.98
N ALA B 97 -7.71 18.99 15.94
CA ALA B 97 -6.29 19.23 16.15
C ALA B 97 -5.60 19.47 14.78
N GLY B 98 -4.98 20.64 14.60
CA GLY B 98 -4.11 20.84 13.46
C GLY B 98 -2.73 20.58 14.01
N VAL B 99 -2.12 19.47 13.61
CA VAL B 99 -0.84 19.06 14.19
C VAL B 99 0.31 19.26 13.19
N HIS B 100 1.23 20.16 13.53
CA HIS B 100 2.46 20.28 12.74
C HIS B 100 3.58 19.89 13.71
N GLY B 101 4.72 19.44 13.19
CA GLY B 101 5.81 19.06 14.08
C GLY B 101 5.49 18.01 15.12
N ALA B 102 6.21 18.07 16.24
CA ALA B 102 6.15 17.04 17.28
C ALA B 102 4.84 17.05 18.07
N ALA B 103 4.22 15.87 18.20
CA ALA B 103 3.14 15.60 19.20
C ALA B 103 3.64 14.43 20.01
N VAL B 104 4.22 14.70 21.17
CA VAL B 104 5.04 13.77 21.94
C VAL B 104 4.48 13.65 23.35
N GLY B 105 4.48 12.43 23.86
CA GLY B 105 4.00 12.19 25.22
C GLY B 105 2.55 12.59 25.32
N PHE B 106 2.21 13.41 26.32
CA PHE B 106 0.85 13.97 26.40
C PHE B 106 0.42 14.78 25.15
N GLY B 107 1.36 15.33 24.41
CA GLY B 107 1.02 15.99 23.12
C GLY B 107 0.36 15.04 22.13
N CYS B 108 0.75 13.78 22.17
CA CYS B 108 0.09 12.76 21.37
C CYS B 108 -1.32 12.50 21.91
N SER B 109 -1.40 12.21 23.20
CA SER B 109 -2.69 11.99 23.85
C SER B 109 -3.68 13.13 23.49
N LEU B 110 -3.21 14.38 23.56
CA LEU B 110 -4.01 15.58 23.32
C LEU B 110 -4.63 15.61 21.89
N ALA B 111 -3.77 15.45 20.89
CA ALA B 111 -4.17 15.45 19.49
C ALA B 111 -5.20 14.32 19.31
N LEU B 112 -4.90 13.15 19.85
CA LEU B 112 -5.76 11.97 19.60
C LEU B 112 -7.08 11.95 20.37
N ALA B 113 -7.20 12.77 21.39
CA ALA B 113 -8.49 12.97 22.04
C ALA B 113 -9.48 13.75 21.13
N CYS B 114 -8.96 14.49 20.16
CA CYS B 114 -9.80 15.32 19.30
C CYS B 114 -10.62 14.47 18.33
N ASP B 115 -11.72 15.04 17.84
CA ASP B 115 -12.56 14.35 16.87
C ASP B 115 -11.94 14.16 15.49
N LEU B 116 -11.18 15.13 15.02
CA LEU B 116 -10.49 15.03 13.74
C LEU B 116 -9.11 15.57 14.00
N VAL B 117 -8.11 15.01 13.33
CA VAL B 117 -6.72 15.50 13.42
C VAL B 117 -6.25 15.73 12.00
N VAL B 118 -5.75 16.93 11.73
CA VAL B 118 -5.19 17.29 10.42
C VAL B 118 -3.69 17.46 10.61
N ALA B 119 -2.95 16.52 10.05
CA ALA B 119 -1.52 16.42 10.33
C ALA B 119 -0.72 16.96 9.15
N ALA B 120 0.26 17.83 9.47
CA ALA B 120 1.22 18.35 8.50
C ALA B 120 2.15 17.21 8.10
N PRO B 121 2.70 17.26 6.87
CA PRO B 121 3.57 16.17 6.32
C PRO B 121 4.76 15.80 7.18
N ALA B 122 5.41 16.80 7.75
CA ALA B 122 6.57 16.56 8.61
C ALA B 122 6.17 16.33 10.08
N SER B 123 4.87 16.19 10.35
CA SER B 123 4.43 16.00 11.76
C SER B 123 4.64 14.54 12.18
N TYR B 124 4.70 14.29 13.50
CA TYR B 124 4.82 12.92 14.02
C TYR B 124 4.25 12.77 15.43
N PHE B 125 4.02 11.51 15.80
CA PHE B 125 3.30 11.12 17.01
C PHE B 125 4.21 10.12 17.71
N GLN B 126 4.44 10.33 18.99
CA GLN B 126 5.44 9.55 19.65
C GLN B 126 5.19 9.48 21.15
N LEU B 127 5.24 8.28 21.70
CA LEU B 127 5.16 8.06 23.16
C LEU B 127 6.60 7.96 23.66
N ALA B 128 7.26 9.11 23.81
CA ALA B 128 8.65 9.10 24.23
C ALA B 128 8.82 8.87 25.73
N PHE B 129 7.75 8.64 26.47
CA PHE B 129 7.86 8.60 27.92
C PHE B 129 8.92 7.58 28.38
N THR B 130 8.91 6.38 27.79
CA THR B 130 9.79 5.30 28.28
C THR B 130 11.26 5.62 28.16
N ARG B 131 11.62 6.62 27.36
CA ARG B 131 13.05 6.97 27.22
C ARG B 131 13.60 7.66 28.48
N VAL B 132 12.70 8.09 29.36
CA VAL B 132 13.10 8.56 30.70
C VAL B 132 12.56 7.66 31.79
N GLY B 133 11.96 6.52 31.41
CA GLY B 133 11.49 5.52 32.36
C GLY B 133 10.09 5.75 32.88
N LEU B 134 9.31 6.55 32.16
CA LEU B 134 7.92 6.82 32.50
C LEU B 134 6.98 6.15 31.49
N MET B 135 5.70 6.15 31.79
CA MET B 135 4.70 5.42 31.02
C MET B 135 3.74 6.42 30.36
N PRO B 136 2.88 5.94 29.41
CA PRO B 136 1.98 6.85 28.70
C PRO B 136 1.01 7.49 29.70
N ASP B 137 0.52 8.69 29.38
CA ASP B 137 -0.48 9.39 30.23
C ASP B 137 -1.60 10.04 29.40
N GLY B 138 -2.47 10.79 30.07
CA GLY B 138 -3.60 11.44 29.41
C GLY B 138 -4.72 10.48 29.13
N GLY B 139 -4.47 9.18 29.31
CA GLY B 139 -5.37 8.14 28.86
C GLY B 139 -5.01 7.67 27.44
N ALA B 140 -3.80 8.01 26.96
CA ALA B 140 -3.26 7.40 25.73
C ALA B 140 -3.46 5.87 25.64
N SER B 141 -3.35 5.17 26.78
CA SER B 141 -3.39 3.69 26.73
C SER B 141 -4.78 3.18 26.33
N ALA B 142 -5.82 3.95 26.64
CA ALA B 142 -7.18 3.62 26.21
C ALA B 142 -7.50 4.19 24.84
N LEU B 143 -6.95 5.36 24.51
CA LEU B 143 -7.25 5.98 23.19
C LEU B 143 -6.64 5.22 22.05
N LEU B 144 -5.33 5.00 22.11
CA LEU B 144 -4.61 4.34 21.02
C LEU B 144 -5.13 2.96 20.52
N PRO B 145 -5.47 2.02 21.42
CA PRO B 145 -5.91 0.73 20.86
C PRO B 145 -7.18 0.79 19.99
N LEU B 146 -8.08 1.72 20.28
CA LEU B 146 -9.31 1.88 19.49
C LEU B 146 -9.02 2.71 18.23
N LEU B 147 -7.77 3.08 18.03
CA LEU B 147 -7.37 3.79 16.81
C LEU B 147 -6.57 2.89 15.89
N ILE B 148 -5.56 2.21 16.47
CA ILE B 148 -4.53 1.46 15.73
C ILE B 148 -4.40 -0.02 16.17
N GLY B 149 -5.22 -0.47 17.14
CA GLY B 149 -5.10 -1.84 17.64
C GLY B 149 -4.02 -1.96 18.72
N ARG B 150 -4.12 -3.02 19.50
CA ARG B 150 -3.21 -3.20 20.66
C ARG B 150 -1.74 -3.43 20.28
N ALA B 151 -1.46 -4.10 19.15
CA ALA B 151 -0.06 -4.44 18.83
C ALA B 151 0.75 -3.20 18.48
N ARG B 152 0.15 -2.31 17.68
CA ARG B 152 0.87 -1.12 17.27
C ARG B 152 0.99 -0.15 18.46
N THR B 153 0.01 -0.18 19.38
CA THR B 153 0.12 0.55 20.64
C THR B 153 1.27 0.11 21.54
N SER B 154 1.36 -1.19 21.82
CA SER B 154 2.45 -1.77 22.62
CA SER B 154 2.43 -1.79 22.60
C SER B 154 3.79 -1.36 22.04
N ARG B 155 3.92 -1.44 20.73
CA ARG B 155 5.13 -1.01 20.08
C ARG B 155 5.42 0.48 20.35
N MET B 156 4.47 1.35 20.03
CA MET B 156 4.65 2.78 20.28
C MET B 156 5.15 3.02 21.71
N ALA B 157 4.53 2.34 22.67
CA ALA B 157 4.79 2.61 24.08
C ALA B 157 6.11 1.99 24.51
N MET B 158 6.37 0.77 24.07
CA MET B 158 7.58 0.08 24.47
C MET B 158 8.86 0.49 23.73
N THR B 159 8.75 0.92 22.48
CA THR B 159 9.96 1.30 21.71
C THR B 159 10.23 2.80 21.65
N ALA B 160 9.21 3.58 22.00
CA ALA B 160 9.28 5.04 21.92
C ALA B 160 9.61 5.59 20.47
N GLU B 161 9.24 4.85 19.42
CA GLU B 161 9.56 5.26 18.05
C GLU B 161 8.65 6.38 17.62
N LYS B 162 9.17 7.26 16.76
CA LYS B 162 8.39 8.31 16.14
C LYS B 162 7.53 7.66 15.05
N ILE B 163 6.24 8.00 15.04
CA ILE B 163 5.36 7.57 13.95
C ILE B 163 5.06 8.76 13.06
N SER B 164 5.43 8.65 11.79
CA SER B 164 5.26 9.74 10.83
C SER B 164 3.80 10.07 10.64
N ALA B 165 3.51 11.29 10.21
CA ALA B 165 2.12 11.62 9.87
C ALA B 165 1.56 10.61 8.86
N ALA B 166 2.33 10.25 7.84
CA ALA B 166 1.90 9.33 6.78
C ALA B 166 1.52 7.94 7.36
N THR B 167 2.39 7.40 8.22
CA THR B 167 2.17 6.12 8.88
C THR B 167 0.95 6.16 9.82
N ALA B 168 0.84 7.25 10.61
CA ALA B 168 -0.31 7.45 11.48
C ALA B 168 -1.59 7.42 10.68
N PHE B 169 -1.61 8.13 9.56
CA PHE B 169 -2.79 8.06 8.68
C PHE B 169 -3.15 6.64 8.15
N GLU B 170 -2.15 5.90 7.70
CA GLU B 170 -2.37 4.54 7.15
C GLU B 170 -2.96 3.59 8.20
N TRP B 171 -2.48 3.77 9.43
CA TRP B 171 -2.86 3.00 10.59
C TRP B 171 -4.24 3.34 11.08
N GLY B 172 -4.77 4.51 10.69
CA GLY B 172 -6.10 4.97 11.21
C GLY B 172 -6.00 5.67 12.56
N MET B 173 -4.78 6.16 12.89
CA MET B 173 -4.57 6.91 14.12
C MET B 173 -5.22 8.27 14.05
N ILE B 174 -5.18 8.88 12.88
CA ILE B 174 -5.61 10.25 12.67
C ILE B 174 -6.58 10.29 11.48
N SER B 175 -7.50 11.25 11.50
CA SER B 175 -8.52 11.32 10.46
C SER B 175 -8.02 11.90 9.12
N HIS B 176 -7.06 12.83 9.18
CA HIS B 176 -6.60 13.58 7.99
C HIS B 176 -5.12 13.69 7.82
N ILE B 177 -4.69 13.49 6.58
CA ILE B 177 -3.34 13.73 6.21
C ILE B 177 -3.26 14.85 5.16
N THR B 178 -2.20 15.67 5.24
CA THR B 178 -1.91 16.64 4.22
C THR B 178 -0.50 16.40 3.64
N SER B 179 -0.25 16.95 2.46
CA SER B 179 1.04 16.82 1.79
C SER B 179 1.48 18.08 1.03
N ALA B 180 2.74 18.12 0.58
CA ALA B 180 3.22 19.29 -0.12
C ALA B 180 3.07 20.51 0.80
N ASP B 181 2.74 21.67 0.23
CA ASP B 181 2.56 22.89 1.00
C ASP B 181 1.10 23.10 1.39
N GLU B 182 0.33 22.01 1.43
CA GLU B 182 -1.14 22.11 1.52
C GLU B 182 -1.77 22.06 2.92
N TYR B 183 -0.93 21.96 3.96
CA TYR B 183 -1.41 21.71 5.30
C TYR B 183 -2.40 22.80 5.77
N GLU B 184 -1.99 24.05 5.66
CA GLU B 184 -2.76 25.20 6.14
C GLU B 184 -4.10 25.29 5.41
N SER B 185 -4.04 25.11 4.09
CA SER B 185 -5.23 25.26 3.25
CA SER B 185 -5.23 25.26 3.25
C SER B 185 -6.22 24.14 3.53
N VAL B 186 -5.71 22.92 3.73
CA VAL B 186 -6.56 21.78 4.06
C VAL B 186 -7.20 21.94 5.44
N LEU B 187 -6.39 22.33 6.42
CA LEU B 187 -6.86 22.67 7.73
C LEU B 187 -8.00 23.70 7.68
N THR B 188 -7.79 24.76 6.90
CA THR B 188 -8.81 25.81 6.69
C THR B 188 -10.06 25.19 6.09
N ASP B 189 -9.89 24.36 5.06
CA ASP B 189 -11.04 23.74 4.40
C ASP B 189 -11.85 22.94 5.40
N VAL B 190 -11.18 22.07 6.16
CA VAL B 190 -11.88 21.20 7.14
C VAL B 190 -12.54 22.04 8.27
N LEU B 191 -11.83 23.03 8.80
CA LEU B 191 -12.39 23.88 9.84
C LEU B 191 -13.63 24.63 9.31
N ARG B 192 -13.50 25.26 8.14
CA ARG B 192 -14.67 25.91 7.54
C ARG B 192 -15.87 24.96 7.46
N SER B 193 -15.67 23.79 6.89
CA SER B 193 -16.78 22.90 6.63
C SER B 193 -17.47 22.33 7.92
N VAL B 194 -16.65 21.87 8.85
CA VAL B 194 -17.10 21.42 10.17
C VAL B 194 -17.84 22.52 11.00
N SER B 195 -17.23 23.69 11.13
CA SER B 195 -17.84 24.86 11.80
C SER B 195 -19.11 25.36 11.10
N GLY B 196 -19.34 24.95 9.85
CA GLY B 196 -20.58 25.28 9.14
C GLY B 196 -21.56 24.11 9.10
N GLY B 197 -21.17 23.01 9.72
CA GLY B 197 -21.98 21.80 9.82
C GLY B 197 -23.08 21.75 10.87
N PRO B 198 -23.87 20.67 10.85
CA PRO B 198 -24.96 20.46 11.79
C PRO B 198 -24.48 20.17 13.22
N THR B 199 -24.15 21.21 13.95
CA THR B 199 -23.45 21.09 15.23
C THR B 199 -24.13 20.19 16.26
N LEU B 200 -25.46 20.22 16.30
CA LEU B 200 -26.20 19.39 17.24
C LEU B 200 -26.09 17.93 16.86
N ALA B 201 -26.16 17.65 15.56
CA ALA B 201 -25.92 16.31 15.04
C ALA B 201 -24.54 15.78 15.37
N PHE B 202 -23.52 16.65 15.22
CA PHE B 202 -22.14 16.35 15.59
C PHE B 202 -22.03 16.00 17.07
N GLY B 203 -22.70 16.78 17.93
CA GLY B 203 -22.69 16.51 19.38
C GLY B 203 -23.32 15.18 19.75
N TRP B 204 -24.45 14.85 19.15
CA TRP B 204 -25.07 13.53 19.33
C TRP B 204 -24.21 12.37 18.79
N THR B 205 -23.69 12.51 17.58
CA THR B 205 -22.70 11.58 17.04
C THR B 205 -21.52 11.36 18.00
N LYS B 206 -20.95 12.45 18.55
CA LYS B 206 -19.86 12.28 19.55
C LYS B 206 -20.28 11.51 20.79
N ARG B 207 -21.50 11.77 21.30
CA ARG B 207 -21.95 11.02 22.47
C ARG B 207 -22.08 9.53 22.17
N ALA B 208 -22.61 9.17 21.00
CA ALA B 208 -22.77 7.75 20.65
C ALA B 208 -21.40 7.10 20.51
N LEU B 209 -20.50 7.82 19.84
CA LEU B 209 -19.17 7.32 19.59
C LEU B 209 -18.31 7.20 20.88
N ALA B 210 -18.46 8.14 21.81
CA ALA B 210 -17.81 8.02 23.12
C ALA B 210 -18.33 6.82 23.91
N ALA B 211 -19.65 6.60 23.87
CA ALA B 211 -20.23 5.42 24.54
C ALA B 211 -19.67 4.11 23.98
N ALA B 212 -19.34 4.12 22.70
CA ALA B 212 -18.85 2.92 22.03
C ALA B 212 -17.36 2.69 22.26
N THR B 213 -16.58 3.73 22.57
CA THR B 213 -15.12 3.59 22.49
C THR B 213 -14.40 4.02 23.77
N LEU B 214 -15.09 4.78 24.62
CA LEU B 214 -14.43 5.31 25.82
C LEU B 214 -14.84 4.68 27.14
N ALA B 215 -15.39 3.47 27.11
CA ALA B 215 -15.84 2.88 28.37
C ALA B 215 -14.68 2.73 29.36
N GLU B 216 -13.46 2.47 28.87
CA GLU B 216 -12.33 2.28 29.79
C GLU B 216 -11.49 3.54 29.99
N LEU B 217 -11.87 4.69 29.41
CA LEU B 217 -11.03 5.88 29.55
C LEU B 217 -10.73 6.19 31.01
N GLU B 218 -11.77 6.32 31.84
CA GLU B 218 -11.55 6.66 33.25
C GLU B 218 -10.69 5.62 34.02
N PRO B 219 -11.11 4.32 34.04
CA PRO B 219 -10.26 3.36 34.78
C PRO B 219 -8.79 3.34 34.28
N VAL B 220 -8.60 3.50 32.96
CA VAL B 220 -7.25 3.48 32.41
C VAL B 220 -6.46 4.72 32.85
N GLN B 221 -7.11 5.88 32.86
CA GLN B 221 -6.46 7.12 33.33
C GLN B 221 -6.03 7.00 34.81
N ALA B 222 -6.87 6.39 35.64
CA ALA B 222 -6.52 6.10 37.04
C ALA B 222 -5.32 5.15 37.20
N ILE B 223 -5.23 4.15 36.33
CA ILE B 223 -4.09 3.27 36.33
C ILE B 223 -2.82 4.02 35.91
N GLU B 224 -2.91 4.86 34.88
CA GLU B 224 -1.74 5.62 34.41
C GLU B 224 -1.26 6.60 35.47
N ALA B 225 -2.20 7.26 36.15
CA ALA B 225 -1.89 8.20 37.23
C ALA B 225 -1.22 7.48 38.41
N GLU B 226 -1.72 6.31 38.80
CA GLU B 226 -1.03 5.53 39.85
C GLU B 226 0.37 5.06 39.42
N GLY B 227 0.46 4.56 38.19
CA GLY B 227 1.72 4.12 37.62
C GLY B 227 2.76 5.23 37.53
N GLN B 228 2.37 6.40 37.05
CA GLN B 228 3.32 7.51 36.96
C GLN B 228 3.84 7.91 38.34
N LEU B 229 2.94 7.96 39.32
CA LEU B 229 3.34 8.19 40.73
C LEU B 229 4.37 7.20 41.24
N ALA B 230 4.19 5.92 40.91
CA ALA B 230 5.18 4.92 41.31
C ALA B 230 6.47 5.05 40.50
N LEU B 231 6.34 5.39 39.21
CA LEU B 231 7.50 5.42 38.31
C LEU B 231 8.49 6.55 38.60
N VAL B 232 8.00 7.72 39.02
CA VAL B 232 8.91 8.81 39.40
C VAL B 232 9.82 8.50 40.65
N GLU B 233 9.40 7.57 41.49
CA GLU B 233 10.21 7.13 42.63
C GLU B 233 11.32 6.14 42.27
N THR B 234 11.35 5.65 41.02
CA THR B 234 12.21 4.53 40.62
C THR B 234 13.66 4.99 40.32
N ALA B 235 14.62 4.08 40.44
CA ALA B 235 16.01 4.37 40.04
C ALA B 235 16.06 4.67 38.55
N ASP B 236 15.22 3.96 37.78
CA ASP B 236 15.19 4.16 36.33
C ASP B 236 14.79 5.54 35.89
N PHE B 237 13.82 6.14 36.57
CA PHE B 237 13.47 7.52 36.29
C PHE B 237 14.62 8.50 36.65
N ARG B 238 15.16 8.39 37.86
CA ARG B 238 16.33 9.22 38.22
C ARG B 238 17.38 9.13 37.11
N GLU B 239 17.69 7.91 36.66
CA GLU B 239 18.67 7.69 35.59
C GLU B 239 18.19 8.24 34.23
N GLY B 240 16.90 8.02 33.92
CA GLY B 240 16.32 8.53 32.70
C GLY B 240 16.41 10.05 32.65
N ALA B 241 15.98 10.69 33.73
CA ALA B 241 16.01 12.14 33.81
C ALA B 241 17.45 12.63 33.69
N ARG B 242 18.38 11.96 34.38
CA ARG B 242 19.79 12.36 34.38
C ARG B 242 20.36 12.23 32.97
N ALA B 243 20.06 11.10 32.31
CA ALA B 243 20.50 10.89 30.92
C ALA B 243 19.94 11.91 29.92
N PHE B 244 18.65 12.22 29.99
CA PHE B 244 18.08 13.27 29.16
C PHE B 244 18.82 14.59 29.39
N ARG B 245 19.02 14.94 30.66
CA ARG B 245 19.73 16.14 31.09
C ARG B 245 21.14 16.24 30.52
N GLU B 246 21.87 15.12 30.59
CA GLU B 246 23.25 15.04 30.14
C GLU B 246 23.38 14.58 28.69
N ARG B 247 22.28 14.66 27.96
CA ARG B 247 22.19 14.18 26.56
C ARG B 247 23.07 12.95 26.27
N ARG B 248 22.73 11.83 26.91
CA ARG B 248 23.39 10.55 26.69
C ARG B 248 22.36 9.42 26.80
N THR B 249 22.81 8.19 26.59
CA THR B 249 21.93 7.04 26.64
C THR B 249 21.73 6.54 28.09
N PRO B 250 20.46 6.38 28.52
CA PRO B 250 20.21 5.86 29.86
C PRO B 250 20.59 4.38 29.98
N ASN B 251 20.84 4.00 31.21
CA ASN B 251 21.30 2.68 31.55
C ASN B 251 20.23 2.09 32.49
N PHE B 252 19.12 1.62 31.94
CA PHE B 252 18.03 1.16 32.81
C PHE B 252 18.35 -0.15 33.51
N ARG B 253 17.81 -0.35 34.71
CA ARG B 253 18.10 -1.54 35.51
C ARG B 253 16.84 -2.32 35.86
N GLY B 254 15.67 -1.74 35.57
CA GLY B 254 14.40 -2.33 35.96
C GLY B 254 14.07 -2.10 37.44
N HIS B 255 14.64 -1.05 38.03
CA HIS B 255 14.36 -0.73 39.44
C HIS B 255 14.10 0.78 39.56
N GLY C 1 11.55 -32.62 23.61
CA GLY C 1 13.02 -32.71 23.35
C GLY C 1 13.83 -33.09 24.59
N PRO C 2 15.09 -33.54 24.41
CA PRO C 2 15.96 -33.88 25.56
C PRO C 2 16.24 -32.64 26.41
N GLY C 3 16.11 -32.79 27.73
CA GLY C 3 16.37 -31.67 28.67
C GLY C 3 15.18 -30.76 28.94
N SER C 4 14.12 -30.96 28.17
CA SER C 4 12.93 -30.16 28.37
CA SER C 4 12.91 -30.18 28.34
C SER C 4 11.93 -30.96 29.22
N MET C 5 11.21 -30.24 30.07
CA MET C 5 10.20 -30.85 30.90
C MET C 5 8.85 -30.53 30.28
N ASN C 6 8.07 -31.58 30.01
CA ASN C 6 6.73 -31.44 29.43
C ASN C 6 6.78 -30.59 28.15
N GLY C 7 7.78 -30.83 27.29
CA GLY C 7 7.88 -30.18 25.98
C GLY C 7 8.19 -28.69 26.00
N ILE C 8 8.68 -28.19 27.14
CA ILE C 8 9.04 -26.78 27.24
C ILE C 8 10.50 -26.71 27.66
N SER C 9 11.29 -25.93 26.91
CA SER C 9 12.68 -25.66 27.25
C SER C 9 12.84 -24.24 27.77
N VAL C 10 13.54 -24.12 28.89
CA VAL C 10 13.70 -22.87 29.58
C VAL C 10 15.20 -22.66 29.89
N GLU C 11 15.74 -21.50 29.53
CA GLU C 11 17.06 -21.10 30.00
C GLU C 11 17.10 -19.59 30.22
N HIS C 12 18.05 -19.17 31.05
CA HIS C 12 18.34 -17.75 31.27
C HIS C 12 19.51 -17.30 30.41
N ASP C 13 19.31 -16.24 29.64
CA ASP C 13 20.39 -15.65 28.87
C ASP C 13 20.51 -14.20 29.35
N GLY C 14 21.28 -14.01 30.42
CA GLY C 14 21.39 -12.70 31.09
C GLY C 14 20.04 -12.27 31.64
N ALA C 15 19.52 -11.14 31.18
CA ALA C 15 18.22 -10.64 31.67
C ALA C 15 16.98 -11.25 30.96
N VAL C 16 17.20 -12.25 30.11
CA VAL C 16 16.14 -12.82 29.28
C VAL C 16 15.78 -14.22 29.75
N LEU C 17 14.50 -14.46 30.01
CA LEU C 17 14.04 -15.83 30.21
C LEU C 17 13.68 -16.33 28.83
N ARG C 18 14.46 -17.30 28.31
CA ARG C 18 14.21 -17.89 26.99
C ARG C 18 13.32 -19.11 27.17
N ILE C 19 12.07 -18.98 26.74
CA ILE C 19 11.15 -20.11 26.80
C ILE C 19 10.96 -20.63 25.35
N ARG C 20 11.24 -21.91 25.12
CA ARG C 20 11.10 -22.45 23.76
C ARG C 20 10.14 -23.65 23.72
N LEU C 21 9.09 -23.58 22.91
CA LEU C 21 8.23 -24.74 22.72
C LEU C 21 9.10 -25.83 22.09
N ASP C 22 9.05 -27.03 22.64
CA ASP C 22 10.06 -28.02 22.28
C ASP C 22 9.44 -29.41 22.05
N ARG C 23 8.48 -29.49 21.13
CA ARG C 23 8.07 -30.77 20.53
C ARG C 23 8.11 -30.61 19.00
N PRO C 24 9.32 -30.33 18.46
CA PRO C 24 9.44 -30.10 17.01
C PRO C 24 8.83 -31.22 16.15
N GLU C 25 8.79 -32.44 16.67
CA GLU C 25 8.35 -33.59 15.89
C GLU C 25 6.83 -33.54 15.66
N LYS C 26 6.11 -32.79 16.51
CA LYS C 26 4.66 -32.57 16.37
C LYS C 26 4.37 -31.10 16.00
N LEU C 27 5.39 -30.43 15.46
CA LEU C 27 5.35 -28.99 15.11
C LEU C 27 4.85 -28.17 16.28
N ASN C 28 5.27 -28.59 17.47
CA ASN C 28 4.98 -27.92 18.73
C ASN C 28 3.49 -27.87 19.06
N ALA C 29 2.73 -28.89 18.63
CA ALA C 29 1.34 -29.03 19.08
C ALA C 29 1.32 -29.14 20.60
N VAL C 30 0.31 -28.56 21.22
CA VAL C 30 0.31 -28.52 22.66
C VAL C 30 -0.67 -29.51 23.32
N ASP C 31 -0.31 -30.01 24.50
CA ASP C 31 -1.29 -30.72 25.33
C ASP C 31 -1.34 -30.09 26.70
N THR C 32 -2.16 -30.65 27.58
CA THR C 32 -2.42 -30.04 28.90
C THR C 32 -1.16 -29.81 29.72
N PRO C 33 -0.38 -30.87 29.99
CA PRO C 33 0.82 -30.66 30.82
C PRO C 33 1.84 -29.67 30.21
N MET C 34 1.95 -29.62 28.89
CA MET C 34 2.83 -28.64 28.24
C MET C 34 2.37 -27.19 28.46
N LEU C 35 1.06 -26.98 28.35
CA LEU C 35 0.45 -25.72 28.66
C LEU C 35 0.66 -25.36 30.12
N GLU C 36 0.42 -26.31 31.04
CA GLU C 36 0.58 -26.03 32.46
C GLU C 36 2.05 -25.67 32.73
N GLU C 37 2.96 -26.42 32.12
CA GLU C 37 4.39 -26.19 32.29
C GLU C 37 4.76 -24.78 31.82
N LEU C 38 4.23 -24.41 30.65
CA LEU C 38 4.48 -23.08 30.08
C LEU C 38 4.03 -21.97 31.05
N SER C 39 2.83 -22.07 31.57
CA SER C 39 2.29 -20.98 32.38
C SER C 39 3.04 -20.83 33.71
N VAL C 40 3.57 -21.93 34.26
CA VAL C 40 4.40 -21.90 35.46
C VAL C 40 5.63 -21.01 35.24
N HIS C 41 6.32 -21.23 34.14
CA HIS C 41 7.52 -20.46 33.84
C HIS C 41 7.17 -19.00 33.55
N ILE C 42 6.02 -18.77 32.92
CA ILE C 42 5.58 -17.42 32.66
C ILE C 42 5.27 -16.74 34.00
N ARG C 43 4.49 -17.40 34.86
CA ARG C 43 4.16 -16.80 36.15
C ARG C 43 5.39 -16.53 37.00
N ASP C 44 6.31 -17.49 37.03
CA ASP C 44 7.48 -17.44 37.88
C ASP C 44 8.53 -16.39 37.45
N ALA C 45 8.40 -15.91 36.21
CA ALA C 45 9.19 -14.79 35.72
C ALA C 45 8.99 -13.51 36.51
N GLU C 46 7.81 -13.33 37.11
CA GLU C 46 7.49 -12.08 37.80
C GLU C 46 8.40 -11.90 39.02
N ALA C 47 8.42 -12.92 39.88
CA ALA C 47 9.20 -12.90 41.13
C ALA C 47 10.72 -13.10 40.88
N ASP C 48 11.10 -13.47 39.65
CA ASP C 48 12.51 -13.67 39.33
C ASP C 48 13.16 -12.35 38.93
N GLU C 49 13.98 -11.82 39.83
CA GLU C 49 14.48 -10.45 39.67
C GLU C 49 15.60 -10.31 38.66
N SER C 50 16.15 -11.42 38.19
CA SER C 50 17.12 -11.38 37.11
C SER C 50 16.40 -11.29 35.75
N VAL C 51 15.10 -11.56 35.71
CA VAL C 51 14.37 -11.58 34.42
C VAL C 51 13.81 -10.23 34.10
N ARG C 52 14.24 -9.63 33.01
CA ARG C 52 13.65 -8.36 32.53
C ARG C 52 12.83 -8.49 31.25
N ALA C 53 12.99 -9.60 30.55
CA ALA C 53 12.13 -9.90 29.40
C ALA C 53 12.03 -11.42 29.21
N VAL C 54 10.92 -11.85 28.65
CA VAL C 54 10.68 -13.24 28.30
C VAL C 54 10.73 -13.33 26.77
N LEU C 55 11.48 -14.29 26.24
CA LEU C 55 11.47 -14.60 24.81
C LEU C 55 10.74 -15.94 24.65
N LEU C 56 9.65 -15.93 23.89
CA LEU C 56 8.95 -17.14 23.52
C LEU C 56 9.22 -17.50 22.06
N THR C 57 9.75 -18.69 21.79
CA THR C 57 9.90 -19.19 20.40
C THR C 57 9.49 -20.67 20.38
N GLY C 58 9.62 -21.31 19.22
CA GLY C 58 9.38 -22.74 19.10
C GLY C 58 10.54 -23.40 18.34
N ALA C 59 10.91 -24.61 18.75
CA ALA C 59 11.91 -25.38 18.02
C ALA C 59 11.31 -26.04 16.78
N GLY C 60 12.16 -26.35 15.80
CA GLY C 60 11.72 -27.06 14.59
C GLY C 60 11.16 -26.11 13.54
N ARG C 61 10.28 -26.65 12.70
CA ARG C 61 9.78 -25.96 11.51
C ARG C 61 8.71 -24.89 11.80
N ALA C 62 8.11 -24.91 12.98
CA ALA C 62 6.95 -24.07 13.29
C ALA C 62 7.00 -23.50 14.71
N PHE C 63 6.55 -22.27 14.84
CA PHE C 63 6.29 -21.69 16.13
C PHE C 63 5.40 -22.62 16.96
N CYS C 64 4.17 -22.87 16.50
CA CYS C 64 3.19 -23.67 17.26
C CYS C 64 1.97 -24.01 16.39
N SER C 65 1.69 -25.30 16.24
CA SER C 65 0.61 -25.73 15.36
CA SER C 65 0.62 -25.76 15.37
C SER C 65 -0.74 -25.83 16.05
N GLY C 66 -0.78 -25.55 17.35
CA GLY C 66 -2.03 -25.52 18.08
C GLY C 66 -2.29 -26.75 18.96
N GLY C 67 -3.54 -26.97 19.35
CA GLY C 67 -3.91 -28.11 20.20
C GLY C 67 -3.88 -29.43 19.45
N ASP C 68 -3.67 -30.52 20.20
CA ASP C 68 -3.63 -31.91 19.70
C ASP C 68 -4.67 -32.25 18.61
N ASP C 73 -8.99 -34.48 26.00
CA ASP C 73 -9.16 -33.72 27.23
C ASP C 73 -9.62 -32.27 26.98
N THR C 74 -10.81 -32.11 26.40
CA THR C 74 -11.27 -30.77 25.94
C THR C 74 -11.32 -29.69 27.04
N ALA C 75 -12.14 -29.91 28.08
CA ALA C 75 -12.21 -29.02 29.23
C ALA C 75 -10.80 -28.67 29.78
N GLY C 76 -10.01 -29.72 30.05
CA GLY C 76 -8.64 -29.54 30.61
C GLY C 76 -7.71 -28.67 29.76
N ALA C 77 -7.54 -29.02 28.48
CA ALA C 77 -6.59 -28.32 27.61
C ALA C 77 -7.04 -26.88 27.34
N ALA C 78 -8.35 -26.71 27.21
CA ALA C 78 -8.95 -25.41 26.96
C ALA C 78 -8.61 -24.50 28.13
N ASP C 79 -8.77 -25.03 29.34
CA ASP C 79 -8.53 -24.26 30.58
C ASP C 79 -7.06 -23.90 30.70
N ALA C 80 -6.19 -24.85 30.38
CA ALA C 80 -4.76 -24.62 30.50
C ALA C 80 -4.29 -23.58 29.49
N ALA C 81 -4.77 -23.68 28.26
CA ALA C 81 -4.46 -22.67 27.22
C ALA C 81 -4.92 -21.28 27.64
N ASN C 82 -6.16 -21.19 28.13
CA ASN C 82 -6.71 -19.89 28.55
C ASN C 82 -5.84 -19.31 29.62
N ARG C 83 -5.35 -20.18 30.51
CA ARG C 83 -4.47 -19.75 31.59
C ARG C 83 -3.11 -19.24 31.14
N VAL C 84 -2.52 -19.87 30.12
CA VAL C 84 -1.27 -19.38 29.53
C VAL C 84 -1.46 -17.95 28.98
N VAL C 85 -2.54 -17.73 28.23
CA VAL C 85 -2.78 -16.40 27.65
C VAL C 85 -2.88 -15.35 28.78
N ARG C 86 -3.67 -15.65 29.80
CA ARG C 86 -3.79 -14.82 31.00
C ARG C 86 -2.50 -14.58 31.75
N ALA C 87 -1.67 -15.62 31.84
CA ALA C 87 -0.37 -15.44 32.50
C ALA C 87 0.50 -14.46 31.67
N ILE C 88 0.46 -14.56 30.33
CA ILE C 88 1.35 -13.71 29.51
C ILE C 88 0.89 -12.23 29.64
N THR C 89 -0.43 -12.01 29.54
CA THR C 89 -0.95 -10.65 29.54
C THR C 89 -0.93 -9.98 30.92
N SER C 90 -0.87 -10.79 31.98
CA SER C 90 -0.86 -10.21 33.33
CA SER C 90 -0.87 -10.28 33.36
C SER C 90 0.56 -10.09 33.89
N LEU C 91 1.54 -10.66 33.19
CA LEU C 91 2.93 -10.60 33.62
C LEU C 91 3.49 -9.16 33.46
N PRO C 92 3.90 -8.52 34.58
CA PRO C 92 4.32 -7.10 34.49
C PRO C 92 5.73 -6.94 33.91
N LYS C 93 6.06 -7.80 32.95
CA LYS C 93 7.29 -7.74 32.13
C LYS C 93 6.97 -8.01 30.65
N PRO C 94 7.75 -7.45 29.70
CA PRO C 94 7.55 -7.66 28.28
C PRO C 94 7.87 -9.08 27.89
N VAL C 95 6.94 -9.65 27.12
CA VAL C 95 7.04 -10.97 26.55
C VAL C 95 7.06 -10.75 25.04
N ILE C 96 8.13 -11.21 24.40
CA ILE C 96 8.26 -11.10 22.93
C ILE C 96 8.15 -12.49 22.29
N ALA C 97 7.20 -12.67 21.37
CA ALA C 97 7.15 -13.92 20.58
C ALA C 97 8.07 -13.80 19.34
N GLY C 98 9.00 -14.75 19.15
CA GLY C 98 9.67 -14.79 17.86
C GLY C 98 8.97 -15.86 17.06
N VAL C 99 8.24 -15.45 16.02
CA VAL C 99 7.43 -16.41 15.28
C VAL C 99 8.04 -16.71 13.93
N HIS C 100 8.41 -17.96 13.72
CA HIS C 100 8.87 -18.47 12.43
C HIS C 100 7.87 -19.56 12.00
N GLY C 101 7.73 -19.81 10.71
CA GLY C 101 6.80 -20.86 10.25
C GLY C 101 5.36 -20.63 10.75
N ALA C 102 4.67 -21.73 11.02
CA ALA C 102 3.26 -21.75 11.35
C ALA C 102 2.86 -21.32 12.78
N ALA C 103 1.85 -20.47 12.87
CA ALA C 103 1.26 -20.12 14.18
C ALA C 103 -0.22 -20.34 14.02
N VAL C 104 -0.68 -21.51 14.46
CA VAL C 104 -1.99 -22.02 14.01
C VAL C 104 -2.84 -22.36 15.23
N GLY C 105 -4.13 -22.01 15.19
CA GLY C 105 -5.03 -22.28 16.29
C GLY C 105 -4.50 -21.61 17.55
N PHE C 106 -4.33 -22.41 18.62
CA PHE C 106 -3.82 -21.85 19.83
C PHE C 106 -2.43 -21.22 19.63
N GLY C 107 -1.66 -21.74 18.69
CA GLY C 107 -0.35 -21.16 18.31
C GLY C 107 -0.48 -19.70 17.93
N CYS C 108 -1.56 -19.39 17.21
CA CYS C 108 -1.88 -18.01 16.90
C CYS C 108 -2.26 -17.23 18.17
N SER C 109 -3.20 -17.72 18.98
CA SER C 109 -3.57 -17.03 20.23
C SER C 109 -2.37 -16.77 21.11
N LEU C 110 -1.46 -17.74 21.11
CA LEU C 110 -0.29 -17.69 21.96
C LEU C 110 0.63 -16.53 21.57
N ALA C 111 0.99 -16.44 20.28
CA ALA C 111 1.79 -15.33 19.78
C ALA C 111 1.12 -14.00 20.15
N LEU C 112 -0.20 -13.92 19.88
CA LEU C 112 -0.91 -12.62 19.99
C LEU C 112 -1.15 -12.20 21.42
N ALA C 113 -1.06 -13.12 22.36
CA ALA C 113 -1.10 -12.73 23.75
C ALA C 113 0.12 -11.89 24.12
N CYS C 114 1.21 -12.01 23.33
CA CYS C 114 2.49 -11.40 23.71
C CYS C 114 2.51 -9.90 23.46
N ASP C 115 3.43 -9.17 24.08
CA ASP C 115 3.44 -7.73 23.92
C ASP C 115 3.92 -7.29 22.55
N LEU C 116 4.93 -7.98 22.03
CA LEU C 116 5.53 -7.71 20.74
C LEU C 116 5.70 -9.06 20.03
N VAL C 117 5.46 -9.12 18.72
CA VAL C 117 5.68 -10.32 17.95
C VAL C 117 6.65 -9.96 16.83
N VAL C 118 7.77 -10.69 16.74
CA VAL C 118 8.70 -10.52 15.63
C VAL C 118 8.48 -11.71 14.70
N ALA C 119 8.01 -11.43 13.48
CA ALA C 119 7.61 -12.46 12.54
C ALA C 119 8.62 -12.62 11.42
N ALA C 120 9.06 -13.86 11.20
CA ALA C 120 9.93 -14.19 10.06
C ALA C 120 9.13 -14.05 8.75
N PRO C 121 9.82 -13.76 7.63
CA PRO C 121 9.13 -13.55 6.36
C PRO C 121 8.17 -14.67 5.94
N ALA C 122 8.52 -15.93 6.23
CA ALA C 122 7.66 -17.04 5.81
C ALA C 122 6.66 -17.54 6.89
N SER C 123 6.58 -16.81 8.00
CA SER C 123 5.74 -17.22 9.10
C SER C 123 4.28 -16.90 8.67
N TYR C 124 3.30 -17.49 9.35
CA TYR C 124 1.90 -17.14 9.09
C TYR C 124 1.04 -17.41 10.30
N PHE C 125 -0.16 -16.81 10.27
CA PHE C 125 -1.12 -16.85 11.37
C PHE C 125 -2.44 -17.38 10.81
N GLN C 126 -3.06 -18.31 11.53
CA GLN C 126 -4.24 -19.01 10.96
C GLN C 126 -5.11 -19.56 12.07
N LEU C 127 -6.43 -19.35 11.95
CA LEU C 127 -7.39 -20.04 12.81
C LEU C 127 -7.97 -21.20 11.98
N ALA C 128 -7.35 -22.38 12.08
CA ALA C 128 -7.69 -23.56 11.28
C ALA C 128 -8.80 -24.37 11.92
N PHE C 129 -9.28 -23.92 13.08
CA PHE C 129 -10.28 -24.64 13.87
C PHE C 129 -11.45 -25.10 13.05
N THR C 130 -12.04 -24.19 12.27
CA THR C 130 -13.25 -24.52 11.54
C THR C 130 -13.05 -25.62 10.53
N ARG C 131 -11.81 -25.80 10.08
CA ARG C 131 -11.50 -26.88 9.13
C ARG C 131 -11.78 -28.29 9.73
N VAL C 132 -11.75 -28.41 11.06
CA VAL C 132 -12.15 -29.65 11.78
C VAL C 132 -13.49 -29.54 12.52
N GLY C 133 -14.26 -28.49 12.22
CA GLY C 133 -15.56 -28.25 12.84
C GLY C 133 -15.49 -27.72 14.26
N LEU C 134 -14.41 -27.01 14.59
CA LEU C 134 -14.22 -26.45 15.94
C LEU C 134 -14.23 -24.92 15.88
N MET C 135 -14.11 -24.28 17.05
CA MET C 135 -14.12 -22.82 17.18
C MET C 135 -12.79 -22.31 17.74
N PRO C 136 -12.51 -20.99 17.61
CA PRO C 136 -11.25 -20.47 18.12
C PRO C 136 -11.11 -20.66 19.63
N ASP C 137 -9.87 -20.71 20.11
CA ASP C 137 -9.64 -20.92 21.53
C ASP C 137 -8.59 -19.98 22.08
N GLY C 138 -8.24 -20.13 23.36
CA GLY C 138 -7.18 -19.33 23.95
C GLY C 138 -7.59 -17.90 24.27
N GLY C 139 -8.79 -17.49 23.85
CA GLY C 139 -9.12 -16.05 23.84
C GLY C 139 -8.94 -15.32 22.50
N ALA C 140 -8.63 -16.07 21.45
CA ALA C 140 -8.40 -15.48 20.14
C ALA C 140 -9.59 -14.60 19.76
N SER C 141 -10.81 -15.03 20.10
CA SER C 141 -12.03 -14.27 19.73
C SER C 141 -12.04 -12.87 20.32
N ALA C 142 -11.36 -12.70 21.47
CA ALA C 142 -11.18 -11.37 22.10
C ALA C 142 -9.87 -10.63 21.70
N LEU C 143 -8.81 -11.39 21.49
CA LEU C 143 -7.51 -10.80 21.17
C LEU C 143 -7.55 -10.20 19.78
N LEU C 144 -8.04 -10.97 18.82
CA LEU C 144 -7.94 -10.55 17.42
C LEU C 144 -8.69 -9.26 17.06
N PRO C 145 -9.94 -9.08 17.54
CA PRO C 145 -10.61 -7.86 17.08
C PRO C 145 -9.99 -6.55 17.56
N LEU C 146 -9.25 -6.60 18.66
CA LEU C 146 -8.59 -5.42 19.19
C LEU C 146 -7.24 -5.23 18.49
N LEU C 147 -6.92 -6.17 17.59
CA LEU C 147 -5.72 -6.06 16.74
C LEU C 147 -6.06 -5.64 15.33
N ILE C 148 -7.05 -6.32 14.72
CA ILE C 148 -7.31 -6.20 13.29
C ILE C 148 -8.75 -5.87 12.93
N GLY C 149 -9.58 -5.70 13.97
CA GLY C 149 -11.01 -5.41 13.77
C GLY C 149 -11.86 -6.67 13.60
N ARG C 150 -13.16 -6.49 13.73
CA ARG C 150 -14.12 -7.58 13.70
C ARG C 150 -14.24 -8.27 12.33
N ALA C 151 -14.22 -7.50 11.26
CA ALA C 151 -14.48 -8.09 9.94
C ALA C 151 -13.34 -9.02 9.54
N ARG C 152 -12.08 -8.61 9.71
CA ARG C 152 -10.99 -9.51 9.38
C ARG C 152 -10.85 -10.70 10.35
N THR C 153 -11.26 -10.50 11.60
CA THR C 153 -11.27 -11.59 12.56
C THR C 153 -12.31 -12.60 12.13
N SER C 154 -13.48 -12.10 11.79
CA SER C 154 -14.59 -12.95 11.37
C SER C 154 -14.16 -13.79 10.14
N ARG C 155 -13.47 -13.14 9.21
CA ARG C 155 -12.92 -13.85 8.06
C ARG C 155 -11.89 -14.93 8.46
N MET C 156 -10.88 -14.57 9.26
CA MET C 156 -9.96 -15.58 9.73
C MET C 156 -10.71 -16.80 10.30
N ALA C 157 -11.69 -16.56 11.18
CA ALA C 157 -12.40 -17.63 11.89
C ALA C 157 -13.24 -18.51 10.98
N MET C 158 -13.98 -17.87 10.08
CA MET C 158 -14.94 -18.58 9.26
C MET C 158 -14.33 -19.24 8.03
N THR C 159 -13.27 -18.63 7.47
CA THR C 159 -12.62 -19.19 6.27
C THR C 159 -11.40 -20.05 6.53
N ALA C 160 -10.80 -19.94 7.73
CA ALA C 160 -9.59 -20.67 8.12
C ALA C 160 -8.42 -20.45 7.19
N GLU C 161 -8.29 -19.26 6.63
CA GLU C 161 -7.21 -18.98 5.68
C GLU C 161 -5.94 -18.59 6.40
N LYS C 162 -4.80 -18.86 5.76
CA LYS C 162 -3.51 -18.42 6.30
C LYS C 162 -3.32 -16.94 6.04
N ILE C 163 -2.85 -16.23 7.06
CA ILE C 163 -2.50 -14.84 6.91
C ILE C 163 -0.99 -14.78 6.99
N SER C 164 -0.36 -14.39 5.89
CA SER C 164 1.10 -14.18 5.89
C SER C 164 1.59 -13.17 6.93
N ALA C 165 2.86 -13.26 7.27
CA ALA C 165 3.47 -12.31 8.20
C ALA C 165 3.31 -10.87 7.67
N ALA C 166 3.54 -10.70 6.36
CA ALA C 166 3.42 -9.37 5.76
C ALA C 166 2.00 -8.82 5.93
N THR C 167 1.00 -9.65 5.62
CA THR C 167 -0.39 -9.20 5.79
C THR C 167 -0.72 -8.93 7.29
N ALA C 168 -0.28 -9.84 8.18
CA ALA C 168 -0.53 -9.68 9.61
C ALA C 168 0.03 -8.32 10.08
N PHE C 169 1.25 -8.02 9.65
CA PHE C 169 1.86 -6.70 9.95
C PHE C 169 1.04 -5.55 9.35
N GLU C 170 0.57 -5.68 8.11
CA GLU C 170 -0.16 -4.56 7.49
C GLU C 170 -1.49 -4.25 8.22
N TRP C 171 -2.11 -5.32 8.73
CA TRP C 171 -3.37 -5.27 9.48
C TRP C 171 -3.20 -4.80 10.93
N GLY C 172 -1.97 -4.67 11.44
CA GLY C 172 -1.76 -4.34 12.83
C GLY C 172 -1.97 -5.52 13.77
N MET C 173 -1.90 -6.75 13.23
CA MET C 173 -1.97 -7.96 14.07
C MET C 173 -0.76 -8.13 14.98
N ILE C 174 0.42 -7.76 14.46
CA ILE C 174 1.68 -8.03 15.09
C ILE C 174 2.54 -6.78 15.03
N SER C 175 3.43 -6.59 16.03
CA SER C 175 4.20 -5.38 16.13
C SER C 175 5.33 -5.28 15.10
N HIS C 176 6.01 -6.39 14.78
CA HIS C 176 7.23 -6.34 13.95
C HIS C 176 7.18 -7.33 12.83
N ILE C 177 7.68 -6.91 11.66
CA ILE C 177 7.85 -7.80 10.53
C ILE C 177 9.33 -7.86 10.22
N THR C 178 9.79 -8.97 9.67
CA THR C 178 11.16 -9.01 9.16
C THR C 178 11.13 -9.50 7.73
N SER C 179 12.22 -9.20 7.02
CA SER C 179 12.36 -9.51 5.61
CA SER C 179 12.38 -9.48 5.60
C SER C 179 13.74 -10.13 5.34
N ALA C 180 13.92 -10.69 4.14
CA ALA C 180 15.21 -11.29 3.73
C ALA C 180 15.71 -12.32 4.73
N ASP C 181 17.01 -12.26 5.08
CA ASP C 181 17.63 -13.18 6.05
C ASP C 181 17.82 -12.51 7.42
N GLU C 182 17.06 -11.47 7.68
CA GLU C 182 17.22 -10.68 8.87
C GLU C 182 16.40 -11.11 10.10
N TYR C 183 15.52 -12.09 9.97
CA TYR C 183 14.67 -12.47 11.14
C TYR C 183 15.45 -12.55 12.45
N GLU C 184 16.52 -13.35 12.45
CA GLU C 184 17.30 -13.62 13.65
C GLU C 184 17.93 -12.35 14.24
N SER C 185 18.53 -11.50 13.41
CA SER C 185 19.22 -10.33 13.94
C SER C 185 18.27 -9.29 14.47
N VAL C 186 17.15 -9.08 13.77
CA VAL C 186 16.11 -8.16 14.25
C VAL C 186 15.52 -8.68 15.56
N LEU C 187 15.29 -9.97 15.66
CA LEU C 187 14.74 -10.56 16.89
C LEU C 187 15.74 -10.28 17.99
N THR C 188 17.02 -10.49 17.69
CA THR C 188 18.07 -10.24 18.68
C THR C 188 18.12 -8.77 19.08
N ASP C 189 18.09 -7.88 18.10
CA ASP C 189 18.09 -6.45 18.37
C ASP C 189 16.90 -6.05 19.26
N VAL C 190 15.69 -6.49 18.92
CA VAL C 190 14.50 -6.08 19.68
C VAL C 190 14.65 -6.62 21.10
N LEU C 191 15.06 -7.88 21.22
CA LEU C 191 15.20 -8.49 22.53
C LEU C 191 16.23 -7.76 23.44
N ARG C 192 17.39 -7.41 22.88
CA ARG C 192 18.46 -6.79 23.66
C ARG C 192 17.98 -5.42 24.12
N SER C 193 17.26 -4.73 23.24
CA SER C 193 16.81 -3.38 23.51
C SER C 193 15.70 -3.34 24.60
N VAL C 194 14.72 -4.23 24.49
CA VAL C 194 13.62 -4.36 25.44
C VAL C 194 14.08 -4.85 26.84
N SER C 195 15.02 -5.83 26.85
CA SER C 195 15.52 -6.41 28.10
C SER C 195 16.46 -5.47 28.85
N GLY C 196 16.89 -4.41 28.19
CA GLY C 196 17.70 -3.39 28.83
C GLY C 196 16.89 -2.14 29.11
N GLY C 197 15.58 -2.19 28.86
CA GLY C 197 14.74 -1.01 29.03
C GLY C 197 14.22 -0.82 30.45
N PRO C 198 13.42 0.24 30.65
CA PRO C 198 12.79 0.47 31.96
C PRO C 198 11.65 -0.55 32.26
N THR C 199 12.03 -1.73 32.72
CA THR C 199 11.12 -2.82 33.01
C THR C 199 9.87 -2.45 33.82
N LEU C 200 10.02 -1.59 34.83
CA LEU C 200 8.87 -1.22 35.65
C LEU C 200 7.87 -0.39 34.88
N ALA C 201 8.36 0.53 34.02
CA ALA C 201 7.50 1.32 33.16
C ALA C 201 6.82 0.44 32.13
N PHE C 202 7.52 -0.60 31.65
CA PHE C 202 6.90 -1.55 30.75
C PHE C 202 5.76 -2.26 31.46
N GLY C 203 5.98 -2.64 32.72
CA GLY C 203 4.97 -3.36 33.53
C GLY C 203 3.70 -2.53 33.70
N TRP C 204 3.89 -1.25 33.97
CA TRP C 204 2.78 -0.37 34.21
C TRP C 204 2.06 -0.03 32.91
N THR C 205 2.82 0.05 31.83
CA THR C 205 2.26 0.20 30.48
C THR C 205 1.37 -0.98 30.14
N LYS C 206 1.86 -2.20 30.38
CA LYS C 206 1.03 -3.39 30.23
C LYS C 206 -0.27 -3.37 31.05
N ARG C 207 -0.18 -3.03 32.35
CA ARG C 207 -1.40 -2.99 33.17
C ARG C 207 -2.45 -2.05 32.58
N ALA C 208 -2.02 -0.89 32.07
CA ALA C 208 -2.96 0.10 31.53
C ALA C 208 -3.55 -0.39 30.20
N LEU C 209 -2.71 -0.98 29.35
CA LEU C 209 -3.17 -1.54 28.07
C LEU C 209 -4.08 -2.73 28.28
N ALA C 210 -3.81 -3.54 29.31
CA ALA C 210 -4.64 -4.67 29.65
C ALA C 210 -6.05 -4.21 30.02
N ALA C 211 -6.15 -3.22 30.92
CA ALA C 211 -7.45 -2.61 31.23
C ALA C 211 -8.15 -2.03 30.01
N ALA C 212 -7.40 -1.39 29.12
CA ALA C 212 -7.95 -0.80 27.91
C ALA C 212 -8.49 -1.80 26.92
N THR C 213 -7.93 -3.02 26.92
CA THR C 213 -8.18 -3.94 25.78
C THR C 213 -8.66 -5.32 26.16
N LEU C 214 -8.46 -5.72 27.41
CA LEU C 214 -8.70 -7.12 27.75
C LEU C 214 -9.93 -7.35 28.62
N ALA C 215 -10.78 -6.32 28.73
CA ALA C 215 -11.93 -6.39 29.64
C ALA C 215 -12.74 -7.63 29.34
N GLU C 216 -12.80 -8.03 28.08
CA GLU C 216 -13.66 -9.17 27.70
C GLU C 216 -12.87 -10.47 27.61
N LEU C 217 -11.57 -10.46 27.90
CA LEU C 217 -10.76 -11.64 27.60
C LEU C 217 -11.34 -12.87 28.29
N GLU C 218 -11.59 -12.74 29.58
CA GLU C 218 -11.98 -13.90 30.33
C GLU C 218 -13.43 -14.36 30.08
N PRO C 219 -14.40 -13.44 30.00
CA PRO C 219 -15.74 -13.87 29.54
C PRO C 219 -15.72 -14.50 28.15
N VAL C 220 -14.88 -13.99 27.25
CA VAL C 220 -14.81 -14.59 25.91
C VAL C 220 -14.15 -15.98 25.96
N GLN C 221 -13.11 -16.12 26.77
CA GLN C 221 -12.51 -17.44 27.02
C GLN C 221 -13.51 -18.46 27.60
N ALA C 222 -14.41 -18.01 28.48
CA ALA C 222 -15.47 -18.88 29.04
C ALA C 222 -16.42 -19.43 27.97
N ILE C 223 -16.84 -18.56 27.06
CA ILE C 223 -17.70 -18.93 25.92
C ILE C 223 -17.00 -19.91 24.98
N GLU C 224 -15.72 -19.65 24.68
CA GLU C 224 -14.93 -20.56 23.85
C GLU C 224 -14.77 -21.94 24.49
N ALA C 225 -14.43 -21.97 25.78
CA ALA C 225 -14.32 -23.26 26.48
C ALA C 225 -15.66 -23.99 26.40
N GLU C 226 -16.76 -23.28 26.69
CA GLU C 226 -18.10 -23.90 26.61
C GLU C 226 -18.42 -24.39 25.20
N GLY C 227 -18.12 -23.56 24.19
CA GLY C 227 -18.37 -23.95 22.81
C GLY C 227 -17.61 -25.18 22.38
N GLN C 228 -16.31 -25.20 22.64
CA GLN C 228 -15.51 -26.33 22.22
C GLN C 228 -16.03 -27.62 22.89
N LEU C 229 -16.48 -27.52 24.13
CA LEU C 229 -17.00 -28.70 24.81
C LEU C 229 -18.25 -29.21 24.08
N ALA C 230 -19.09 -28.30 23.60
CA ALA C 230 -20.26 -28.68 22.84
C ALA C 230 -19.91 -29.17 21.46
N LEU C 231 -18.89 -28.58 20.84
CA LEU C 231 -18.58 -28.90 19.44
C LEU C 231 -17.95 -30.28 19.26
N VAL C 232 -17.22 -30.76 20.28
CA VAL C 232 -16.61 -32.06 20.15
C VAL C 232 -17.65 -33.21 20.24
N GLU C 233 -18.89 -32.89 20.57
CA GLU C 233 -19.97 -33.88 20.56
C GLU C 233 -20.72 -33.93 19.24
N THR C 234 -20.38 -33.06 18.29
CA THR C 234 -21.19 -32.87 17.07
C THR C 234 -20.71 -33.82 15.98
N ALA C 235 -21.63 -34.16 15.06
CA ALA C 235 -21.26 -34.98 13.91
C ALA C 235 -20.17 -34.33 13.03
N ASP C 236 -20.22 -33.00 12.92
CA ASP C 236 -19.23 -32.25 12.15
C ASP C 236 -17.77 -32.37 12.69
N PHE C 237 -17.58 -32.28 14.01
CA PHE C 237 -16.25 -32.54 14.56
C PHE C 237 -15.75 -33.98 14.22
N ARG C 238 -16.60 -34.99 14.43
CA ARG C 238 -16.19 -36.38 14.17
C ARG C 238 -15.76 -36.48 12.72
N GLU C 239 -16.59 -35.92 11.84
CA GLU C 239 -16.24 -35.86 10.42
C GLU C 239 -14.97 -35.04 10.16
N GLY C 240 -14.85 -33.90 10.86
CA GLY C 240 -13.67 -33.02 10.73
C GLY C 240 -12.34 -33.66 11.17
N ALA C 241 -12.36 -34.25 12.36
CA ALA C 241 -11.21 -34.97 12.92
C ALA C 241 -10.82 -36.17 12.05
N ARG C 242 -11.82 -36.84 11.45
CA ARG C 242 -11.56 -37.95 10.57
C ARG C 242 -11.03 -37.51 9.21
N ALA C 243 -11.54 -36.41 8.66
CA ALA C 243 -11.16 -36.02 7.30
C ALA C 243 -9.79 -35.38 7.26
N PHE C 244 -9.42 -34.74 8.37
CA PHE C 244 -8.08 -34.16 8.55
C PHE C 244 -7.02 -35.26 8.60
N ARG C 245 -7.18 -36.19 9.55
CA ARG C 245 -6.31 -37.36 9.72
C ARG C 245 -6.26 -38.31 8.50
N GLU C 246 -7.16 -38.13 7.53
CA GLU C 246 -7.19 -38.95 6.32
C GLU C 246 -6.75 -38.20 5.07
N ARG C 247 -6.38 -36.92 5.23
CA ARG C 247 -6.02 -36.02 4.12
C ARG C 247 -7.12 -35.95 3.04
N ARG C 248 -8.38 -36.06 3.50
CA ARG C 248 -9.57 -35.94 2.65
C ARG C 248 -10.22 -34.61 3.01
N THR C 249 -10.97 -34.03 2.10
CA THR C 249 -11.72 -32.81 2.41
C THR C 249 -13.04 -33.15 3.16
N PRO C 250 -13.30 -32.50 4.32
CA PRO C 250 -14.47 -32.88 5.15
C PRO C 250 -15.82 -32.60 4.51
N ASN C 251 -16.81 -33.41 4.88
CA ASN C 251 -18.16 -33.21 4.44
C ASN C 251 -19.07 -32.79 5.61
N PHE C 252 -19.18 -31.47 5.81
CA PHE C 252 -19.91 -30.90 6.95
C PHE C 252 -21.41 -30.81 6.70
N ARG C 253 -22.20 -31.08 7.73
CA ARG C 253 -23.64 -31.12 7.60
C ARG C 253 -24.41 -30.08 8.47
N GLY C 254 -23.73 -29.53 9.47
CA GLY C 254 -24.31 -28.58 10.42
C GLY C 254 -24.99 -29.26 11.60
N HIS C 255 -24.50 -30.45 11.95
CA HIS C 255 -25.02 -31.28 13.04
C HIS C 255 -23.81 -31.89 13.77
N SER D 4 -23.03 6.52 -37.21
CA SER D 4 -22.33 5.23 -36.95
C SER D 4 -22.15 4.42 -38.24
N MET D 5 -20.89 4.20 -38.63
CA MET D 5 -20.54 3.38 -39.80
C MET D 5 -19.41 2.42 -39.44
N ASN D 6 -19.50 1.19 -39.95
CA ASN D 6 -18.51 0.15 -39.67
C ASN D 6 -18.17 0.01 -38.17
N GLY D 7 -19.21 0.12 -37.34
CA GLY D 7 -19.10 -0.05 -35.89
C GLY D 7 -18.47 1.09 -35.10
N ILE D 8 -18.37 2.28 -35.72
CA ILE D 8 -17.89 3.49 -35.01
C ILE D 8 -18.89 4.64 -35.15
N SER D 9 -19.28 5.23 -34.02
CA SER D 9 -19.99 6.52 -34.06
C SER D 9 -19.09 7.65 -33.62
N VAL D 10 -19.28 8.79 -34.26
CA VAL D 10 -18.51 10.00 -34.07
C VAL D 10 -19.51 11.12 -33.89
N GLU D 11 -19.31 11.93 -32.86
CA GLU D 11 -20.05 13.20 -32.71
C GLU D 11 -19.17 14.25 -32.07
N HIS D 12 -19.52 15.52 -32.26
CA HIS D 12 -18.87 16.62 -31.60
C HIS D 12 -19.68 17.08 -30.42
N ASP D 13 -19.01 17.29 -29.28
CA ASP D 13 -19.65 17.92 -28.13
C ASP D 13 -18.74 19.07 -27.73
N GLY D 14 -19.02 20.25 -28.29
CA GLY D 14 -18.16 21.41 -28.14
C GLY D 14 -16.80 21.18 -28.77
N ALA D 15 -15.76 21.20 -27.93
CA ALA D 15 -14.39 21.05 -28.42
C ALA D 15 -13.89 19.62 -28.33
N VAL D 16 -14.82 18.68 -28.09
CA VAL D 16 -14.49 17.25 -27.93
C VAL D 16 -15.01 16.41 -29.09
N LEU D 17 -14.13 15.62 -29.69
CA LEU D 17 -14.53 14.59 -30.61
C LEU D 17 -14.79 13.30 -29.83
N ARG D 18 -16.05 12.88 -29.81
CA ARG D 18 -16.44 11.68 -29.09
C ARG D 18 -16.44 10.58 -30.12
N ILE D 19 -15.49 9.65 -29.97
CA ILE D 19 -15.42 8.49 -30.83
C ILE D 19 -15.76 7.28 -29.97
N ARG D 20 -16.72 6.51 -30.43
CA ARG D 20 -17.34 5.47 -29.64
C ARG D 20 -17.42 4.20 -30.48
N LEU D 21 -16.69 3.17 -30.03
CA LEU D 21 -16.82 1.81 -30.54
C LEU D 21 -18.27 1.42 -30.33
N ASP D 22 -18.93 1.07 -31.41
CA ASP D 22 -20.38 0.89 -31.41
C ASP D 22 -20.77 -0.51 -31.92
N ARG D 23 -20.20 -1.56 -31.33
CA ARG D 23 -20.68 -2.91 -31.58
C ARG D 23 -21.01 -3.56 -30.25
N PRO D 24 -21.96 -2.97 -29.49
CA PRO D 24 -22.18 -3.48 -28.13
C PRO D 24 -22.65 -4.95 -28.10
N GLU D 25 -23.44 -5.36 -29.08
CA GLU D 25 -23.91 -6.75 -29.16
C GLU D 25 -22.73 -7.72 -29.19
N LYS D 26 -21.57 -7.28 -29.71
CA LYS D 26 -20.35 -8.12 -29.76
C LYS D 26 -19.26 -7.66 -28.77
N LEU D 27 -19.67 -6.89 -27.78
CA LEU D 27 -18.77 -6.36 -26.75
C LEU D 27 -17.61 -5.60 -27.40
N ASN D 28 -17.91 -4.91 -28.50
CA ASN D 28 -16.96 -4.10 -29.22
C ASN D 28 -15.72 -4.87 -29.68
N ALA D 29 -15.89 -6.16 -29.98
CA ALA D 29 -14.90 -6.90 -30.76
C ALA D 29 -14.69 -6.17 -32.08
N VAL D 30 -13.49 -6.22 -32.62
CA VAL D 30 -13.14 -5.42 -33.79
C VAL D 30 -12.76 -6.25 -35.02
N ASP D 31 -13.14 -5.78 -36.20
CA ASP D 31 -12.60 -6.33 -37.45
C ASP D 31 -11.86 -5.23 -38.23
N THR D 32 -11.36 -5.57 -39.40
CA THR D 32 -10.55 -4.65 -40.19
C THR D 32 -11.31 -3.38 -40.61
N PRO D 33 -12.50 -3.51 -41.22
CA PRO D 33 -13.21 -2.26 -41.54
C PRO D 33 -13.54 -1.38 -40.32
N MET D 34 -13.81 -1.98 -39.15
CA MET D 34 -14.00 -1.19 -37.93
C MET D 34 -12.68 -0.47 -37.55
N LEU D 35 -11.57 -1.21 -37.62
CA LEU D 35 -10.26 -0.65 -37.27
C LEU D 35 -9.84 0.47 -38.25
N GLU D 36 -10.10 0.26 -39.53
CA GLU D 36 -9.80 1.28 -40.54
C GLU D 36 -10.69 2.51 -40.32
N GLU D 37 -11.98 2.32 -40.02
CA GLU D 37 -12.87 3.43 -39.73
C GLU D 37 -12.31 4.29 -38.58
N LEU D 38 -11.90 3.60 -37.51
CA LEU D 38 -11.35 4.22 -36.33
C LEU D 38 -10.10 5.06 -36.64
N SER D 39 -9.17 4.49 -37.40
CA SER D 39 -7.98 5.23 -37.85
C SER D 39 -8.31 6.56 -38.48
N VAL D 40 -9.22 6.50 -39.44
CA VAL D 40 -9.61 7.66 -40.23
C VAL D 40 -10.06 8.84 -39.37
N HIS D 41 -11.02 8.61 -38.46
CA HIS D 41 -11.53 9.70 -37.62
C HIS D 41 -10.52 10.25 -36.63
N ILE D 42 -9.67 9.36 -36.09
CA ILE D 42 -8.57 9.79 -35.21
C ILE D 42 -7.68 10.76 -35.98
N ARG D 43 -7.19 10.32 -37.13
CA ARG D 43 -6.37 11.16 -38.03
C ARG D 43 -7.06 12.48 -38.43
N ASP D 44 -8.34 12.44 -38.77
CA ASP D 44 -9.04 13.67 -39.17
C ASP D 44 -9.22 14.69 -38.02
N ALA D 45 -9.09 14.25 -36.76
CA ALA D 45 -9.13 15.20 -35.61
C ALA D 45 -8.04 16.26 -35.71
N GLU D 46 -6.91 15.90 -36.30
CA GLU D 46 -5.82 16.84 -36.43
C GLU D 46 -6.21 18.15 -37.17
N ALA D 47 -6.84 18.02 -38.34
CA ALA D 47 -7.18 19.15 -39.22
C ALA D 47 -8.37 19.96 -38.71
N ASP D 48 -9.17 19.33 -37.86
CA ASP D 48 -10.41 19.90 -37.42
C ASP D 48 -10.15 20.91 -36.30
N GLU D 49 -10.25 22.18 -36.68
CA GLU D 49 -10.00 23.33 -35.83
C GLU D 49 -10.81 23.33 -34.55
N SER D 50 -11.99 22.73 -34.58
CA SER D 50 -12.88 22.75 -33.44
C SER D 50 -12.58 21.62 -32.42
N VAL D 51 -11.68 20.71 -32.78
CA VAL D 51 -11.38 19.61 -31.89
C VAL D 51 -10.20 19.99 -31.02
N ARG D 52 -10.41 20.00 -29.71
CA ARG D 52 -9.31 20.19 -28.78
C ARG D 52 -8.94 18.96 -27.96
N ALA D 53 -9.81 17.95 -27.99
CA ALA D 53 -9.60 16.72 -27.25
C ALA D 53 -10.41 15.63 -27.93
N VAL D 54 -9.87 14.42 -27.92
CA VAL D 54 -10.58 13.27 -28.45
C VAL D 54 -10.99 12.36 -27.28
N LEU D 55 -12.27 11.99 -27.23
CA LEU D 55 -12.72 11.01 -26.27
C LEU D 55 -12.96 9.69 -26.97
N LEU D 56 -12.32 8.64 -26.46
CA LEU D 56 -12.50 7.30 -26.95
C LEU D 56 -13.22 6.46 -25.86
N THR D 57 -14.38 5.89 -26.20
CA THR D 57 -15.13 5.02 -25.30
C THR D 57 -15.74 3.89 -26.09
N GLY D 58 -16.35 2.94 -25.40
CA GLY D 58 -17.05 1.86 -26.08
C GLY D 58 -18.48 1.78 -25.58
N ALA D 59 -19.40 1.50 -26.50
CA ALA D 59 -20.81 1.32 -26.15
C ALA D 59 -21.05 -0.05 -25.54
N GLY D 60 -22.01 -0.13 -24.63
CA GLY D 60 -22.41 -1.43 -24.12
C GLY D 60 -21.62 -1.81 -22.89
N ARG D 61 -21.43 -3.13 -22.68
CA ARG D 61 -20.82 -3.66 -21.42
C ARG D 61 -19.30 -3.52 -21.40
N ALA D 62 -18.65 -3.56 -22.57
CA ALA D 62 -17.17 -3.56 -22.66
C ALA D 62 -16.59 -2.38 -23.43
N PHE D 63 -15.44 -1.89 -22.99
CA PHE D 63 -14.70 -0.84 -23.74
C PHE D 63 -14.35 -1.44 -25.11
N CYS D 64 -13.71 -2.61 -25.09
CA CYS D 64 -13.33 -3.28 -26.34
C CYS D 64 -12.80 -4.67 -25.99
N SER D 65 -13.43 -5.70 -26.54
CA SER D 65 -13.05 -7.10 -26.30
CA SER D 65 -12.99 -7.06 -26.23
C SER D 65 -11.94 -7.60 -27.21
N GLY D 66 -11.47 -6.74 -28.12
CA GLY D 66 -10.32 -7.11 -29.00
C GLY D 66 -10.69 -7.69 -30.36
N GLY D 67 -9.78 -8.49 -30.94
CA GLY D 67 -9.92 -9.01 -32.29
C GLY D 67 -11.02 -10.04 -32.36
N ASP D 68 -11.83 -9.98 -33.41
CA ASP D 68 -12.94 -10.94 -33.61
C ASP D 68 -12.42 -12.26 -34.18
N ASP D 73 -8.54 -12.83 -41.73
CA ASP D 73 -7.84 -11.73 -42.38
C ASP D 73 -6.72 -11.21 -41.47
N THR D 74 -5.76 -12.09 -41.14
CA THR D 74 -4.79 -11.81 -40.08
C THR D 74 -3.89 -10.61 -40.38
N ALA D 75 -3.24 -10.65 -41.55
CA ALA D 75 -2.31 -9.58 -41.96
C ALA D 75 -2.99 -8.19 -41.97
N GLY D 76 -4.21 -8.14 -42.48
CA GLY D 76 -4.98 -6.91 -42.66
C GLY D 76 -5.45 -6.34 -41.33
N ALA D 77 -5.95 -7.19 -40.45
CA ALA D 77 -6.33 -6.82 -39.11
C ALA D 77 -5.16 -6.28 -38.29
N ALA D 78 -4.00 -6.92 -38.42
CA ALA D 78 -2.80 -6.54 -37.64
C ALA D 78 -2.34 -5.15 -38.09
N ASP D 79 -2.31 -4.96 -39.41
CA ASP D 79 -1.88 -3.68 -40.01
CA ASP D 79 -1.90 -3.70 -39.99
C ASP D 79 -2.81 -2.57 -39.54
N ALA D 80 -4.12 -2.81 -39.59
CA ALA D 80 -5.11 -1.78 -39.23
C ALA D 80 -5.08 -1.47 -37.73
N ALA D 81 -4.94 -2.51 -36.92
CA ALA D 81 -4.75 -2.34 -35.49
C ALA D 81 -3.47 -1.53 -35.22
N ASN D 82 -2.38 -1.88 -35.89
CA ASN D 82 -1.15 -1.13 -35.74
C ASN D 82 -1.35 0.34 -36.15
N ARG D 83 -2.11 0.59 -37.21
CA ARG D 83 -2.37 1.97 -37.67
C ARG D 83 -3.18 2.76 -36.67
N VAL D 84 -4.19 2.14 -36.07
CA VAL D 84 -4.99 2.83 -35.07
C VAL D 84 -4.11 3.36 -33.92
N VAL D 85 -3.21 2.52 -33.43
CA VAL D 85 -2.27 2.92 -32.35
C VAL D 85 -1.30 4.03 -32.77
N ARG D 86 -0.71 3.91 -33.96
CA ARG D 86 0.17 4.97 -34.42
C ARG D 86 -0.64 6.25 -34.57
N ALA D 87 -1.89 6.14 -35.04
CA ALA D 87 -2.71 7.32 -35.24
C ALA D 87 -3.01 8.05 -33.90
N ILE D 88 -3.31 7.31 -32.85
CA ILE D 88 -3.56 7.90 -31.54
C ILE D 88 -2.29 8.55 -30.96
N THR D 89 -1.19 7.81 -30.98
CA THR D 89 0.05 8.29 -30.39
C THR D 89 0.67 9.48 -31.14
N SER D 90 0.42 9.58 -32.43
CA SER D 90 1.01 10.70 -33.17
C SER D 90 0.06 11.89 -33.38
N LEU D 91 -1.22 11.78 -32.98
CA LEU D 91 -2.15 12.91 -33.06
C LEU D 91 -1.68 13.99 -32.10
N PRO D 92 -1.34 15.21 -32.61
CA PRO D 92 -0.87 16.30 -31.72
C PRO D 92 -1.99 16.93 -30.85
N LYS D 93 -2.92 16.11 -30.41
CA LYS D 93 -4.00 16.51 -29.53
C LYS D 93 -4.23 15.36 -28.54
N PRO D 94 -4.62 15.67 -27.27
CA PRO D 94 -4.82 14.61 -26.29
C PRO D 94 -6.03 13.78 -26.59
N VAL D 95 -5.86 12.48 -26.41
CA VAL D 95 -6.89 11.48 -26.52
C VAL D 95 -7.04 10.82 -25.15
N ILE D 96 -8.27 10.83 -24.66
CA ILE D 96 -8.60 10.25 -23.38
C ILE D 96 -9.45 9.01 -23.60
N ALA D 97 -9.05 7.89 -23.01
CA ALA D 97 -9.88 6.69 -23.09
C ALA D 97 -10.73 6.66 -21.83
N GLY D 98 -12.04 6.58 -22.01
CA GLY D 98 -12.93 6.34 -20.88
C GLY D 98 -13.21 4.86 -20.90
N VAL D 99 -12.62 4.14 -19.96
CA VAL D 99 -12.66 2.67 -19.97
C VAL D 99 -13.61 2.17 -18.90
N HIS D 100 -14.74 1.65 -19.33
CA HIS D 100 -15.69 0.99 -18.42
C HIS D 100 -15.65 -0.47 -18.83
N GLY D 101 -15.67 -1.36 -17.87
CA GLY D 101 -15.62 -2.78 -18.19
C GLY D 101 -14.36 -3.25 -18.92
N ALA D 102 -14.52 -4.28 -19.76
CA ALA D 102 -13.40 -5.04 -20.27
C ALA D 102 -12.57 -4.27 -21.32
N ALA D 103 -11.25 -4.30 -21.15
CA ALA D 103 -10.33 -3.88 -22.21
C ALA D 103 -9.35 -5.02 -22.47
N VAL D 104 -9.66 -5.82 -23.49
CA VAL D 104 -9.11 -7.16 -23.64
C VAL D 104 -8.43 -7.32 -25.01
N GLY D 105 -7.25 -7.93 -25.03
CA GLY D 105 -6.48 -8.07 -26.26
C GLY D 105 -6.13 -6.72 -26.87
N PHE D 106 -6.44 -6.53 -28.15
CA PHE D 106 -6.30 -5.22 -28.75
C PHE D 106 -7.07 -4.08 -28.02
N GLY D 107 -8.17 -4.41 -27.34
CA GLY D 107 -8.86 -3.40 -26.54
C GLY D 107 -7.95 -2.83 -25.45
N CYS D 108 -7.05 -3.66 -24.92
CA CYS D 108 -6.01 -3.19 -23.99
C CYS D 108 -5.00 -2.24 -24.67
N SER D 109 -4.38 -2.68 -25.77
CA SER D 109 -3.46 -1.82 -26.55
C SER D 109 -4.12 -0.48 -26.93
N LEU D 110 -5.39 -0.57 -27.34
CA LEU D 110 -6.17 0.64 -27.70
C LEU D 110 -6.27 1.65 -26.59
N ALA D 111 -6.69 1.20 -25.42
CA ALA D 111 -6.75 2.06 -24.25
C ALA D 111 -5.40 2.68 -23.93
N LEU D 112 -4.39 1.82 -23.83
CA LEU D 112 -3.06 2.24 -23.35
C LEU D 112 -2.30 3.11 -24.35
N ALA D 113 -2.76 3.16 -25.60
CA ALA D 113 -2.17 4.06 -26.57
C ALA D 113 -2.62 5.49 -26.23
N CYS D 114 -3.74 5.64 -25.52
CA CYS D 114 -4.27 6.98 -25.26
C CYS D 114 -3.42 7.76 -24.29
N ASP D 115 -3.58 9.08 -24.31
CA ASP D 115 -2.79 9.93 -23.43
C ASP D 115 -3.19 9.86 -22.01
N LEU D 116 -4.50 9.77 -21.77
CA LEU D 116 -4.98 9.63 -20.41
C LEU D 116 -6.03 8.53 -20.46
N VAL D 117 -6.13 7.77 -19.37
CA VAL D 117 -7.08 6.68 -19.29
C VAL D 117 -7.83 6.85 -17.98
N VAL D 118 -9.14 6.98 -18.07
CA VAL D 118 -10.01 7.08 -16.88
C VAL D 118 -10.77 5.72 -16.76
N ALA D 119 -10.41 4.94 -15.74
CA ALA D 119 -10.95 3.62 -15.56
C ALA D 119 -12.06 3.58 -14.53
N ALA D 120 -13.19 2.98 -14.90
CA ALA D 120 -14.29 2.66 -13.98
C ALA D 120 -13.88 1.58 -12.97
N PRO D 121 -14.51 1.56 -11.79
CA PRO D 121 -13.97 0.59 -10.79
C PRO D 121 -14.01 -0.88 -11.16
N ALA D 122 -14.95 -1.32 -12.00
CA ALA D 122 -15.08 -2.73 -12.36
C ALA D 122 -14.43 -3.01 -13.70
N SER D 123 -13.79 -1.98 -14.24
CA SER D 123 -13.07 -2.16 -15.49
C SER D 123 -11.82 -3.03 -15.27
N TYR D 124 -11.29 -3.60 -16.36
CA TYR D 124 -10.09 -4.40 -16.27
C TYR D 124 -9.34 -4.47 -17.62
N PHE D 125 -8.07 -4.86 -17.55
CA PHE D 125 -7.13 -4.83 -18.66
C PHE D 125 -6.51 -6.20 -18.71
N GLN D 126 -6.48 -6.80 -19.90
CA GLN D 126 -6.06 -8.19 -20.03
C GLN D 126 -5.52 -8.46 -21.42
N LEU D 127 -4.42 -9.18 -21.47
CA LEU D 127 -3.82 -9.66 -22.71
C LEU D 127 -4.26 -11.11 -22.84
N ALA D 128 -5.45 -11.29 -23.37
CA ALA D 128 -6.08 -12.61 -23.37
C ALA D 128 -5.62 -13.43 -24.55
N PHE D 129 -4.71 -12.89 -25.36
CA PHE D 129 -4.27 -13.49 -26.66
C PHE D 129 -3.80 -14.95 -26.53
N THR D 130 -3.01 -15.23 -25.51
CA THR D 130 -2.42 -16.57 -25.36
C THR D 130 -3.44 -17.62 -24.96
N ARG D 131 -4.58 -17.20 -24.41
CA ARG D 131 -5.67 -18.16 -24.13
C ARG D 131 -6.18 -18.81 -25.41
N VAL D 132 -5.95 -18.15 -26.56
CA VAL D 132 -6.31 -18.76 -27.86
C VAL D 132 -5.10 -19.12 -28.73
N GLY D 133 -3.91 -19.01 -28.13
CA GLY D 133 -2.67 -19.37 -28.80
C GLY D 133 -2.02 -18.28 -29.64
N LEU D 134 -2.36 -17.03 -29.36
CA LEU D 134 -1.82 -15.90 -30.13
C LEU D 134 -0.97 -15.02 -29.24
N MET D 135 -0.32 -14.01 -29.83
CA MET D 135 0.54 -13.11 -29.09
C MET D 135 -0.07 -11.70 -29.05
N PRO D 136 0.51 -10.81 -28.20
CA PRO D 136 0.00 -9.43 -28.13
C PRO D 136 0.12 -8.71 -29.46
N ASP D 137 -0.75 -7.73 -29.71
CA ASP D 137 -0.69 -7.00 -30.96
C ASP D 137 -1.00 -5.51 -30.71
N GLY D 138 -1.09 -4.75 -31.79
CA GLY D 138 -1.29 -3.30 -31.67
C GLY D 138 -0.03 -2.55 -31.27
N GLY D 139 1.02 -3.28 -30.92
CA GLY D 139 2.20 -2.65 -30.29
C GLY D 139 2.20 -2.70 -28.77
N ALA D 140 1.23 -3.42 -28.20
CA ALA D 140 1.23 -3.65 -26.75
C ALA D 140 2.57 -4.12 -26.19
N SER D 141 3.31 -4.92 -26.95
CA SER D 141 4.61 -5.38 -26.43
C SER D 141 5.58 -4.19 -26.22
N ALA D 142 5.40 -3.10 -26.98
CA ALA D 142 6.19 -1.88 -26.79
C ALA D 142 5.59 -0.92 -25.74
N LEU D 143 4.28 -0.86 -25.67
CA LEU D 143 3.58 0.11 -24.80
C LEU D 143 3.68 -0.29 -23.32
N LEU D 144 3.37 -1.55 -23.03
CA LEU D 144 3.25 -1.96 -21.64
C LEU D 144 4.59 -1.86 -20.82
N PRO D 145 5.75 -2.23 -21.41
CA PRO D 145 6.94 -2.13 -20.54
C PRO D 145 7.30 -0.69 -20.10
N LEU D 146 6.98 0.30 -20.92
CA LEU D 146 7.23 1.69 -20.54
CA LEU D 146 7.19 1.69 -20.59
C LEU D 146 6.06 2.24 -19.71
N LEU D 147 5.13 1.36 -19.34
CA LEU D 147 4.07 1.71 -18.36
C LEU D 147 4.32 0.99 -17.03
N ILE D 148 4.49 -0.34 -17.08
CA ILE D 148 4.44 -1.18 -15.87
C ILE D 148 5.70 -1.99 -15.66
N GLY D 149 6.62 -1.86 -16.63
CA GLY D 149 7.89 -2.57 -16.57
C GLY D 149 7.79 -3.94 -17.22
N ARG D 150 8.94 -4.56 -17.49
CA ARG D 150 9.01 -5.78 -18.28
C ARG D 150 8.45 -7.03 -17.56
N ALA D 151 8.63 -7.11 -16.25
CA ALA D 151 8.20 -8.31 -15.52
C ALA D 151 6.68 -8.37 -15.44
N ARG D 152 6.02 -7.24 -15.14
CA ARG D 152 4.55 -7.24 -15.10
C ARG D 152 3.94 -7.46 -16.48
N THR D 153 4.62 -6.93 -17.52
CA THR D 153 4.20 -7.18 -18.90
C THR D 153 4.33 -8.69 -19.26
N SER D 154 5.50 -9.28 -19.00
CA SER D 154 5.69 -10.69 -19.28
CA SER D 154 5.70 -10.70 -19.29
C SER D 154 4.59 -11.49 -18.61
N ARG D 155 4.32 -11.19 -17.33
CA ARG D 155 3.25 -11.82 -16.61
C ARG D 155 1.89 -11.67 -17.31
N MET D 156 1.50 -10.44 -17.66
CA MET D 156 0.19 -10.26 -18.29
C MET D 156 0.08 -11.07 -19.56
N ALA D 157 1.16 -11.10 -20.33
CA ALA D 157 1.14 -11.71 -21.65
C ALA D 157 1.11 -13.21 -21.55
N MET D 158 1.95 -13.74 -20.66
CA MET D 158 2.11 -15.17 -20.53
C MET D 158 1.02 -15.87 -19.72
N THR D 159 0.40 -15.19 -18.76
CA THR D 159 -0.70 -15.79 -17.96
C THR D 159 -2.09 -15.38 -18.42
N ALA D 160 -2.17 -14.30 -19.21
CA ALA D 160 -3.45 -13.74 -19.66
C ALA D 160 -4.45 -13.52 -18.53
N GLU D 161 -3.94 -13.07 -17.40
CA GLU D 161 -4.76 -12.71 -16.24
C GLU D 161 -5.40 -11.33 -16.42
N LYS D 162 -6.56 -11.17 -15.79
CA LYS D 162 -7.25 -9.88 -15.82
C LYS D 162 -6.60 -9.00 -14.79
N ILE D 163 -6.26 -7.77 -15.18
CA ILE D 163 -5.69 -6.80 -14.27
C ILE D 163 -6.79 -5.79 -13.92
N SER D 164 -7.20 -5.74 -12.65
CA SER D 164 -8.24 -4.77 -12.23
C SER D 164 -7.79 -3.35 -12.49
N ALA D 165 -8.77 -2.46 -12.62
CA ALA D 165 -8.50 -1.03 -12.69
C ALA D 165 -7.64 -0.58 -11.51
N ALA D 166 -8.02 -1.01 -10.30
CA ALA D 166 -7.24 -0.67 -9.10
C ALA D 166 -5.77 -1.13 -9.20
N THR D 167 -5.55 -2.36 -9.61
CA THR D 167 -4.20 -2.80 -9.77
C THR D 167 -3.52 -2.04 -10.94
N ALA D 168 -4.21 -1.90 -12.09
CA ALA D 168 -3.64 -1.16 -13.25
C ALA D 168 -3.14 0.23 -12.82
N PHE D 169 -3.95 0.95 -12.04
CA PHE D 169 -3.58 2.28 -11.48
C PHE D 169 -2.37 2.25 -10.58
N GLU D 170 -2.32 1.30 -9.65
CA GLU D 170 -1.22 1.13 -8.72
C GLU D 170 0.13 0.83 -9.39
N TRP D 171 0.11 0.04 -10.47
CA TRP D 171 1.27 -0.24 -11.34
C TRP D 171 1.73 0.92 -12.27
N GLY D 172 0.93 2.00 -12.42
CA GLY D 172 1.28 3.02 -13.42
C GLY D 172 0.85 2.71 -14.85
N MET D 173 -0.04 1.75 -14.98
CA MET D 173 -0.52 1.35 -16.30
C MET D 173 -1.39 2.46 -16.89
N ILE D 174 -2.18 3.11 -16.03
CA ILE D 174 -3.18 4.06 -16.46
C ILE D 174 -3.12 5.33 -15.61
N SER D 175 -3.48 6.47 -16.20
CA SER D 175 -3.37 7.74 -15.50
C SER D 175 -4.39 7.96 -14.40
N HIS D 176 -5.61 7.43 -14.54
CA HIS D 176 -6.72 7.78 -13.65
C HIS D 176 -7.60 6.56 -13.26
N ILE D 177 -7.97 6.53 -11.99
CA ILE D 177 -8.88 5.54 -11.44
C ILE D 177 -10.10 6.26 -10.87
N THR D 178 -11.26 5.62 -10.94
CA THR D 178 -12.41 6.27 -10.33
C THR D 178 -12.96 5.30 -9.34
N SER D 179 -13.78 5.80 -8.44
CA SER D 179 -14.37 4.90 -7.46
C SER D 179 -15.84 5.22 -7.19
N ALA D 180 -16.51 4.24 -6.58
CA ALA D 180 -17.89 4.33 -6.19
C ALA D 180 -18.76 4.54 -7.44
N ASP D 181 -19.68 5.49 -7.41
CA ASP D 181 -20.50 5.78 -8.58
C ASP D 181 -19.96 7.01 -9.35
N GLU D 182 -18.67 7.34 -9.15
CA GLU D 182 -18.10 8.58 -9.71
C GLU D 182 -17.47 8.54 -11.12
N TYR D 183 -17.44 7.38 -11.74
CA TYR D 183 -16.78 7.24 -13.05
C TYR D 183 -17.11 8.35 -14.06
N GLU D 184 -18.40 8.51 -14.35
CA GLU D 184 -18.91 9.47 -15.32
C GLU D 184 -18.60 10.93 -14.97
N SER D 185 -18.75 11.31 -13.69
CA SER D 185 -18.40 12.65 -13.24
C SER D 185 -16.95 13.00 -13.48
N VAL D 186 -16.06 12.12 -13.00
CA VAL D 186 -14.63 12.28 -13.18
C VAL D 186 -14.25 12.36 -14.64
N LEU D 187 -14.72 11.43 -15.43
CA LEU D 187 -14.44 11.44 -16.87
C LEU D 187 -14.85 12.79 -17.45
N THR D 188 -16.06 13.21 -17.08
CA THR D 188 -16.57 14.52 -17.48
C THR D 188 -15.63 15.66 -17.04
N ASP D 189 -15.18 15.66 -15.79
CA ASP D 189 -14.33 16.74 -15.29
C ASP D 189 -12.97 16.74 -16.02
N VAL D 190 -12.41 15.54 -16.18
CA VAL D 190 -11.14 15.39 -16.89
C VAL D 190 -11.30 15.86 -18.33
N LEU D 191 -12.33 15.39 -19.01
CA LEU D 191 -12.53 15.83 -20.40
C LEU D 191 -12.73 17.34 -20.52
N ARG D 192 -13.52 17.91 -19.61
CA ARG D 192 -13.77 19.33 -19.64
C ARG D 192 -12.45 20.08 -19.43
N SER D 193 -11.64 19.61 -18.48
CA SER D 193 -10.41 20.33 -18.13
C SER D 193 -9.37 20.28 -19.26
N VAL D 194 -9.21 19.10 -19.88
CA VAL D 194 -8.24 18.89 -20.95
C VAL D 194 -8.64 19.64 -22.24
N SER D 195 -9.92 19.62 -22.57
CA SER D 195 -10.41 20.26 -23.79
C SER D 195 -10.42 21.80 -23.69
N GLY D 196 -10.38 22.32 -22.47
CA GLY D 196 -10.33 23.76 -22.27
C GLY D 196 -8.90 24.21 -22.00
N GLY D 197 -7.94 23.29 -22.08
CA GLY D 197 -6.54 23.58 -21.73
C GLY D 197 -5.72 24.05 -22.92
N PRO D 198 -4.39 24.20 -22.73
CA PRO D 198 -3.52 24.71 -23.76
C PRO D 198 -3.13 23.61 -24.79
N THR D 199 -4.04 23.39 -25.73
CA THR D 199 -3.94 22.33 -26.73
C THR D 199 -2.60 22.27 -27.43
N LEU D 200 -2.03 23.41 -27.83
CA LEU D 200 -0.76 23.35 -28.53
C LEU D 200 0.38 22.83 -27.61
N ALA D 201 0.36 23.23 -26.34
CA ALA D 201 1.34 22.74 -25.38
C ALA D 201 1.17 21.26 -25.14
N PHE D 202 -0.07 20.79 -25.17
CA PHE D 202 -0.33 19.35 -25.04
C PHE D 202 0.22 18.56 -26.21
N GLY D 203 0.02 19.14 -27.41
CA GLY D 203 0.55 18.58 -28.65
C GLY D 203 2.06 18.43 -28.62
N TRP D 204 2.74 19.48 -28.17
CA TRP D 204 4.18 19.45 -28.02
C TRP D 204 4.64 18.48 -26.92
N THR D 205 3.94 18.49 -25.78
CA THR D 205 4.25 17.59 -24.66
C THR D 205 4.16 16.12 -25.13
N LYS D 206 3.12 15.80 -25.93
CA LYS D 206 2.97 14.49 -26.57
C LYS D 206 4.12 14.09 -27.48
N ARG D 207 4.49 14.95 -28.43
CA ARG D 207 5.64 14.72 -29.29
C ARG D 207 6.91 14.40 -28.51
N ALA D 208 7.21 15.21 -27.50
CA ALA D 208 8.39 14.95 -26.68
C ALA D 208 8.28 13.58 -25.95
N LEU D 209 7.11 13.29 -25.35
CA LEU D 209 6.84 11.97 -24.76
C LEU D 209 6.93 10.78 -25.71
N ALA D 210 6.41 10.96 -26.95
CA ALA D 210 6.45 9.91 -27.95
C ALA D 210 7.90 9.59 -28.33
N ALA D 211 8.71 10.62 -28.53
CA ALA D 211 10.10 10.42 -28.86
C ALA D 211 10.84 9.73 -27.72
N ALA D 212 10.50 10.07 -26.46
CA ALA D 212 11.14 9.38 -25.33
C ALA D 212 10.70 7.92 -25.14
N THR D 213 9.48 7.60 -25.57
CA THR D 213 8.90 6.30 -25.19
C THR D 213 8.55 5.41 -26.34
N LEU D 214 8.47 5.96 -27.53
CA LEU D 214 7.97 5.15 -28.61
C LEU D 214 8.97 4.80 -29.69
N ALA D 215 10.28 4.85 -29.40
CA ALA D 215 11.31 4.50 -30.43
C ALA D 215 11.08 3.09 -30.94
N GLU D 216 10.76 2.13 -30.09
CA GLU D 216 10.62 0.76 -30.59
C GLU D 216 9.24 0.39 -31.11
N LEU D 217 8.31 1.36 -31.16
CA LEU D 217 6.91 0.99 -31.36
C LEU D 217 6.65 0.34 -32.72
N GLU D 218 7.12 0.96 -33.80
CA GLU D 218 6.84 0.41 -35.15
C GLU D 218 7.61 -0.88 -35.42
N PRO D 219 8.90 -0.92 -35.02
CA PRO D 219 9.66 -2.16 -35.09
C PRO D 219 9.01 -3.29 -34.32
N VAL D 220 8.44 -3.00 -33.14
CA VAL D 220 7.84 -4.04 -32.32
C VAL D 220 6.52 -4.45 -32.99
N GLN D 221 5.80 -3.47 -33.50
CA GLN D 221 4.57 -3.75 -34.28
C GLN D 221 4.82 -4.67 -35.47
N ALA D 222 5.95 -4.46 -36.18
CA ALA D 222 6.31 -5.37 -37.27
C ALA D 222 6.55 -6.80 -36.79
N ILE D 223 7.27 -6.98 -35.68
CA ILE D 223 7.52 -8.33 -35.13
C ILE D 223 6.19 -8.97 -34.76
N GLU D 224 5.28 -8.21 -34.16
CA GLU D 224 4.00 -8.73 -33.70
C GLU D 224 3.19 -9.17 -34.90
N ALA D 225 3.17 -8.33 -35.96
CA ALA D 225 2.36 -8.71 -37.15
C ALA D 225 2.91 -10.00 -37.76
N GLU D 226 4.23 -10.10 -37.87
CA GLU D 226 4.85 -11.31 -38.40
C GLU D 226 4.53 -12.54 -37.53
N GLY D 227 4.64 -12.36 -36.21
CA GLY D 227 4.35 -13.43 -35.24
C GLY D 227 2.93 -13.94 -35.39
N GLN D 228 1.95 -13.03 -35.43
CA GLN D 228 0.53 -13.44 -35.51
C GLN D 228 0.24 -14.26 -36.76
N LEU D 229 0.89 -13.92 -37.87
CA LEU D 229 0.72 -14.62 -39.15
C LEU D 229 1.21 -16.05 -38.98
N ALA D 230 2.34 -16.19 -38.29
CA ALA D 230 2.89 -17.52 -38.00
C ALA D 230 2.01 -18.30 -37.04
N LEU D 231 1.50 -17.64 -36.00
CA LEU D 231 0.70 -18.34 -34.99
C LEU D 231 -0.66 -18.83 -35.47
N VAL D 232 -1.31 -18.11 -36.40
CA VAL D 232 -2.61 -18.57 -36.90
C VAL D 232 -2.48 -19.89 -37.70
N GLU D 233 -1.27 -20.32 -38.06
CA GLU D 233 -1.06 -21.59 -38.76
C GLU D 233 -0.85 -22.74 -37.78
N THR D 234 -0.72 -22.43 -36.49
CA THR D 234 -0.36 -23.48 -35.53
C THR D 234 -1.56 -24.34 -35.13
N ALA D 235 -1.26 -25.56 -34.68
CA ALA D 235 -2.31 -26.40 -34.09
C ALA D 235 -2.84 -25.71 -32.83
N ASP D 236 -1.96 -25.02 -32.11
CA ASP D 236 -2.38 -24.37 -30.87
C ASP D 236 -3.43 -23.25 -31.11
N PHE D 237 -3.28 -22.46 -32.17
CA PHE D 237 -4.35 -21.52 -32.54
C PHE D 237 -5.63 -22.29 -32.93
N ARG D 238 -5.48 -23.30 -33.79
CA ARG D 238 -6.64 -24.10 -34.18
C ARG D 238 -7.43 -24.57 -32.95
N GLU D 239 -6.76 -25.22 -32.01
CA GLU D 239 -7.39 -25.64 -30.76
C GLU D 239 -7.89 -24.48 -29.90
N GLY D 240 -7.09 -23.42 -29.79
CA GLY D 240 -7.47 -22.25 -28.98
C GLY D 240 -8.75 -21.57 -29.44
N ALA D 241 -8.83 -21.30 -30.74
CA ALA D 241 -10.01 -20.63 -31.29
C ALA D 241 -11.28 -21.48 -31.11
N ARG D 242 -11.19 -22.77 -31.43
CA ARG D 242 -12.34 -23.66 -31.22
C ARG D 242 -12.75 -23.79 -29.73
N ALA D 243 -11.78 -24.01 -28.84
CA ALA D 243 -12.04 -24.04 -27.38
C ALA D 243 -12.73 -22.79 -26.86
N PHE D 244 -12.33 -21.64 -27.40
CA PHE D 244 -12.97 -20.39 -26.99
C PHE D 244 -14.43 -20.45 -27.42
N ARG D 245 -14.66 -20.83 -28.69
CA ARG D 245 -16.02 -20.88 -29.20
CA ARG D 245 -15.99 -20.96 -29.28
C ARG D 245 -16.89 -21.90 -28.46
N GLU D 246 -16.29 -23.02 -28.03
CA GLU D 246 -17.06 -24.10 -27.40
C GLU D 246 -16.99 -24.02 -25.89
N ARG D 247 -16.52 -22.89 -25.36
CA ARG D 247 -16.44 -22.65 -23.90
C ARG D 247 -15.68 -23.78 -23.16
N ARG D 248 -14.50 -24.15 -23.68
CA ARG D 248 -13.67 -25.22 -23.09
C ARG D 248 -12.29 -24.67 -22.76
N THR D 249 -11.54 -25.40 -21.94
CA THR D 249 -10.13 -25.14 -21.76
C THR D 249 -9.40 -25.75 -22.99
N PRO D 250 -8.58 -24.92 -23.68
CA PRO D 250 -7.79 -25.42 -24.79
C PRO D 250 -6.68 -26.35 -24.36
N ASN D 251 -6.44 -27.34 -25.23
CA ASN D 251 -5.32 -28.20 -25.18
C ASN D 251 -4.17 -27.66 -26.01
N PHE D 252 -3.22 -26.99 -25.37
CA PHE D 252 -2.02 -26.49 -26.06
C PHE D 252 -0.84 -27.46 -26.06
N ARG D 253 -0.16 -27.56 -27.19
CA ARG D 253 0.96 -28.49 -27.27
C ARG D 253 2.29 -27.87 -27.65
N GLY D 254 2.30 -26.57 -27.92
CA GLY D 254 3.48 -25.85 -28.39
C GLY D 254 3.82 -26.08 -29.86
N HIS D 255 2.80 -26.33 -30.69
CA HIS D 255 2.98 -26.35 -32.15
C HIS D 255 1.66 -25.96 -32.85
N MET E 5 27.79 -31.48 -13.80
CA MET E 5 29.19 -31.10 -14.15
C MET E 5 29.35 -29.58 -14.07
N ASN E 6 30.54 -29.14 -13.62
CA ASN E 6 30.81 -27.72 -13.47
C ASN E 6 29.79 -27.01 -12.56
N GLY E 7 29.26 -27.71 -11.55
CA GLY E 7 28.31 -27.16 -10.61
C GLY E 7 26.90 -26.86 -11.14
N ILE E 8 26.51 -27.53 -12.21
CA ILE E 8 25.18 -27.36 -12.78
C ILE E 8 24.54 -28.73 -12.86
N SER E 9 23.31 -28.86 -12.39
CA SER E 9 22.66 -30.14 -12.60
C SER E 9 21.36 -29.95 -13.32
N VAL E 10 21.07 -30.90 -14.21
CA VAL E 10 19.99 -30.77 -15.17
C VAL E 10 19.10 -32.01 -15.11
N GLU E 11 17.82 -31.82 -15.44
CA GLU E 11 16.91 -32.93 -15.45
C GLU E 11 15.63 -32.55 -16.15
N HIS E 12 15.15 -33.42 -17.03
CA HIS E 12 13.81 -33.27 -17.60
C HIS E 12 12.76 -33.77 -16.65
N ASP E 13 11.63 -33.06 -16.65
CA ASP E 13 10.50 -33.41 -15.81
C ASP E 13 9.24 -33.02 -16.61
N GLY E 14 8.67 -34.01 -17.31
CA GLY E 14 7.58 -33.79 -18.27
C GLY E 14 8.07 -32.80 -19.31
N ALA E 15 7.39 -31.66 -19.42
CA ALA E 15 7.73 -30.68 -20.43
C ALA E 15 8.66 -29.58 -19.90
N VAL E 16 9.09 -29.76 -18.66
CA VAL E 16 9.93 -28.78 -17.97
C VAL E 16 11.35 -29.27 -18.00
N LEU E 17 12.27 -28.42 -18.45
CA LEU E 17 13.69 -28.68 -18.21
C LEU E 17 14.10 -28.00 -16.89
N ARG E 18 14.44 -28.80 -15.88
CA ARG E 18 14.91 -28.26 -14.60
C ARG E 18 16.43 -28.02 -14.63
N ILE E 19 16.84 -26.76 -14.48
CA ILE E 19 18.26 -26.44 -14.39
C ILE E 19 18.53 -25.90 -12.99
N ARG E 20 19.40 -26.58 -12.26
CA ARG E 20 19.65 -26.25 -10.86
C ARG E 20 21.12 -25.90 -10.67
N LEU E 21 21.36 -24.70 -10.14
CA LEU E 21 22.69 -24.29 -9.70
C LEU E 21 23.06 -25.19 -8.55
N ASP E 22 24.22 -25.81 -8.67
CA ASP E 22 24.51 -26.91 -7.79
C ASP E 22 25.84 -26.81 -7.07
N ARG E 23 26.09 -25.63 -6.50
CA ARG E 23 27.28 -25.48 -5.62
C ARG E 23 26.85 -24.98 -4.23
N PRO E 24 26.00 -25.77 -3.54
CA PRO E 24 25.37 -25.32 -2.31
C PRO E 24 26.38 -24.98 -1.22
N GLU E 25 27.53 -25.66 -1.20
CA GLU E 25 28.54 -25.35 -0.18
C GLU E 25 29.13 -23.95 -0.33
N LYS E 26 28.98 -23.36 -1.52
CA LYS E 26 29.43 -22.00 -1.73
C LYS E 26 28.23 -21.09 -2.01
N LEU E 27 27.04 -21.51 -1.57
CA LEU E 27 25.82 -20.71 -1.76
C LEU E 27 25.63 -20.36 -3.24
N ASN E 28 25.97 -21.32 -4.11
CA ASN E 28 25.84 -21.15 -5.56
C ASN E 28 26.56 -19.92 -6.13
N ALA E 29 27.70 -19.54 -5.53
CA ALA E 29 28.63 -18.56 -6.15
C ALA E 29 29.01 -19.14 -7.49
N VAL E 30 29.26 -18.28 -8.49
CA VAL E 30 29.56 -18.73 -9.85
C VAL E 30 30.97 -18.38 -10.32
N ASP E 31 31.51 -19.21 -11.22
CA ASP E 31 32.79 -18.98 -11.87
C ASP E 31 32.63 -19.25 -13.36
N THR E 32 33.69 -18.97 -14.14
CA THR E 32 33.63 -19.17 -15.59
C THR E 32 33.11 -20.53 -16.05
N PRO E 33 33.75 -21.67 -15.68
CA PRO E 33 33.19 -22.95 -16.19
C PRO E 33 31.71 -23.18 -15.85
N MET E 34 31.29 -22.79 -14.64
CA MET E 34 29.90 -22.95 -14.24
C MET E 34 28.97 -22.11 -15.12
N LEU E 35 29.41 -20.89 -15.39
CA LEU E 35 28.69 -19.95 -16.26
C LEU E 35 28.63 -20.45 -17.70
N GLU E 36 29.77 -20.90 -18.23
CA GLU E 36 29.81 -21.48 -19.58
C GLU E 36 28.85 -22.67 -19.70
N GLU E 37 28.87 -23.53 -18.68
CA GLU E 37 28.03 -24.70 -18.61
C GLU E 37 26.52 -24.34 -18.54
N LEU E 38 26.20 -23.31 -17.77
CA LEU E 38 24.83 -22.86 -17.67
C LEU E 38 24.31 -22.40 -19.04
N SER E 39 25.14 -21.64 -19.77
CA SER E 39 24.87 -21.28 -21.17
C SER E 39 24.48 -22.45 -22.06
N VAL E 40 25.26 -23.51 -21.94
CA VAL E 40 25.13 -24.64 -22.80
C VAL E 40 23.78 -25.31 -22.60
N HIS E 41 23.39 -25.51 -21.36
CA HIS E 41 22.11 -26.16 -21.07
C HIS E 41 20.93 -25.24 -21.41
N ILE E 42 21.08 -23.93 -21.20
CA ILE E 42 20.00 -23.02 -21.61
C ILE E 42 19.85 -23.08 -23.12
N ARG E 43 20.98 -22.96 -23.83
CA ARG E 43 20.97 -23.03 -25.30
C ARG E 43 20.40 -24.34 -25.87
N ASP E 44 20.77 -25.47 -25.28
CA ASP E 44 20.26 -26.77 -25.75
C ASP E 44 18.77 -27.01 -25.50
N ALA E 45 18.13 -26.13 -24.71
CA ALA E 45 16.68 -26.23 -24.52
C ALA E 45 15.95 -25.86 -25.80
N GLU E 46 16.55 -25.01 -26.62
CA GLU E 46 15.94 -24.57 -27.87
C GLU E 46 15.59 -25.71 -28.83
N ALA E 47 16.55 -26.59 -29.06
CA ALA E 47 16.43 -27.69 -30.02
C ALA E 47 15.79 -28.94 -29.39
N ASP E 48 15.52 -28.91 -28.08
CA ASP E 48 14.96 -30.06 -27.41
C ASP E 48 13.43 -29.96 -27.48
N GLU E 49 12.82 -30.76 -28.38
CA GLU E 49 11.37 -30.73 -28.61
C GLU E 49 10.51 -31.20 -27.45
N SER E 50 11.09 -31.94 -26.51
CA SER E 50 10.31 -32.27 -25.33
C SER E 50 10.19 -31.08 -24.33
N VAL E 51 11.06 -30.07 -24.45
CA VAL E 51 11.10 -28.99 -23.48
C VAL E 51 10.13 -27.84 -23.85
N ARG E 52 9.21 -27.50 -22.94
CA ARG E 52 8.36 -26.33 -23.17
C ARG E 52 8.53 -25.16 -22.21
N ALA E 53 9.26 -25.39 -21.11
CA ALA E 53 9.61 -24.33 -20.17
C ALA E 53 10.91 -24.70 -19.54
N VAL E 54 11.68 -23.73 -19.15
CA VAL E 54 12.90 -24.01 -18.37
C VAL E 54 12.69 -23.49 -16.95
N LEU E 55 13.03 -24.32 -15.98
CA LEU E 55 13.05 -23.88 -14.58
C LEU E 55 14.47 -23.76 -14.06
N LEU E 56 14.78 -22.60 -13.50
CA LEU E 56 16.07 -22.29 -12.97
C LEU E 56 15.92 -22.12 -11.45
N THR E 57 16.68 -22.90 -10.67
CA THR E 57 16.63 -22.76 -9.20
C THR E 57 18.05 -23.00 -8.66
N GLY E 58 18.23 -22.82 -7.34
CA GLY E 58 19.50 -23.19 -6.71
C GLY E 58 19.35 -24.20 -5.59
N ALA E 59 20.20 -25.21 -5.56
CA ALA E 59 20.27 -26.13 -4.44
C ALA E 59 20.80 -25.43 -3.19
N GLY E 60 20.45 -25.96 -2.02
CA GLY E 60 20.93 -25.34 -0.77
C GLY E 60 20.18 -24.08 -0.34
N ARG E 61 20.92 -23.17 0.29
CA ARG E 61 20.32 -22.09 1.04
C ARG E 61 20.07 -20.85 0.20
N ALA E 62 20.66 -20.77 -0.98
CA ALA E 62 20.54 -19.53 -1.77
C ALA E 62 20.32 -19.87 -3.23
N PHE E 63 19.50 -19.06 -3.88
CA PHE E 63 19.41 -19.12 -5.32
C PHE E 63 20.81 -18.99 -5.99
N CYS E 64 21.40 -17.80 -5.87
CA CYS E 64 22.73 -17.53 -6.44
C CYS E 64 23.40 -16.37 -5.75
N SER E 65 24.58 -16.60 -5.17
CA SER E 65 25.29 -15.54 -4.45
CA SER E 65 25.29 -15.54 -4.46
C SER E 65 26.16 -14.67 -5.35
N GLY E 66 26.17 -14.97 -6.65
CA GLY E 66 26.95 -14.18 -7.62
C GLY E 66 28.42 -14.56 -7.77
N GLY E 67 29.19 -13.66 -8.39
CA GLY E 67 30.60 -13.97 -8.75
C GLY E 67 31.59 -13.99 -7.59
N GLY E 71 39.99 -13.55 -7.50
CA GLY E 71 40.71 -14.71 -8.00
C GLY E 71 40.48 -14.99 -9.48
N GLY E 72 39.26 -15.44 -9.82
CA GLY E 72 38.93 -15.84 -11.18
C GLY E 72 39.21 -14.74 -12.19
N ASP E 73 39.24 -15.11 -13.47
CA ASP E 73 39.47 -14.17 -14.57
C ASP E 73 38.27 -13.25 -14.70
N THR E 74 38.50 -11.94 -14.74
CA THR E 74 37.38 -11.00 -14.81
C THR E 74 36.79 -11.01 -16.22
N ALA E 75 37.68 -10.84 -17.22
CA ALA E 75 37.31 -10.85 -18.64
C ALA E 75 36.48 -12.10 -18.98
N GLY E 76 37.01 -13.29 -18.68
CA GLY E 76 36.28 -14.55 -18.90
C GLY E 76 34.93 -14.69 -18.18
N ALA E 77 34.92 -14.39 -16.88
CA ALA E 77 33.70 -14.55 -16.06
C ALA E 77 32.59 -13.57 -16.44
N ALA E 78 32.95 -12.32 -16.63
CA ALA E 78 32.01 -11.31 -17.08
C ALA E 78 31.39 -11.69 -18.44
N ASP E 79 32.24 -12.10 -19.39
CA ASP E 79 31.79 -12.56 -20.73
C ASP E 79 30.82 -13.73 -20.62
N ALA E 80 31.18 -14.74 -19.82
CA ALA E 80 30.32 -15.91 -19.65
C ALA E 80 28.96 -15.50 -19.08
N ALA E 81 29.00 -14.61 -18.09
CA ALA E 81 27.79 -14.06 -17.45
C ALA E 81 26.88 -13.39 -18.45
N ASN E 82 27.46 -12.46 -19.22
CA ASN E 82 26.75 -11.83 -20.30
C ASN E 82 26.13 -12.83 -21.26
N ARG E 83 26.86 -13.90 -21.59
CA ARG E 83 26.34 -14.90 -22.52
C ARG E 83 25.13 -15.68 -21.94
N VAL E 84 25.16 -15.98 -20.63
CA VAL E 84 24.02 -16.61 -19.94
C VAL E 84 22.75 -15.75 -20.07
N VAL E 85 22.92 -14.45 -19.82
CA VAL E 85 21.81 -13.50 -19.85
C VAL E 85 21.27 -13.36 -21.28
N ARG E 86 22.16 -13.28 -22.27
CA ARG E 86 21.70 -13.30 -23.67
C ARG E 86 21.05 -14.64 -24.01
N ALA E 87 21.60 -15.74 -23.50
CA ALA E 87 20.97 -17.03 -23.78
C ALA E 87 19.51 -17.12 -23.23
N ILE E 88 19.29 -16.67 -22.02
CA ILE E 88 17.95 -16.79 -21.43
C ILE E 88 16.99 -15.89 -22.20
N THR E 89 17.43 -14.68 -22.50
CA THR E 89 16.51 -13.73 -23.10
C THR E 89 16.20 -14.01 -24.56
N SER E 90 17.06 -14.71 -25.28
CA SER E 90 16.85 -15.03 -26.70
CA SER E 90 16.77 -15.01 -26.68
C SER E 90 16.25 -16.44 -26.91
N LEU E 91 16.16 -17.23 -25.83
CA LEU E 91 15.57 -18.60 -25.90
C LEU E 91 14.07 -18.43 -26.17
N PRO E 92 13.53 -19.02 -27.28
CA PRO E 92 12.12 -18.83 -27.64
C PRO E 92 11.15 -19.74 -26.86
N LYS E 93 11.48 -19.96 -25.57
CA LYS E 93 10.67 -20.73 -24.60
C LYS E 93 10.70 -20.00 -23.26
N PRO E 94 9.57 -20.00 -22.50
CA PRO E 94 9.56 -19.39 -21.13
C PRO E 94 10.60 -19.98 -20.18
N VAL E 95 11.33 -19.10 -19.51
CA VAL E 95 12.31 -19.45 -18.50
C VAL E 95 11.80 -18.81 -17.20
N ILE E 96 11.61 -19.65 -16.20
CA ILE E 96 11.09 -19.26 -14.90
C ILE E 96 12.18 -19.50 -13.84
N ALA E 97 12.49 -18.46 -13.06
CA ALA E 97 13.43 -18.60 -11.95
C ALA E 97 12.62 -18.81 -10.68
N GLY E 98 12.91 -19.89 -9.98
CA GLY E 98 12.32 -20.06 -8.66
C GLY E 98 13.38 -19.59 -7.70
N VAL E 99 13.17 -18.42 -7.12
CA VAL E 99 14.19 -17.82 -6.25
C VAL E 99 13.86 -17.95 -4.77
N HIS E 100 14.68 -18.68 -4.05
CA HIS E 100 14.58 -18.72 -2.56
C HIS E 100 15.93 -18.19 -2.06
N GLY E 101 15.96 -17.63 -0.86
CA GLY E 101 17.18 -17.06 -0.31
C GLY E 101 17.77 -15.95 -1.17
N ALA E 102 19.09 -15.90 -1.18
CA ALA E 102 19.81 -14.76 -1.71
C ALA E 102 19.95 -14.82 -3.23
N ALA E 103 19.67 -13.70 -3.89
CA ALA E 103 19.97 -13.58 -5.31
C ALA E 103 20.81 -12.33 -5.41
N VAL E 104 22.11 -12.53 -5.36
CA VAL E 104 23.02 -11.45 -5.09
C VAL E 104 23.99 -11.31 -6.23
N GLY E 105 24.14 -10.07 -6.73
CA GLY E 105 25.11 -9.75 -7.79
C GLY E 105 24.62 -10.34 -9.08
N PHE E 106 25.50 -11.03 -9.80
CA PHE E 106 25.03 -11.79 -10.94
C PHE E 106 23.82 -12.68 -10.64
N GLY E 107 23.72 -13.22 -9.42
CA GLY E 107 22.49 -13.96 -8.97
C GLY E 107 21.21 -13.17 -9.17
N CYS E 108 21.30 -11.86 -8.94
CA CYS E 108 20.18 -10.96 -9.23
C CYS E 108 19.94 -10.80 -10.76
N SER E 109 21.00 -10.52 -11.52
CA SER E 109 20.92 -10.44 -13.00
C SER E 109 20.28 -11.68 -13.57
N LEU E 110 20.74 -12.84 -13.09
CA LEU E 110 20.35 -14.11 -13.61
C LEU E 110 18.83 -14.32 -13.43
N ALA E 111 18.33 -14.07 -12.21
CA ALA E 111 16.88 -14.10 -11.94
C ALA E 111 16.11 -13.17 -12.87
N LEU E 112 16.56 -11.92 -12.93
CA LEU E 112 15.82 -10.87 -13.66
C LEU E 112 15.87 -11.04 -15.18
N ALA E 113 16.86 -11.81 -15.67
CA ALA E 113 16.90 -12.16 -17.07
C ALA E 113 15.70 -13.03 -17.45
N CYS E 114 15.11 -13.74 -16.48
CA CYS E 114 14.10 -14.75 -16.81
C CYS E 114 12.74 -14.13 -17.15
N ASP E 115 11.88 -14.89 -17.81
CA ASP E 115 10.56 -14.38 -18.13
C ASP E 115 9.66 -14.17 -16.93
N LEU E 116 9.66 -15.14 -15.99
CA LEU E 116 8.90 -15.02 -14.74
C LEU E 116 9.83 -15.39 -13.60
N VAL E 117 9.59 -14.80 -12.44
CA VAL E 117 10.33 -15.11 -11.25
C VAL E 117 9.30 -15.30 -10.15
N VAL E 118 9.43 -16.40 -9.43
CA VAL E 118 8.54 -16.74 -8.36
C VAL E 118 9.46 -16.74 -7.14
N ALA E 119 9.20 -15.81 -6.24
CA ALA E 119 10.13 -15.50 -5.16
C ALA E 119 9.58 -16.06 -3.87
N ALA E 120 10.41 -16.80 -3.15
CA ALA E 120 10.08 -17.21 -1.76
C ALA E 120 10.02 -16.01 -0.82
N PRO E 121 9.27 -16.13 0.31
CA PRO E 121 9.03 -14.93 1.07
C PRO E 121 10.30 -14.35 1.74
N ALA E 122 11.26 -15.22 2.10
CA ALA E 122 12.54 -14.82 2.69
C ALA E 122 13.62 -14.52 1.62
N SER E 123 13.28 -14.67 0.34
CA SER E 123 14.26 -14.34 -0.73
C SER E 123 14.55 -12.86 -0.76
N TYR E 124 15.65 -12.49 -1.40
CA TYR E 124 16.01 -11.11 -1.54
C TYR E 124 16.93 -10.93 -2.74
N PHE E 125 16.99 -9.70 -3.21
CA PHE E 125 17.71 -9.33 -4.42
C PHE E 125 18.63 -8.19 -4.05
N GLN E 126 19.89 -8.25 -4.48
CA GLN E 126 20.89 -7.26 -4.02
C GLN E 126 22.03 -7.18 -5.03
N LEU E 127 22.45 -5.96 -5.33
CA LEU E 127 23.64 -5.70 -6.16
C LEU E 127 24.70 -5.33 -5.16
N ALA E 128 25.47 -6.32 -4.72
CA ALA E 128 26.47 -6.14 -3.67
C ALA E 128 27.82 -5.67 -4.22
N PHE E 129 27.91 -5.42 -5.52
CA PHE E 129 29.18 -5.10 -6.17
C PHE E 129 29.92 -3.93 -5.50
N THR E 130 29.21 -2.85 -5.23
CA THR E 130 29.89 -1.62 -4.82
C THR E 130 30.43 -1.75 -3.40
N ARG E 131 29.88 -2.69 -2.65
CA ARG E 131 30.35 -3.00 -1.31
C ARG E 131 31.80 -3.48 -1.31
N VAL E 132 32.23 -4.08 -2.42
CA VAL E 132 33.65 -4.41 -2.62
C VAL E 132 34.36 -3.51 -3.65
N GLY E 133 33.73 -2.40 -4.05
CA GLY E 133 34.41 -1.46 -5.00
C GLY E 133 34.28 -1.82 -6.48
N LEU E 134 33.33 -2.71 -6.79
CA LEU E 134 33.04 -3.12 -8.19
C LEU E 134 31.71 -2.56 -8.70
N MET E 135 31.38 -2.78 -9.97
CA MET E 135 30.15 -2.30 -10.56
C MET E 135 29.20 -3.44 -10.96
N PRO E 136 27.91 -3.14 -11.20
CA PRO E 136 27.00 -4.23 -11.59
C PRO E 136 27.40 -4.86 -12.92
N ASP E 137 27.07 -6.13 -13.08
CA ASP E 137 27.49 -6.81 -14.28
C ASP E 137 26.37 -7.69 -14.84
N GLY E 138 26.72 -8.53 -15.81
CA GLY E 138 25.72 -9.40 -16.44
C GLY E 138 24.63 -8.66 -17.22
N GLY E 139 24.73 -7.33 -17.32
CA GLY E 139 23.69 -6.51 -17.94
C GLY E 139 22.60 -6.04 -16.99
N ALA E 140 22.87 -6.14 -15.67
CA ALA E 140 21.91 -5.67 -14.64
C ALA E 140 21.58 -4.20 -14.83
N SER E 141 22.58 -3.42 -15.22
CA SER E 141 22.36 -1.99 -15.44
C SER E 141 21.32 -1.74 -16.52
N ALA E 142 21.21 -2.66 -17.47
CA ALA E 142 20.18 -2.57 -18.52
C ALA E 142 18.86 -3.20 -18.11
N LEU E 143 18.92 -4.34 -17.40
CA LEU E 143 17.71 -5.07 -17.00
C LEU E 143 16.84 -4.30 -16.03
N LEU E 144 17.48 -3.76 -14.98
CA LEU E 144 16.72 -3.23 -13.84
C LEU E 144 15.95 -1.95 -14.18
N PRO E 145 16.53 -1.02 -14.98
CA PRO E 145 15.66 0.15 -15.17
C PRO E 145 14.33 -0.13 -15.90
N LEU E 146 14.27 -1.14 -16.74
CA LEU E 146 13.02 -1.46 -17.47
C LEU E 146 12.09 -2.33 -16.62
N LEU E 147 12.54 -2.61 -15.40
CA LEU E 147 11.74 -3.27 -14.40
C LEU E 147 11.27 -2.30 -13.36
N ILE E 148 12.20 -1.59 -12.71
CA ILE E 148 11.85 -0.80 -11.55
C ILE E 148 12.15 0.68 -11.69
N GLY E 149 12.64 1.11 -12.85
CA GLY E 149 12.94 2.52 -13.03
C GLY E 149 14.38 2.87 -12.65
N ARG E 150 14.84 4.01 -13.15
CA ARG E 150 16.23 4.43 -12.97
C ARG E 150 16.59 4.81 -11.49
N ALA E 151 15.64 5.44 -10.77
CA ALA E 151 15.90 5.86 -9.36
C ALA E 151 16.16 4.69 -8.46
N ARG E 152 15.25 3.72 -8.49
CA ARG E 152 15.42 2.53 -7.68
C ARG E 152 16.62 1.73 -8.11
N THR E 153 16.91 1.70 -9.41
CA THR E 153 18.14 1.05 -9.88
C THR E 153 19.39 1.74 -9.30
N SER E 154 19.48 3.08 -9.39
CA SER E 154 20.65 3.81 -8.91
CA SER E 154 20.64 3.80 -8.92
C SER E 154 20.84 3.54 -7.42
N ARG E 155 19.75 3.59 -6.65
CA ARG E 155 19.86 3.30 -5.22
C ARG E 155 20.38 1.88 -4.93
N MET E 156 19.76 0.88 -5.56
CA MET E 156 20.26 -0.50 -5.50
C MET E 156 21.75 -0.64 -5.78
N ALA E 157 22.20 -0.10 -6.91
CA ALA E 157 23.61 -0.18 -7.30
C ALA E 157 24.55 0.55 -6.33
N MET E 158 24.15 1.72 -5.87
CA MET E 158 25.02 2.59 -5.06
C MET E 158 25.08 2.25 -3.59
N THR E 159 23.98 1.76 -3.03
CA THR E 159 23.90 1.47 -1.59
C THR E 159 24.15 0.01 -1.33
N ALA E 160 23.96 -0.84 -2.34
CA ALA E 160 24.10 -2.30 -2.21
C ALA E 160 23.19 -2.94 -1.14
N GLU E 161 22.04 -2.32 -0.91
CA GLU E 161 21.09 -2.78 0.08
C GLU E 161 20.35 -4.02 -0.42
N LYS E 162 19.82 -4.79 0.53
CA LYS E 162 18.99 -5.94 0.19
C LYS E 162 17.58 -5.47 -0.06
N ILE E 163 16.99 -5.97 -1.13
CA ILE E 163 15.61 -5.72 -1.42
C ILE E 163 14.84 -7.02 -1.17
N SER E 164 13.88 -6.97 -0.25
CA SER E 164 13.04 -8.14 0.05
C SER E 164 12.27 -8.59 -1.16
N ALA E 165 11.86 -9.85 -1.17
CA ALA E 165 10.94 -10.29 -2.19
C ALA E 165 9.65 -9.46 -2.26
N ALA E 166 9.06 -9.14 -1.12
CA ALA E 166 7.85 -8.30 -1.08
C ALA E 166 8.09 -6.98 -1.78
N THR E 167 9.16 -6.29 -1.39
CA THR E 167 9.51 -5.02 -2.04
C THR E 167 9.77 -5.15 -3.53
N ALA E 168 10.57 -6.14 -3.92
CA ALA E 168 10.82 -6.37 -5.33
C ALA E 168 9.50 -6.54 -6.09
N PHE E 169 8.57 -7.30 -5.52
CA PHE E 169 7.26 -7.51 -6.15
C PHE E 169 6.47 -6.18 -6.27
N GLU E 170 6.40 -5.42 -5.16
CA GLU E 170 5.76 -4.08 -5.15
CA GLU E 170 5.74 -4.11 -5.17
C GLU E 170 6.31 -3.15 -6.24
N TRP E 171 7.60 -3.25 -6.47
CA TRP E 171 8.31 -2.39 -7.40
C TRP E 171 8.17 -2.80 -8.87
N GLY E 172 7.64 -4.00 -9.11
CA GLY E 172 7.59 -4.60 -10.46
C GLY E 172 8.87 -5.29 -10.93
N MET E 173 9.77 -5.59 -10.00
CA MET E 173 11.04 -6.24 -10.33
C MET E 173 10.81 -7.65 -10.78
N ILE E 174 9.80 -8.31 -10.21
CA ILE E 174 9.59 -9.73 -10.40
C ILE E 174 8.09 -10.04 -10.57
N SER E 175 7.79 -11.06 -11.37
CA SER E 175 6.39 -11.31 -11.76
C SER E 175 5.53 -11.85 -10.62
N HIS E 176 6.12 -12.71 -9.79
CA HIS E 176 5.36 -13.44 -8.75
C HIS E 176 6.00 -13.41 -7.36
N ILE E 177 5.15 -13.27 -6.35
CA ILE E 177 5.55 -13.34 -4.94
C ILE E 177 4.78 -14.49 -4.26
N THR E 178 5.42 -15.14 -3.32
CA THR E 178 4.77 -16.19 -2.56
C THR E 178 4.88 -15.85 -1.08
N SER E 179 4.04 -16.46 -0.28
CA SER E 179 4.04 -16.17 1.15
C SER E 179 3.70 -17.44 1.96
N ALA E 180 3.86 -17.36 3.29
CA ALA E 180 3.60 -18.50 4.16
C ALA E 180 4.48 -19.69 3.75
N ASP E 181 3.92 -20.90 3.79
CA ASP E 181 4.62 -22.06 3.28
C ASP E 181 4.28 -22.40 1.80
N GLU E 182 3.72 -21.45 1.06
CA GLU E 182 3.22 -21.77 -0.28
C GLU E 182 4.23 -21.64 -1.44
N TYR E 183 5.50 -21.34 -1.16
CA TYR E 183 6.45 -21.13 -2.28
C TYR E 183 6.52 -22.30 -3.26
N GLU E 184 6.83 -23.50 -2.75
CA GLU E 184 7.01 -24.68 -3.63
C GLU E 184 5.71 -24.98 -4.46
N SER E 185 4.57 -24.87 -3.79
CA SER E 185 3.24 -25.05 -4.40
CA SER E 185 3.26 -25.09 -4.41
C SER E 185 2.97 -24.08 -5.52
N VAL E 186 3.19 -22.81 -5.25
CA VAL E 186 2.99 -21.80 -6.29
C VAL E 186 3.95 -22.05 -7.45
N LEU E 187 5.22 -22.28 -7.14
CA LEU E 187 6.20 -22.51 -8.18
C LEU E 187 5.74 -23.70 -9.07
N THR E 188 5.39 -24.81 -8.44
CA THR E 188 4.83 -25.98 -9.13
C THR E 188 3.66 -25.62 -10.04
N ASP E 189 2.69 -24.85 -9.53
CA ASP E 189 1.51 -24.48 -10.29
CA ASP E 189 1.50 -24.47 -10.29
C ASP E 189 1.86 -23.59 -11.49
N VAL E 190 2.79 -22.67 -11.28
CA VAL E 190 3.12 -21.76 -12.37
C VAL E 190 3.84 -22.56 -13.45
N LEU E 191 4.72 -23.46 -13.03
CA LEU E 191 5.46 -24.24 -14.02
C LEU E 191 4.56 -25.18 -14.80
N ARG E 192 3.57 -25.80 -14.13
CA ARG E 192 2.59 -26.67 -14.79
C ARG E 192 1.72 -25.89 -15.77
N SER E 193 1.28 -24.71 -15.37
CA SER E 193 0.45 -23.93 -16.25
C SER E 193 1.22 -23.41 -17.50
N VAL E 194 2.47 -22.96 -17.29
CA VAL E 194 3.27 -22.35 -18.35
C VAL E 194 3.82 -23.43 -19.31
N SER E 195 4.32 -24.54 -18.77
CA SER E 195 4.78 -25.68 -19.60
C SER E 195 3.66 -26.40 -20.39
N GLY E 196 2.41 -26.15 -20.08
CA GLY E 196 1.27 -26.68 -20.84
C GLY E 196 0.62 -25.63 -21.74
N GLY E 197 1.22 -24.43 -21.79
CA GLY E 197 0.68 -23.28 -22.54
C GLY E 197 1.11 -23.26 -24.01
N PRO E 198 0.66 -22.24 -24.79
CA PRO E 198 1.00 -22.17 -26.21
C PRO E 198 2.45 -21.70 -26.35
N THR E 199 3.38 -22.66 -26.31
CA THR E 199 4.81 -22.37 -26.29
C THR E 199 5.29 -21.50 -27.48
N LEU E 200 4.79 -21.73 -28.68
CA LEU E 200 5.18 -20.89 -29.81
C LEU E 200 4.68 -19.45 -29.64
N ALA E 201 3.46 -19.25 -29.14
CA ALA E 201 2.96 -17.91 -28.81
C ALA E 201 3.89 -17.22 -27.79
N PHE E 202 4.34 -17.98 -26.80
CA PHE E 202 5.27 -17.47 -25.79
C PHE E 202 6.61 -17.07 -26.41
N GLY E 203 7.13 -17.92 -27.29
CA GLY E 203 8.35 -17.62 -28.02
C GLY E 203 8.24 -16.29 -28.78
N TRP E 204 7.17 -16.12 -29.58
CA TRP E 204 6.94 -14.84 -30.27
C TRP E 204 6.74 -13.64 -29.34
N THR E 205 5.90 -13.79 -28.31
CA THR E 205 5.75 -12.78 -27.25
C THR E 205 7.09 -12.32 -26.70
N LYS E 206 7.96 -13.30 -26.37
CA LYS E 206 9.31 -12.99 -25.87
C LYS E 206 10.10 -12.16 -26.87
N ARG E 207 10.04 -12.56 -28.13
CA ARG E 207 10.81 -11.85 -29.16
CA ARG E 207 10.80 -11.87 -29.16
C ARG E 207 10.40 -10.39 -29.23
N ALA E 208 9.09 -10.12 -29.15
CA ALA E 208 8.56 -8.77 -29.25
C ALA E 208 8.93 -7.95 -28.01
N LEU E 209 8.74 -8.54 -26.84
CA LEU E 209 9.16 -7.93 -25.59
C LEU E 209 10.67 -7.60 -25.59
N ALA E 210 11.49 -8.55 -26.04
CA ALA E 210 12.93 -8.35 -26.17
C ALA E 210 13.32 -7.16 -27.08
N ALA E 211 12.69 -7.06 -28.25
CA ALA E 211 12.92 -5.91 -29.14
C ALA E 211 12.51 -4.59 -28.48
N ALA E 212 11.43 -4.66 -27.70
CA ALA E 212 10.94 -3.50 -26.96
C ALA E 212 11.87 -3.03 -25.80
N THR E 213 12.55 -3.98 -25.13
CA THR E 213 13.20 -3.66 -23.85
C THR E 213 14.70 -3.98 -23.75
N LEU E 214 15.23 -4.76 -24.69
CA LEU E 214 16.62 -5.16 -24.58
C LEU E 214 17.54 -4.54 -25.60
N ALA E 215 17.15 -3.41 -26.22
CA ALA E 215 18.02 -2.78 -27.25
C ALA E 215 19.38 -2.36 -26.70
N GLU E 216 19.39 -1.93 -25.45
CA GLU E 216 20.61 -1.45 -24.79
C GLU E 216 21.40 -2.54 -24.06
N LEU E 217 20.89 -3.76 -24.07
CA LEU E 217 21.48 -4.83 -23.30
C LEU E 217 22.95 -5.03 -23.69
N GLU E 218 23.23 -5.14 -24.99
CA GLU E 218 24.63 -5.40 -25.40
C GLU E 218 25.55 -4.19 -25.31
N PRO E 219 25.09 -3.00 -25.73
CA PRO E 219 25.93 -1.83 -25.45
C PRO E 219 26.22 -1.69 -23.95
N VAL E 220 25.24 -2.01 -23.12
CA VAL E 220 25.44 -1.84 -21.66
C VAL E 220 26.40 -2.91 -21.12
N GLN E 221 26.20 -4.16 -21.54
CA GLN E 221 27.06 -5.26 -21.11
C GLN E 221 28.54 -4.99 -21.45
N ALA E 222 28.78 -4.37 -22.60
CA ALA E 222 30.13 -3.96 -23.02
C ALA E 222 30.75 -2.92 -22.06
N ILE E 223 29.93 -1.96 -21.65
CA ILE E 223 30.40 -0.91 -20.76
C ILE E 223 30.74 -1.52 -19.40
N GLU E 224 29.89 -2.45 -18.95
CA GLU E 224 30.10 -3.14 -17.68
C GLU E 224 31.36 -3.99 -17.71
N ALA E 225 31.63 -4.61 -18.87
CA ALA E 225 32.77 -5.50 -18.96
C ALA E 225 34.05 -4.67 -18.96
N GLU E 226 34.08 -3.58 -19.75
CA GLU E 226 35.18 -2.62 -19.68
C GLU E 226 35.41 -2.08 -18.25
N GLY E 227 34.33 -1.59 -17.65
CA GLY E 227 34.38 -1.00 -16.33
C GLY E 227 34.97 -1.93 -15.29
N GLN E 228 34.50 -3.18 -15.29
CA GLN E 228 34.91 -4.12 -14.25
C GLN E 228 36.41 -4.36 -14.35
N LEU E 229 36.88 -4.38 -15.58
CA LEU E 229 38.31 -4.55 -15.84
C LEU E 229 39.13 -3.37 -15.34
N ALA E 230 38.58 -2.16 -15.42
CA ALA E 230 39.23 -1.01 -14.82
C ALA E 230 39.18 -1.09 -13.29
N LEU E 231 38.01 -1.43 -12.75
CA LEU E 231 37.81 -1.43 -11.32
C LEU E 231 38.63 -2.46 -10.58
N VAL E 232 38.89 -3.63 -11.18
CA VAL E 232 39.75 -4.62 -10.53
C VAL E 232 41.20 -4.12 -10.35
N GLU E 233 41.61 -3.17 -11.18
CA GLU E 233 42.93 -2.55 -11.02
C GLU E 233 42.99 -1.47 -9.90
N THR E 234 41.85 -1.09 -9.31
CA THR E 234 41.83 0.05 -8.34
C THR E 234 42.19 -0.30 -6.89
N ALA E 235 42.65 0.70 -6.13
CA ALA E 235 42.97 0.52 -4.73
C ALA E 235 41.69 0.19 -3.90
N ASP E 236 40.56 0.80 -4.26
CA ASP E 236 39.27 0.49 -3.60
C ASP E 236 38.81 -0.96 -3.79
N PHE E 237 39.15 -1.60 -4.91
CA PHE E 237 38.78 -3.01 -5.04
C PHE E 237 39.66 -3.86 -4.14
N ARG E 238 40.95 -3.52 -4.09
CA ARG E 238 41.88 -4.21 -3.19
C ARG E 238 41.37 -4.10 -1.73
N GLU E 239 40.99 -2.88 -1.33
CA GLU E 239 40.44 -2.62 0.00
C GLU E 239 39.07 -3.28 0.22
N GLY E 240 38.16 -3.14 -0.77
CA GLY E 240 36.89 -3.87 -0.75
C GLY E 240 36.99 -5.39 -0.58
N ALA E 241 37.82 -6.05 -1.39
CA ALA E 241 37.95 -7.50 -1.30
C ALA E 241 38.62 -7.96 -0.01
N ARG E 242 39.66 -7.23 0.42
CA ARG E 242 40.28 -7.47 1.73
C ARG E 242 39.25 -7.37 2.84
N ALA E 243 38.48 -6.28 2.85
CA ALA E 243 37.55 -6.03 3.96
C ALA E 243 36.43 -7.06 3.97
N PHE E 244 35.91 -7.40 2.78
CA PHE E 244 35.00 -8.53 2.64
C PHE E 244 35.58 -9.83 3.22
N ARG E 245 36.80 -10.17 2.79
CA ARG E 245 37.48 -11.39 3.26
C ARG E 245 37.61 -11.44 4.77
N GLU E 246 38.02 -10.31 5.35
CA GLU E 246 38.32 -10.20 6.76
C GLU E 246 37.08 -9.87 7.58
N ARG E 247 35.91 -9.84 6.92
CA ARG E 247 34.65 -9.56 7.57
C ARG E 247 34.69 -8.20 8.30
N ARG E 248 35.28 -7.19 7.65
CA ARG E 248 35.35 -5.84 8.20
C ARG E 248 34.76 -4.77 7.24
N THR E 249 34.73 -3.53 7.70
CA THR E 249 34.21 -2.40 6.96
C THR E 249 35.30 -1.78 6.10
N PRO E 250 35.07 -1.72 4.76
CA PRO E 250 36.10 -1.17 3.88
C PRO E 250 36.29 0.31 4.13
N ASN E 251 37.52 0.75 3.97
CA ASN E 251 37.78 2.18 3.90
C ASN E 251 38.06 2.61 2.46
N PHE E 252 37.02 3.03 1.74
CA PHE E 252 37.17 3.42 0.34
C PHE E 252 37.76 4.83 0.19
N ARG E 253 38.54 5.08 -0.86
CA ARG E 253 39.15 6.41 -1.06
C ARG E 253 38.89 7.08 -2.40
N GLY E 254 38.14 6.40 -3.29
CA GLY E 254 37.97 6.91 -4.64
C GLY E 254 39.17 6.75 -5.56
N HIS E 255 40.05 5.78 -5.26
CA HIS E 255 41.25 5.45 -6.08
C HIS E 255 41.39 3.93 -6.24
N GLY F 3 28.59 36.76 -0.86
CA GLY F 3 27.39 36.19 -1.52
C GLY F 3 27.75 35.26 -2.68
N SER F 4 26.81 35.13 -3.61
CA SER F 4 26.88 34.13 -4.65
C SER F 4 27.16 34.79 -5.98
N MET F 5 27.57 33.98 -6.95
CA MET F 5 27.74 34.50 -8.30
C MET F 5 26.59 34.00 -9.18
N ASN F 6 25.84 34.93 -9.77
CA ASN F 6 24.74 34.60 -10.65
C ASN F 6 23.77 33.64 -10.01
N GLY F 7 23.43 33.86 -8.75
CA GLY F 7 22.39 33.04 -8.15
C GLY F 7 22.81 31.64 -7.70
N ILE F 8 24.10 31.30 -7.80
CA ILE F 8 24.61 30.00 -7.29
C ILE F 8 25.69 30.17 -6.22
N SER F 9 25.59 29.41 -5.12
CA SER F 9 26.67 29.38 -4.15
C SER F 9 27.28 27.97 -4.06
N VAL F 10 28.60 27.95 -3.93
CA VAL F 10 29.38 26.74 -3.94
C VAL F 10 30.25 26.69 -2.68
N GLU F 11 30.38 25.51 -2.12
CA GLU F 11 31.29 25.35 -1.00
C GLU F 11 31.71 23.88 -0.95
N HIS F 12 32.83 23.60 -0.30
CA HIS F 12 33.29 22.24 -0.11
C HIS F 12 33.03 21.80 1.30
N ASP F 13 32.49 20.60 1.49
CA ASP F 13 32.34 20.10 2.83
C ASP F 13 32.97 18.72 2.84
N GLY F 14 34.25 18.70 3.19
CA GLY F 14 35.06 17.47 3.09
C GLY F 14 35.16 17.08 1.64
N ALA F 15 34.72 15.87 1.32
CA ALA F 15 34.74 15.34 -0.05
C ALA F 15 33.43 15.65 -0.83
N VAL F 16 32.59 16.48 -0.25
CA VAL F 16 31.36 16.89 -0.88
C VAL F 16 31.46 18.28 -1.48
N LEU F 17 31.13 18.40 -2.76
CA LEU F 17 30.85 19.72 -3.33
C LEU F 17 29.36 20.03 -3.16
N ARG F 18 29.10 21.07 -2.37
CA ARG F 18 27.76 21.59 -2.19
C ARG F 18 27.50 22.75 -3.11
N ILE F 19 26.50 22.58 -3.96
CA ILE F 19 26.08 23.58 -4.91
C ILE F 19 24.67 23.97 -4.45
N ARG F 20 24.50 25.25 -4.14
CA ARG F 20 23.24 25.73 -3.61
C ARG F 20 22.62 26.79 -4.50
N LEU F 21 21.39 26.49 -4.97
CA LEU F 21 20.57 27.44 -5.65
C LEU F 21 20.26 28.53 -4.66
N ASP F 22 20.62 29.76 -5.02
CA ASP F 22 20.66 30.80 -4.03
C ASP F 22 20.01 32.07 -4.52
N ARG F 23 18.74 31.98 -4.90
CA ARG F 23 17.90 33.16 -5.10
C ARG F 23 16.65 32.88 -4.33
N PRO F 24 16.75 32.74 -2.98
CA PRO F 24 15.59 32.37 -2.19
C PRO F 24 14.41 33.34 -2.39
N GLU F 25 14.71 34.62 -2.69
CA GLU F 25 13.68 35.68 -2.81
C GLU F 25 12.76 35.37 -3.99
N LYS F 26 13.25 34.57 -4.93
CA LYS F 26 12.49 34.18 -6.12
C LYS F 26 12.27 32.68 -6.10
N LEU F 27 12.37 32.08 -4.92
CA LEU F 27 12.22 30.62 -4.74
C LEU F 27 13.16 29.85 -5.68
N ASN F 28 14.34 30.43 -5.92
CA ASN F 28 15.38 29.81 -6.72
C ASN F 28 14.94 29.57 -8.16
N ALA F 29 14.07 30.45 -8.65
CA ALA F 29 13.76 30.51 -10.09
C ALA F 29 15.02 30.80 -10.88
N VAL F 30 15.13 30.23 -12.07
CA VAL F 30 16.40 30.19 -12.75
C VAL F 30 16.35 30.98 -14.06
N ASP F 31 17.44 31.66 -14.38
CA ASP F 31 17.57 32.30 -15.69
C ASP F 31 18.83 31.80 -16.39
N THR F 32 19.08 32.28 -17.59
CA THR F 32 20.22 31.78 -18.36
C THR F 32 21.56 31.91 -17.59
N PRO F 33 21.89 33.10 -17.02
CA PRO F 33 23.18 33.18 -16.33
C PRO F 33 23.30 32.25 -15.13
N MET F 34 22.21 32.10 -14.38
CA MET F 34 22.21 31.18 -13.25
C MET F 34 22.44 29.76 -13.71
N LEU F 35 21.84 29.37 -14.84
CA LEU F 35 21.97 28.01 -15.36
C LEU F 35 23.38 27.78 -15.90
N GLU F 36 23.96 28.80 -16.51
CA GLU F 36 25.32 28.66 -17.05
C GLU F 36 26.29 28.49 -15.90
N GLU F 37 26.07 29.25 -14.83
CA GLU F 37 26.87 29.12 -13.61
C GLU F 37 26.72 27.74 -13.02
N LEU F 38 25.47 27.25 -12.96
CA LEU F 38 25.20 25.94 -12.45
C LEU F 38 26.04 24.87 -13.20
N SER F 39 25.90 24.85 -14.52
CA SER F 39 26.71 24.00 -15.38
C SER F 39 28.21 24.04 -15.09
N VAL F 40 28.75 25.25 -14.93
CA VAL F 40 30.19 25.41 -14.71
C VAL F 40 30.61 24.66 -13.44
N HIS F 41 29.86 24.82 -12.36
CA HIS F 41 30.29 24.19 -11.11
C HIS F 41 30.07 22.67 -11.11
N ILE F 42 29.01 22.18 -11.77
CA ILE F 42 28.86 20.72 -11.88
C ILE F 42 30.08 20.15 -12.64
N ARG F 43 30.45 20.79 -13.74
CA ARG F 43 31.55 20.27 -14.55
C ARG F 43 32.86 20.38 -13.81
N ASP F 44 33.00 21.46 -13.04
CA ASP F 44 34.13 21.63 -12.14
C ASP F 44 34.41 20.41 -11.31
N ALA F 45 33.36 19.68 -10.89
CA ALA F 45 33.54 18.53 -10.00
C ALA F 45 34.38 17.43 -10.64
N GLU F 46 34.28 17.27 -11.97
CA GLU F 46 34.98 16.19 -12.68
C GLU F 46 36.48 16.17 -12.46
N ALA F 47 37.10 17.34 -12.41
CA ALA F 47 38.55 17.46 -12.39
C ALA F 47 39.07 17.78 -11.01
N ASP F 48 38.16 17.93 -10.04
CA ASP F 48 38.56 18.24 -8.67
C ASP F 48 38.65 16.93 -7.88
N GLU F 49 39.88 16.48 -7.65
CA GLU F 49 40.15 15.22 -6.96
C GLU F 49 39.66 15.18 -5.51
N SER F 50 39.50 16.33 -4.87
CA SER F 50 38.95 16.34 -3.51
C SER F 50 37.40 16.03 -3.51
N VAL F 51 36.78 16.10 -4.68
CA VAL F 51 35.32 15.94 -4.72
C VAL F 51 34.96 14.49 -5.04
N ARG F 52 34.19 13.89 -4.13
CA ARG F 52 33.72 12.52 -4.30
C ARG F 52 32.21 12.40 -4.49
N ALA F 53 31.48 13.48 -4.19
CA ALA F 53 30.02 13.53 -4.39
C ALA F 53 29.60 15.00 -4.54
N VAL F 54 28.56 15.24 -5.31
CA VAL F 54 28.01 16.59 -5.40
C VAL F 54 26.66 16.61 -4.68
N LEU F 55 26.47 17.60 -3.80
CA LEU F 55 25.16 17.87 -3.20
C LEU F 55 24.48 19.12 -3.76
N LEU F 56 23.30 18.94 -4.30
CA LEU F 56 22.54 20.04 -4.88
C LEU F 56 21.35 20.33 -3.95
N THR F 57 21.26 21.55 -3.42
CA THR F 57 20.14 21.97 -2.59
C THR F 57 19.73 23.37 -3.00
N GLY F 58 18.62 23.85 -2.42
CA GLY F 58 18.17 25.22 -2.64
C GLY F 58 18.09 25.99 -1.35
N ALA F 59 18.48 27.27 -1.41
CA ALA F 59 18.33 28.22 -0.28
C ALA F 59 16.88 28.60 -0.06
N GLY F 60 16.53 28.99 1.17
CA GLY F 60 15.17 29.49 1.42
C GLY F 60 14.11 28.41 1.49
N ARG F 61 12.93 28.70 0.98
CA ARG F 61 11.71 27.88 1.23
C ARG F 61 11.49 26.77 0.19
N ALA F 62 12.22 26.80 -0.92
CA ALA F 62 11.96 25.85 -2.00
C ALA F 62 13.26 25.37 -2.61
N PHE F 63 13.30 24.12 -3.05
CA PHE F 63 14.44 23.64 -3.81
C PHE F 63 14.60 24.51 -5.07
N CYS F 64 13.58 24.57 -5.92
CA CYS F 64 13.69 25.35 -7.16
C CYS F 64 12.33 25.42 -7.85
N SER F 65 11.88 26.66 -8.13
CA SER F 65 10.55 26.88 -8.69
C SER F 65 10.57 26.89 -10.23
N GLY F 66 11.72 26.60 -10.82
CA GLY F 66 11.80 26.45 -12.29
C GLY F 66 12.18 27.74 -12.99
N GLY F 67 11.88 27.84 -14.28
CA GLY F 67 12.29 28.99 -15.10
C GLY F 67 11.62 30.27 -14.66
N ASP F 68 12.43 31.31 -14.52
CA ASP F 68 12.00 32.70 -14.36
C ASP F 68 11.15 33.18 -15.55
N LEU F 69 9.87 33.47 -15.35
CA LEU F 69 9.05 33.99 -16.45
C LEU F 69 9.08 35.52 -16.50
N ASP F 73 14.53 35.22 -23.20
CA ASP F 73 15.68 34.42 -23.65
C ASP F 73 15.33 32.92 -23.60
N THR F 74 14.27 32.58 -24.33
CA THR F 74 13.72 31.24 -24.32
C THR F 74 14.75 30.23 -24.85
N ALA F 75 15.31 30.52 -26.03
CA ALA F 75 16.32 29.66 -26.70
C ALA F 75 17.55 29.46 -25.80
N GLY F 76 18.09 30.59 -25.32
CA GLY F 76 19.22 30.59 -24.40
C GLY F 76 19.02 29.75 -23.16
N ALA F 77 17.92 29.98 -22.46
CA ALA F 77 17.58 29.30 -21.20
C ALA F 77 17.34 27.78 -21.43
N ALA F 78 16.51 27.47 -22.42
CA ALA F 78 16.24 26.08 -22.77
C ALA F 78 17.54 25.36 -23.05
N ASP F 79 18.44 25.97 -23.82
CA ASP F 79 19.70 25.34 -24.15
CA ASP F 79 19.70 25.30 -24.13
C ASP F 79 20.57 25.14 -22.89
N ALA F 80 20.59 26.14 -22.03
CA ALA F 80 21.39 26.10 -20.82
C ALA F 80 20.85 25.05 -19.82
N ALA F 81 19.54 24.97 -19.69
CA ALA F 81 18.93 23.99 -18.81
C ALA F 81 19.29 22.60 -19.29
N ASN F 82 19.23 22.37 -20.61
CA ASN F 82 19.56 21.07 -21.18
C ASN F 82 21.01 20.67 -20.89
N ARG F 83 21.92 21.64 -21.00
CA ARG F 83 23.33 21.40 -20.68
C ARG F 83 23.58 21.17 -19.18
N VAL F 84 22.86 21.85 -18.32
CA VAL F 84 22.89 21.50 -16.88
C VAL F 84 22.52 20.02 -16.65
N VAL F 85 21.39 19.59 -17.20
CA VAL F 85 21.00 18.16 -17.04
C VAL F 85 22.02 17.22 -17.65
N ARG F 86 22.49 17.52 -18.85
CA ARG F 86 23.53 16.69 -19.45
C ARG F 86 24.83 16.62 -18.62
N ALA F 87 25.26 17.73 -18.03
CA ALA F 87 26.47 17.77 -17.19
C ALA F 87 26.26 16.91 -15.94
N ILE F 88 25.06 16.98 -15.34
CA ILE F 88 24.79 16.12 -14.17
C ILE F 88 24.83 14.64 -14.51
N THR F 89 24.10 14.26 -15.55
CA THR F 89 24.02 12.84 -15.97
C THR F 89 25.33 12.24 -16.49
N SER F 90 26.22 13.05 -17.07
CA SER F 90 27.48 12.52 -17.58
C SER F 90 28.70 12.69 -16.64
N LEU F 91 28.51 13.40 -15.51
CA LEU F 91 29.56 13.58 -14.49
C LEU F 91 29.80 12.23 -13.87
N PRO F 92 31.06 11.74 -13.90
CA PRO F 92 31.35 10.43 -13.36
C PRO F 92 31.50 10.44 -11.85
N LYS F 93 30.68 11.23 -11.19
CA LYS F 93 30.66 11.26 -9.73
C LYS F 93 29.20 11.35 -9.33
N PRO F 94 28.85 10.78 -8.19
CA PRO F 94 27.43 10.79 -7.87
C PRO F 94 26.96 12.19 -7.43
N VAL F 95 25.76 12.52 -7.89
CA VAL F 95 25.14 13.80 -7.63
C VAL F 95 23.84 13.50 -6.90
N ILE F 96 23.69 14.14 -5.74
CA ILE F 96 22.54 13.96 -4.88
C ILE F 96 21.80 15.27 -4.79
N ALA F 97 20.49 15.22 -5.04
CA ALA F 97 19.61 16.34 -4.76
C ALA F 97 18.97 16.16 -3.39
N GLY F 98 19.16 17.17 -2.55
CA GLY F 98 18.48 17.30 -1.26
C GLY F 98 17.34 18.23 -1.55
N VAL F 99 16.13 17.67 -1.65
CA VAL F 99 14.94 18.46 -2.05
C VAL F 99 14.04 18.73 -0.85
N HIS F 100 13.81 20.01 -0.56
CA HIS F 100 12.83 20.38 0.47
C HIS F 100 11.91 21.36 -0.26
N GLY F 101 10.65 21.47 0.14
CA GLY F 101 9.75 22.39 -0.54
C GLY F 101 9.52 22.10 -2.02
N ALA F 102 9.17 23.14 -2.79
CA ALA F 102 8.82 23.01 -4.21
C ALA F 102 9.98 22.68 -5.17
N ALA F 103 9.78 21.63 -5.94
CA ALA F 103 10.66 21.36 -7.11
C ALA F 103 9.73 21.33 -8.31
N VAL F 104 9.68 22.46 -9.01
CA VAL F 104 8.62 22.74 -9.96
C VAL F 104 9.26 23.09 -11.32
N GLY F 105 8.68 22.52 -12.36
CA GLY F 105 9.12 22.80 -13.72
C GLY F 105 10.53 22.30 -13.84
N PHE F 106 11.45 23.19 -14.21
CA PHE F 106 12.85 22.77 -14.39
C PHE F 106 13.44 22.32 -13.04
N GLY F 107 12.93 22.87 -11.95
CA GLY F 107 13.32 22.40 -10.61
C GLY F 107 13.05 20.92 -10.39
N CYS F 108 12.02 20.36 -11.04
CA CYS F 108 11.74 18.92 -11.03
C CYS F 108 12.73 18.15 -11.94
N SER F 109 12.89 18.61 -13.18
CA SER F 109 13.88 18.03 -14.08
C SER F 109 15.27 17.99 -13.44
N LEU F 110 15.63 19.10 -12.79
CA LEU F 110 16.93 19.26 -12.17
C LEU F 110 17.14 18.21 -11.10
N ALA F 111 16.14 18.04 -10.22
CA ALA F 111 16.22 17.02 -9.17
C ALA F 111 16.31 15.65 -9.84
N LEU F 112 15.45 15.40 -10.82
CA LEU F 112 15.32 14.08 -11.43
C LEU F 112 16.53 13.67 -12.30
N ALA F 113 17.32 14.64 -12.73
CA ALA F 113 18.63 14.38 -13.36
C ALA F 113 19.64 13.69 -12.40
N CYS F 114 19.51 13.95 -11.10
CA CYS F 114 20.55 13.52 -10.12
C CYS F 114 20.52 12.01 -9.94
N ASP F 115 21.57 11.44 -9.37
CA ASP F 115 21.63 9.97 -9.19
C ASP F 115 20.79 9.46 -8.01
N LEU F 116 20.69 10.26 -6.94
CA LEU F 116 19.87 9.94 -5.78
C LEU F 116 19.16 11.27 -5.43
N VAL F 117 17.95 11.20 -4.89
CA VAL F 117 17.22 12.37 -4.46
C VAL F 117 16.69 12.00 -3.09
N VAL F 118 16.97 12.82 -2.08
CA VAL F 118 16.46 12.63 -0.72
C VAL F 118 15.39 13.71 -0.54
N ALA F 119 14.13 13.30 -0.38
CA ALA F 119 13.04 14.30 -0.36
C ALA F 119 12.55 14.51 1.05
N ALA F 120 12.38 15.79 1.43
CA ALA F 120 11.83 16.19 2.74
C ALA F 120 10.33 15.87 2.76
N PRO F 121 9.75 15.64 3.94
CA PRO F 121 8.36 15.18 3.95
C PRO F 121 7.36 16.13 3.26
N ALA F 122 7.60 17.45 3.37
CA ALA F 122 6.69 18.45 2.70
C ALA F 122 7.10 18.84 1.29
N SER F 123 8.12 18.19 0.75
CA SER F 123 8.57 18.61 -0.56
C SER F 123 7.60 18.03 -1.60
N TYR F 124 7.73 18.50 -2.83
CA TYR F 124 6.87 17.96 -3.88
C TYR F 124 7.43 18.27 -5.26
N PHE F 125 6.91 17.58 -6.26
CA PHE F 125 7.42 17.61 -7.62
C PHE F 125 6.25 17.91 -8.54
N GLN F 126 6.42 18.91 -9.39
CA GLN F 126 5.31 19.36 -10.21
C GLN F 126 5.81 19.82 -11.56
N LEU F 127 5.13 19.39 -12.60
CA LEU F 127 5.32 19.89 -13.94
C LEU F 127 4.26 20.97 -14.20
N ALA F 128 4.53 22.19 -13.77
CA ALA F 128 3.54 23.27 -13.81
C ALA F 128 3.52 23.98 -15.16
N PHE F 129 4.25 23.45 -16.15
CA PHE F 129 4.46 24.12 -17.44
C PHE F 129 3.16 24.51 -18.11
N THR F 130 2.26 23.54 -18.23
CA THR F 130 1.08 23.76 -19.05
C THR F 130 0.14 24.72 -18.38
N ARG F 131 0.33 24.94 -17.08
CA ARG F 131 -0.49 25.94 -16.40
C ARG F 131 -0.17 27.35 -16.96
N VAL F 132 1.00 27.53 -17.56
CA VAL F 132 1.27 28.78 -18.28
C VAL F 132 1.37 28.58 -19.82
N GLY F 133 0.74 27.51 -20.32
CA GLY F 133 0.76 27.16 -21.75
C GLY F 133 2.13 26.74 -22.32
N LEU F 134 3.06 26.32 -21.46
CA LEU F 134 4.37 25.84 -21.91
C LEU F 134 4.48 24.30 -21.79
N MET F 135 5.61 23.73 -22.20
CA MET F 135 5.74 22.27 -22.12
C MET F 135 6.89 21.92 -21.18
N PRO F 136 7.02 20.65 -20.76
CA PRO F 136 8.18 20.33 -19.90
C PRO F 136 9.54 20.60 -20.56
N ASP F 137 10.59 20.81 -19.76
CA ASP F 137 11.90 21.18 -20.31
C ASP F 137 13.00 20.45 -19.55
N GLY F 138 14.26 20.75 -19.89
CA GLY F 138 15.42 20.15 -19.25
C GLY F 138 15.65 18.67 -19.61
N GLY F 139 14.76 18.07 -20.40
CA GLY F 139 14.85 16.64 -20.66
C GLY F 139 13.88 15.84 -19.80
N ALA F 140 12.98 16.52 -19.10
CA ALA F 140 11.98 15.89 -18.24
C ALA F 140 11.12 14.87 -19.00
N SER F 141 10.73 15.19 -20.23
CA SER F 141 9.96 14.24 -21.02
C SER F 141 10.69 12.92 -21.19
N ALA F 142 12.03 12.96 -21.17
CA ALA F 142 12.83 11.74 -21.29
C ALA F 142 13.13 11.12 -19.92
N LEU F 143 13.35 11.97 -18.92
CA LEU F 143 13.71 11.45 -17.58
C LEU F 143 12.56 10.71 -16.88
N LEU F 144 11.37 11.30 -16.94
CA LEU F 144 10.25 10.80 -16.15
C LEU F 144 9.74 9.44 -16.55
N PRO F 145 9.58 9.18 -17.86
CA PRO F 145 9.03 7.85 -18.17
C PRO F 145 9.92 6.67 -17.72
N LEU F 146 11.22 6.83 -17.68
CA LEU F 146 12.07 5.73 -17.17
C LEU F 146 12.19 5.76 -15.65
N LEU F 147 11.37 6.60 -15.02
CA LEU F 147 11.23 6.59 -13.56
C LEU F 147 9.86 6.03 -13.10
N ILE F 148 8.77 6.61 -13.64
CA ILE F 148 7.39 6.37 -13.15
C ILE F 148 6.50 5.80 -14.28
N GLY F 149 7.09 5.68 -15.48
CA GLY F 149 6.31 5.21 -16.60
C GLY F 149 5.58 6.31 -17.34
N ARG F 150 5.12 5.98 -18.54
CA ARG F 150 4.52 6.98 -19.44
C ARG F 150 3.14 7.58 -19.01
N ALA F 151 2.25 6.73 -18.49
CA ALA F 151 0.93 7.18 -18.07
C ALA F 151 1.06 8.20 -16.93
N ARG F 152 1.87 7.90 -15.93
CA ARG F 152 2.02 8.88 -14.85
C ARG F 152 2.72 10.15 -15.31
N THR F 153 3.63 10.02 -16.27
CA THR F 153 4.25 11.19 -16.85
C THR F 153 3.24 12.05 -17.63
N SER F 154 2.45 11.43 -18.52
CA SER F 154 1.40 12.17 -19.26
CA SER F 154 1.43 12.17 -19.25
C SER F 154 0.53 12.91 -18.26
N ARG F 155 0.05 12.22 -17.22
CA ARG F 155 -0.76 12.86 -16.20
C ARG F 155 -0.06 14.07 -15.57
N MET F 156 1.15 13.87 -15.02
CA MET F 156 1.91 14.97 -14.44
C MET F 156 2.00 16.16 -15.42
N ALA F 157 2.25 15.89 -16.70
CA ALA F 157 2.45 16.98 -17.64
C ALA F 157 1.14 17.66 -18.06
N MET F 158 0.10 16.86 -18.29
CA MET F 158 -1.16 17.42 -18.76
C MET F 158 -1.98 18.11 -17.68
N THR F 159 -1.85 17.65 -16.44
CA THR F 159 -2.70 18.23 -15.38
C THR F 159 -1.95 19.19 -14.52
N ALA F 160 -0.61 19.17 -14.58
CA ALA F 160 0.23 20.06 -13.77
C ALA F 160 -0.01 19.93 -12.26
N GLU F 161 -0.47 18.76 -11.84
CA GLU F 161 -0.71 18.45 -10.41
C GLU F 161 0.58 18.28 -9.60
N LYS F 162 0.49 18.57 -8.31
CA LYS F 162 1.61 18.46 -7.41
C LYS F 162 1.72 17.00 -7.01
N ILE F 163 2.93 16.44 -7.09
CA ILE F 163 3.13 15.07 -6.63
C ILE F 163 3.87 15.11 -5.29
N SER F 164 3.22 14.68 -4.20
CA SER F 164 3.89 14.76 -2.89
C SER F 164 5.19 13.91 -2.90
N ALA F 165 6.14 14.23 -2.00
CA ALA F 165 7.31 13.39 -1.84
C ALA F 165 6.96 11.88 -1.60
N ALA F 166 6.00 11.61 -0.75
CA ALA F 166 5.62 10.20 -0.46
C ALA F 166 5.13 9.49 -1.71
N THR F 167 4.25 10.14 -2.47
CA THR F 167 3.79 9.60 -3.75
C THR F 167 4.93 9.43 -4.74
N ALA F 168 5.82 10.44 -4.85
CA ALA F 168 6.98 10.29 -5.77
C ALA F 168 7.81 9.07 -5.39
N PHE F 169 8.03 8.91 -4.10
CA PHE F 169 8.77 7.77 -3.60
C PHE F 169 8.08 6.46 -3.97
N GLU F 170 6.78 6.39 -3.69
CA GLU F 170 6.01 5.18 -3.92
C GLU F 170 5.97 4.84 -5.43
N TRP F 171 6.02 5.87 -6.27
CA TRP F 171 6.08 5.70 -7.70
C TRP F 171 7.46 5.29 -8.22
N GLY F 172 8.53 5.31 -7.41
CA GLY F 172 9.90 5.11 -7.96
C GLY F 172 10.47 6.32 -8.70
N MET F 173 9.83 7.48 -8.54
CA MET F 173 10.33 8.75 -9.10
C MET F 173 11.66 9.19 -8.48
N ILE F 174 11.81 8.92 -7.18
CA ILE F 174 12.96 9.38 -6.40
C ILE F 174 13.48 8.27 -5.49
N SER F 175 14.77 8.32 -5.17
CA SER F 175 15.40 7.17 -4.52
C SER F 175 15.11 7.15 -3.01
N HIS F 176 14.94 8.32 -2.40
CA HIS F 176 14.91 8.39 -0.92
C HIS F 176 13.80 9.27 -0.40
N ILE F 177 13.08 8.78 0.60
CA ILE F 177 12.03 9.56 1.27
C ILE F 177 12.50 9.75 2.72
N THR F 178 12.13 10.90 3.32
CA THR F 178 12.31 11.08 4.74
C THR F 178 10.98 11.46 5.41
N SER F 179 10.90 11.28 6.73
CA SER F 179 9.72 11.77 7.46
C SER F 179 10.01 12.39 8.82
N ALA F 180 8.96 12.86 9.50
CA ALA F 180 9.11 13.47 10.82
C ALA F 180 10.12 14.60 10.66
N ASP F 181 11.06 14.75 11.60
CA ASP F 181 12.08 15.82 11.56
C ASP F 181 13.44 15.34 11.06
N GLU F 182 13.43 14.20 10.37
CA GLU F 182 14.63 13.51 9.97
C GLU F 182 15.25 13.87 8.62
N TYR F 183 14.67 14.80 7.86
CA TYR F 183 15.23 15.13 6.54
C TYR F 183 16.73 15.43 6.60
N GLU F 184 17.14 16.37 7.46
CA GLU F 184 18.54 16.85 7.45
C GLU F 184 19.47 15.72 7.86
N SER F 185 19.07 14.96 8.87
CA SER F 185 20.00 13.96 9.33
C SER F 185 20.12 12.75 8.38
N VAL F 186 19.03 12.36 7.70
CA VAL F 186 19.13 11.31 6.63
C VAL F 186 19.96 11.83 5.47
N LEU F 187 19.68 13.02 5.05
CA LEU F 187 20.47 13.64 3.98
C LEU F 187 21.98 13.63 4.30
N THR F 188 22.31 14.06 5.50
CA THR F 188 23.69 14.02 5.98
C THR F 188 24.24 12.59 5.92
N ASP F 189 23.49 11.62 6.44
CA ASP F 189 23.92 10.21 6.43
C ASP F 189 24.16 9.67 5.01
N VAL F 190 23.26 10.03 4.08
CA VAL F 190 23.40 9.58 2.68
C VAL F 190 24.66 10.15 2.03
N LEU F 191 24.89 11.44 2.24
CA LEU F 191 26.05 12.13 1.73
C LEU F 191 27.38 11.61 2.27
N ARG F 192 27.42 11.35 3.57
CA ARG F 192 28.61 10.75 4.23
C ARG F 192 28.90 9.37 3.66
N SER F 193 27.88 8.53 3.58
CA SER F 193 28.04 7.21 3.04
C SER F 193 28.52 7.27 1.56
N VAL F 194 27.86 8.05 0.72
CA VAL F 194 28.20 8.09 -0.68
C VAL F 194 29.60 8.73 -0.93
N SER F 195 29.88 9.85 -0.25
CA SER F 195 31.15 10.55 -0.42
C SER F 195 32.33 9.77 0.16
N GLY F 196 32.05 8.83 1.05
CA GLY F 196 33.08 7.91 1.55
C GLY F 196 33.10 6.59 0.81
N GLY F 197 32.29 6.45 -0.26
CA GLY F 197 32.18 5.22 -1.03
C GLY F 197 33.20 5.06 -2.16
N PRO F 198 33.09 3.96 -2.94
CA PRO F 198 33.98 3.70 -4.07
C PRO F 198 33.58 4.55 -5.27
N THR F 199 33.99 5.80 -5.22
CA THR F 199 33.68 6.79 -6.25
C THR F 199 33.87 6.30 -7.68
N LEU F 200 34.98 5.62 -7.94
CA LEU F 200 35.26 5.21 -9.33
C LEU F 200 34.28 4.13 -9.79
N ALA F 201 33.95 3.23 -8.89
CA ALA F 201 32.94 2.22 -9.12
C ALA F 201 31.59 2.90 -9.37
N PHE F 202 31.28 3.92 -8.59
CA PHE F 202 30.05 4.72 -8.82
C PHE F 202 30.08 5.38 -10.18
N GLY F 203 31.22 5.99 -10.54
CA GLY F 203 31.35 6.58 -11.87
C GLY F 203 31.00 5.59 -12.98
N TRP F 204 31.57 4.41 -12.92
CA TRP F 204 31.34 3.40 -13.93
C TRP F 204 29.86 2.94 -13.90
N THR F 205 29.33 2.71 -12.71
CA THR F 205 27.92 2.35 -12.49
C THR F 205 27.01 3.35 -13.21
N LYS F 206 27.25 4.65 -12.94
CA LYS F 206 26.54 5.76 -13.62
C LYS F 206 26.62 5.66 -15.12
N ARG F 207 27.80 5.33 -15.62
CA ARG F 207 28.01 5.33 -17.06
C ARG F 207 27.16 4.27 -17.75
N ALA F 208 27.12 3.07 -17.18
CA ALA F 208 26.33 1.97 -17.71
C ALA F 208 24.82 2.25 -17.64
N LEU F 209 24.40 2.82 -16.51
CA LEU F 209 23.03 3.16 -16.25
C LEU F 209 22.56 4.22 -17.25
N ALA F 210 23.40 5.24 -17.45
CA ALA F 210 23.10 6.30 -18.42
C ALA F 210 22.93 5.75 -19.83
N ALA F 211 23.82 4.85 -20.24
CA ALA F 211 23.67 4.14 -21.52
C ALA F 211 22.38 3.29 -21.62
N ALA F 212 21.97 2.69 -20.50
CA ALA F 212 20.67 1.98 -20.43
C ALA F 212 19.41 2.85 -20.54
N THR F 213 19.49 4.12 -20.09
CA THR F 213 18.25 4.87 -19.85
C THR F 213 18.17 6.22 -20.54
N LEU F 214 19.30 6.75 -21.04
CA LEU F 214 19.35 8.15 -21.52
C LEU F 214 19.57 8.25 -23.00
N ALA F 215 19.41 7.14 -23.71
CA ALA F 215 19.69 7.16 -25.15
C ALA F 215 18.82 8.22 -25.80
N GLU F 216 17.58 8.43 -25.32
CA GLU F 216 16.71 9.46 -25.90
C GLU F 216 16.81 10.88 -25.29
N LEU F 217 17.73 11.10 -24.35
CA LEU F 217 17.73 12.35 -23.62
C LEU F 217 18.03 13.55 -24.54
N GLU F 218 18.99 13.43 -25.46
CA GLU F 218 19.34 14.59 -26.31
C GLU F 218 18.35 14.86 -27.39
N PRO F 219 17.90 13.80 -28.11
CA PRO F 219 16.85 14.09 -29.09
C PRO F 219 15.60 14.63 -28.43
N VAL F 220 15.27 14.15 -27.24
CA VAL F 220 14.06 14.65 -26.57
C VAL F 220 14.27 16.10 -26.14
N GLN F 221 15.43 16.38 -25.57
CA GLN F 221 15.78 17.76 -25.26
C GLN F 221 15.67 18.69 -26.47
N ALA F 222 16.00 18.19 -27.66
CA ALA F 222 15.94 19.08 -28.82
C ALA F 222 14.49 19.32 -29.21
N ILE F 223 13.63 18.32 -28.98
CA ILE F 223 12.21 18.50 -29.26
C ILE F 223 11.61 19.52 -28.25
N GLU F 224 12.00 19.41 -26.97
CA GLU F 224 11.48 20.34 -25.95
C GLU F 224 11.94 21.77 -26.24
N ALA F 225 13.20 21.90 -26.60
CA ALA F 225 13.72 23.22 -26.92
C ALA F 225 12.92 23.88 -28.07
N GLU F 226 12.71 23.13 -29.15
CA GLU F 226 11.92 23.57 -30.32
C GLU F 226 10.48 23.92 -29.91
N GLY F 227 9.85 23.04 -29.12
CA GLY F 227 8.52 23.30 -28.63
C GLY F 227 8.40 24.57 -27.80
N GLN F 228 9.31 24.79 -26.86
CA GLN F 228 9.24 25.99 -26.02
C GLN F 228 9.42 27.23 -26.92
N LEU F 229 10.27 27.11 -27.94
CA LEU F 229 10.51 28.21 -28.89
C LEU F 229 9.22 28.61 -29.62
N ALA F 230 8.43 27.61 -30.04
CA ALA F 230 7.11 27.84 -30.60
C ALA F 230 6.10 28.28 -29.54
N LEU F 231 6.06 27.62 -28.38
CA LEU F 231 4.98 27.88 -27.39
C LEU F 231 4.97 29.32 -26.86
N VAL F 232 6.14 29.96 -26.80
CA VAL F 232 6.19 31.34 -26.30
C VAL F 232 5.67 32.39 -27.30
N GLU F 233 5.47 31.99 -28.54
CA GLU F 233 4.81 32.84 -29.52
C GLU F 233 3.28 32.72 -29.44
N THR F 234 2.75 31.82 -28.60
CA THR F 234 1.32 31.51 -28.63
C THR F 234 0.48 32.45 -27.74
N ALA F 235 -0.80 32.63 -28.13
CA ALA F 235 -1.76 33.37 -27.28
C ALA F 235 -1.87 32.72 -25.92
N ASP F 236 -1.80 31.39 -25.91
CA ASP F 236 -2.05 30.65 -24.68
C ASP F 236 -0.92 30.86 -23.67
N PHE F 237 0.32 30.96 -24.14
CA PHE F 237 1.40 31.35 -23.24
C PHE F 237 1.15 32.76 -22.68
N ARG F 238 0.70 33.67 -23.55
CA ARG F 238 0.48 35.03 -23.08
C ARG F 238 -0.65 35.07 -22.05
N GLU F 239 -1.75 34.39 -22.33
CA GLU F 239 -2.80 34.27 -21.35
C GLU F 239 -2.29 33.56 -20.06
N GLY F 240 -1.59 32.43 -20.21
CA GLY F 240 -1.04 31.68 -19.07
C GLY F 240 -0.11 32.51 -18.18
N ALA F 241 0.83 33.23 -18.79
CA ALA F 241 1.72 34.12 -18.03
C ALA F 241 0.95 35.23 -17.31
N ARG F 242 0.11 35.95 -18.05
CA ARG F 242 -0.71 37.00 -17.45
C ARG F 242 -1.55 36.42 -16.27
N ALA F 243 -2.22 35.30 -16.50
CA ALA F 243 -3.09 34.73 -15.46
C ALA F 243 -2.34 34.21 -14.23
N PHE F 244 -1.11 33.72 -14.42
CA PHE F 244 -0.23 33.33 -13.31
C PHE F 244 0.18 34.54 -12.44
N ARG F 245 0.77 35.56 -13.07
CA ARG F 245 1.02 36.87 -12.48
C ARG F 245 -0.18 37.42 -11.70
N GLU F 246 -1.39 37.30 -12.27
CA GLU F 246 -2.64 37.82 -11.71
C GLU F 246 -3.34 36.93 -10.71
N ARG F 247 -2.81 35.74 -10.45
CA ARG F 247 -3.39 34.83 -9.48
C ARG F 247 -4.85 34.47 -9.84
N ARG F 248 -5.10 34.21 -11.11
CA ARG F 248 -6.43 33.78 -11.53
C ARG F 248 -6.42 32.81 -12.71
N THR F 249 -7.62 32.38 -13.11
CA THR F 249 -7.81 31.33 -14.11
C THR F 249 -7.55 31.81 -15.55
N PRO F 250 -6.56 31.19 -16.21
CA PRO F 250 -6.31 31.45 -17.62
C PRO F 250 -7.48 30.93 -18.43
N ASN F 251 -7.81 31.65 -19.50
CA ASN F 251 -8.72 31.15 -20.52
C ASN F 251 -7.92 30.71 -21.74
N PHE F 252 -7.66 29.41 -21.85
CA PHE F 252 -6.83 28.94 -22.98
C PHE F 252 -7.71 28.70 -24.20
N ARG F 253 -7.18 28.94 -25.39
CA ARG F 253 -7.90 28.75 -26.64
C ARG F 253 -7.32 27.60 -27.48
N GLY F 254 -6.13 27.13 -27.16
CA GLY F 254 -5.43 26.22 -28.08
C GLY F 254 -4.84 26.92 -29.30
N HIS F 255 -4.54 28.21 -29.15
CA HIS F 255 -3.93 29.05 -30.20
C HIS F 255 -2.78 29.78 -29.49
#